data_4NRK
#
_entry.id   4NRK
#
_cell.length_a   83.610
_cell.length_b   128.300
_cell.length_c   211.810
_cell.angle_alpha   90.00
_cell.angle_beta   90.00
_cell.angle_gamma   90.00
#
_symmetry.space_group_name_H-M   'P 21 2 21'
#
loop_
_entity.id
_entity.type
_entity.pdbx_description
1 polymer 'Hemagglutinin HA1 chain'
2 polymer 'Hemagglutinin HA2 chain'
3 branched 2-acetamido-2-deoxy-beta-D-glucopyranose-(1-4)-2-acetamido-2-deoxy-beta-D-glucopyranose
4 branched 'N-acetyl-alpha-neuraminic acid-(2-6)-beta-D-galactopyranose-(1-4)-2-acetamido-2-deoxy-beta-D-glucopyranose'
5 branched beta-D-mannopyranose-(1-4)-2-acetamido-2-deoxy-beta-D-glucopyranose-(1-4)-2-acetamido-2-deoxy-beta-D-glucopyranose
6 non-polymer 2-acetamido-2-deoxy-beta-D-glucopyranose
7 water water
#
loop_
_entity_poly.entity_id
_entity_poly.type
_entity_poly.pdbx_seq_one_letter_code
_entity_poly.pdbx_strand_id
1 'polypeptide(L)'
;DRICTGITSSNSPHVVKTATQGEVNVTGVIPLTTTPTRSHFANLKGTQTRGKLCPNCFNCTDLDVALGRPKCMGNIPSAK
VSILHEVKPVTSGCYPIMHDRTKIRQLPNLLRGYENIRLSTSNVINTETAPGGPYKVGTSGSCPNVTNGNGFFNTMAWVI
PKDNNKIAINPVTVEVPYICSEGEDQITVWGFHSDDKTQMERLYGDSNPQKFTSSANGVTTHYVSQIGGFPNQTEDEGLK
QSGRIVVDYMVQKPGKTGTIVYQRGILLPQKVWCASGRSKVIKGSLPLIGEADCLHEKYGGLNKSKPYYTGEHAKAIGNC
PIWVKTPLKLANGTKYRPPAKLLKER
;
A,C,E
2 'polypeptide(L)'
;GFFGAIAGFLEGGWEGMIAGWHGYTSHGAHGVAVAADLKSTQEAINKITKNLNSLSELEVKNLQRLSGAMNELHDEILEL
DEKVDDLRADTISSQIELAVLLSNEGIINSEDEHLLALERKLKKMLGPSAVEIGNGCFETKHKCNQTCLDRIAAGTFNAG
DFSLPTFDSLNITAASGALVPR
;
B,D,F
#
# COMPACT_ATOMS: atom_id res chain seq x y z
N ASP A 1 -63.37 14.58 7.52
CA ASP A 1 -62.46 14.45 6.39
C ASP A 1 -61.29 13.54 6.74
N ARG A 2 -60.52 13.14 5.73
CA ARG A 2 -59.36 12.29 5.96
C ARG A 2 -58.04 12.98 5.62
N ILE A 3 -57.25 13.25 6.65
CA ILE A 3 -55.94 13.89 6.49
C ILE A 3 -54.82 12.86 6.58
N CYS A 4 -53.93 12.86 5.59
CA CYS A 4 -52.85 11.87 5.52
C CYS A 4 -51.48 12.51 5.39
N THR A 5 -50.44 11.71 5.66
CA THR A 5 -49.06 12.12 5.43
C THR A 5 -48.63 11.66 4.04
N GLY A 6 -48.01 12.56 3.27
CA GLY A 6 -47.61 12.23 1.92
C GLY A 6 -46.26 12.76 1.49
N ILE A 7 -45.73 12.18 0.41
CA ILE A 7 -44.44 12.60 -0.14
C ILE A 7 -44.65 13.10 -1.57
N THR A 8 -43.89 14.12 -1.96
CA THR A 8 -44.02 14.74 -3.27
C THR A 8 -43.75 13.78 -4.43
N SER A 9 -43.99 14.26 -5.65
CA SER A 9 -43.70 13.51 -6.86
C SER A 9 -43.26 14.46 -7.99
N SER A 10 -41.99 14.39 -8.35
CA SER A 10 -41.45 15.24 -9.40
C SER A 10 -40.60 14.43 -10.38
N ASN A 11 -40.08 15.10 -11.40
CA ASN A 11 -39.16 14.46 -12.33
C ASN A 11 -37.92 13.95 -11.61
N SER A 12 -37.59 12.69 -11.81
CA SER A 12 -36.49 12.05 -11.09
C SER A 12 -35.49 11.39 -12.03
N PRO A 13 -34.67 12.21 -12.72
CA PRO A 13 -33.72 11.70 -13.71
C PRO A 13 -32.42 11.20 -13.10
N HIS A 14 -32.15 11.59 -11.85
CA HIS A 14 -30.89 11.23 -11.20
C HIS A 14 -30.99 9.86 -10.54
N VAL A 15 -29.89 9.11 -10.55
CA VAL A 15 -29.89 7.76 -10.00
C VAL A 15 -28.75 7.58 -8.98
N VAL A 16 -29.08 6.99 -7.84
CA VAL A 16 -28.08 6.63 -6.84
C VAL A 16 -28.20 5.16 -6.44
N LYS A 17 -27.10 4.59 -5.94
CA LYS A 17 -27.13 3.21 -5.47
C LYS A 17 -27.39 3.16 -3.97
N THR A 18 -28.20 2.19 -3.55
CA THR A 18 -28.44 1.96 -2.13
C THR A 18 -28.08 0.53 -1.76
N ALA A 19 -27.99 0.25 -0.48
CA ALA A 19 -27.67 -1.09 -0.01
C ALA A 19 -28.86 -2.05 -0.13
N THR A 20 -30.04 -1.57 0.23
CA THR A 20 -31.20 -2.45 0.36
C THR A 20 -32.30 -2.23 -0.69
N GLN A 21 -32.11 -1.28 -1.58
CA GLN A 21 -33.11 -0.99 -2.60
C GLN A 21 -32.53 -0.89 -4.01
N GLY A 22 -31.27 -1.28 -4.16
CA GLY A 22 -30.61 -1.21 -5.45
C GLY A 22 -30.50 0.23 -5.94
N GLU A 23 -30.46 0.41 -7.25
CA GLU A 23 -30.45 1.76 -7.82
C GLU A 23 -31.85 2.37 -7.80
N VAL A 24 -31.95 3.61 -7.33
CA VAL A 24 -33.23 4.30 -7.28
C VAL A 24 -33.12 5.70 -7.89
N ASN A 25 -34.16 6.13 -8.59
CA ASN A 25 -34.20 7.48 -9.12
C ASN A 25 -34.44 8.52 -8.02
N VAL A 26 -33.94 9.73 -8.20
CA VAL A 26 -34.19 10.75 -7.19
C VAL A 26 -34.52 12.13 -7.75
N THR A 27 -35.20 12.94 -6.94
CA THR A 27 -35.66 14.25 -7.35
C THR A 27 -34.52 15.26 -7.36
N GLY A 28 -33.51 14.99 -6.53
CA GLY A 28 -32.37 15.90 -6.43
C GLY A 28 -31.14 15.21 -5.90
N VAL A 29 -29.98 15.63 -6.41
CA VAL A 29 -28.70 15.13 -5.93
C VAL A 29 -27.69 16.26 -5.72
N ILE A 30 -26.74 16.03 -4.82
CA ILE A 30 -25.56 16.88 -4.72
C ILE A 30 -24.38 16.15 -5.36
N PRO A 31 -23.85 16.72 -6.45
CA PRO A 31 -22.70 16.11 -7.15
C PRO A 31 -21.45 16.09 -6.28
N LEU A 32 -20.77 14.94 -6.24
CA LEU A 32 -19.56 14.80 -5.42
C LEU A 32 -18.28 14.80 -6.25
N THR A 33 -18.40 14.64 -7.57
CA THR A 33 -17.23 14.54 -8.43
C THR A 33 -17.27 15.48 -9.62
N THR A 34 -16.10 15.71 -10.21
CA THR A 34 -15.97 16.34 -11.52
C THR A 34 -14.85 15.67 -12.31
N THR A 35 -14.89 15.78 -13.62
CA THR A 35 -13.74 15.42 -14.43
C THR A 35 -12.99 16.70 -14.76
N PRO A 36 -11.82 16.90 -14.13
CA PRO A 36 -11.04 18.12 -14.30
C PRO A 36 -10.58 18.31 -15.73
N THR A 37 -10.21 19.54 -16.08
CA THR A 37 -9.68 19.82 -17.41
C THR A 37 -8.20 20.14 -17.29
N ARG A 38 -7.44 19.79 -18.33
CA ARG A 38 -6.01 20.01 -18.33
C ARG A 38 -5.69 21.51 -18.37
N SER A 39 -4.79 21.92 -17.48
CA SER A 39 -4.36 23.31 -17.45
C SER A 39 -2.84 23.42 -17.36
N HIS A 40 -2.35 24.63 -17.55
CA HIS A 40 -0.97 24.97 -17.25
C HIS A 40 -0.67 24.65 -15.78
N PHE A 41 0.57 24.25 -15.50
CA PHE A 41 0.96 24.03 -14.12
C PHE A 41 1.15 25.38 -13.44
N ALA A 42 1.27 25.37 -12.12
CA ALA A 42 1.31 26.62 -11.36
C ALA A 42 1.98 26.45 -10.01
N ASN A 43 2.12 27.56 -9.29
CA ASN A 43 2.59 27.53 -7.91
C ASN A 43 1.54 26.92 -7.00
N LEU A 44 1.98 26.05 -6.10
CA LEU A 44 1.07 25.50 -5.10
C LEU A 44 0.73 26.59 -4.11
N LYS A 45 -0.57 26.85 -3.93
CA LYS A 45 -1.01 27.89 -3.02
C LYS A 45 -0.48 27.67 -1.61
N GLY A 46 0.17 28.69 -1.06
CA GLY A 46 0.70 28.63 0.29
C GLY A 46 2.03 27.89 0.39
N THR A 47 2.69 27.71 -0.75
CA THR A 47 3.96 26.99 -0.80
C THR A 47 4.80 27.37 -2.00
N GLN A 48 6.02 27.86 -1.75
CA GLN A 48 6.95 28.19 -2.81
C GLN A 48 7.25 26.95 -3.65
N THR A 49 7.09 27.07 -4.96
CA THR A 49 7.16 25.91 -5.84
C THR A 49 8.37 25.98 -6.76
N ARG A 50 9.24 24.99 -6.65
CA ARG A 50 10.47 24.95 -7.43
C ARG A 50 10.23 24.45 -8.84
N GLY A 51 10.75 25.20 -9.81
CA GLY A 51 10.76 24.77 -11.20
C GLY A 51 12.20 24.54 -11.60
N LYS A 52 12.80 25.57 -12.19
CA LYS A 52 14.24 25.58 -12.42
C LYS A 52 14.95 25.59 -11.08
N LEU A 53 16.08 24.88 -10.98
CA LEU A 53 16.87 24.87 -9.75
C LEU A 53 17.33 26.28 -9.39
N CYS A 54 17.89 26.97 -10.38
CA CYS A 54 18.39 28.32 -10.19
C CYS A 54 17.66 29.33 -11.09
N PRO A 55 16.66 30.02 -10.53
CA PRO A 55 15.83 30.98 -11.27
C PRO A 55 16.64 32.12 -11.88
N ASN A 56 17.66 32.61 -11.16
CA ASN A 56 18.45 33.74 -11.64
C ASN A 56 19.57 33.34 -12.59
N CYS A 57 19.74 32.04 -12.80
CA CYS A 57 20.72 31.54 -13.75
C CYS A 57 20.12 31.46 -15.16
N PHE A 58 20.24 32.56 -15.91
CA PHE A 58 19.63 32.64 -17.23
C PHE A 58 20.45 31.88 -18.27
N ASN A 59 19.75 31.30 -19.25
CA ASN A 59 20.36 30.45 -20.27
C ASN A 59 21.09 29.25 -19.67
N CYS A 60 20.66 28.84 -18.49
CA CYS A 60 21.23 27.68 -17.82
C CYS A 60 20.18 26.60 -17.59
N THR A 61 20.50 25.37 -17.95
CA THR A 61 19.64 24.24 -17.63
C THR A 61 19.91 23.80 -16.21
N ASP A 62 19.02 23.00 -15.64
CA ASP A 62 19.22 22.47 -14.29
C ASP A 62 20.48 21.61 -14.24
N LEU A 63 20.71 20.84 -15.30
CA LEU A 63 21.90 20.00 -15.38
C LEU A 63 23.16 20.86 -15.49
N ASP A 64 23.08 21.95 -16.24
CA ASP A 64 24.16 22.93 -16.29
C ASP A 64 24.51 23.39 -14.89
N VAL A 65 23.49 23.78 -14.14
CA VAL A 65 23.65 24.28 -12.77
C VAL A 65 24.20 23.20 -11.84
N ALA A 66 23.71 21.97 -12.01
CA ALA A 66 24.09 20.87 -11.14
C ALA A 66 25.56 20.49 -11.33
N LEU A 67 26.05 20.67 -12.55
CA LEU A 67 27.44 20.36 -12.87
C LEU A 67 28.36 21.54 -12.57
N GLY A 68 27.78 22.69 -12.25
CA GLY A 68 28.56 23.86 -11.93
C GLY A 68 29.19 24.53 -13.13
N ARG A 69 28.50 24.46 -14.26
CA ARG A 69 28.92 25.17 -15.47
C ARG A 69 29.12 26.65 -15.18
N PRO A 70 30.24 27.22 -15.64
CA PRO A 70 30.52 28.65 -15.47
C PRO A 70 29.37 29.52 -15.98
N LYS A 71 29.11 30.63 -15.31
CA LYS A 71 27.99 31.55 -15.56
C LYS A 71 26.68 30.99 -15.00
N CYS A 72 26.71 29.74 -14.55
CA CYS A 72 25.51 29.08 -14.06
C CYS A 72 25.63 28.77 -12.57
N MET A 73 26.15 29.73 -11.81
CA MET A 73 26.16 29.59 -10.37
C MET A 73 25.27 30.67 -9.75
N GLY A 74 24.35 30.23 -8.89
CA GLY A 74 23.46 31.17 -8.24
C GLY A 74 22.78 30.57 -7.02
N ASN A 75 21.86 31.34 -6.45
CA ASN A 75 21.08 30.89 -5.31
C ASN A 75 20.08 29.81 -5.70
N ILE A 76 20.12 28.69 -4.99
CA ILE A 76 19.12 27.65 -5.16
C ILE A 76 18.12 27.74 -4.01
N PRO A 77 16.97 28.39 -4.28
CA PRO A 77 15.95 28.59 -3.23
C PRO A 77 15.44 27.27 -2.68
N SER A 78 15.20 27.22 -1.38
CA SER A 78 14.59 26.05 -0.77
C SER A 78 13.12 25.96 -1.17
N ALA A 79 12.63 24.73 -1.31
CA ALA A 79 11.24 24.52 -1.70
C ALA A 79 10.71 23.19 -1.18
N LYS A 80 9.53 23.22 -0.58
CA LYS A 80 8.89 22.01 -0.07
C LYS A 80 8.15 21.28 -1.19
N VAL A 81 8.09 21.91 -2.37
CA VAL A 81 7.41 21.34 -3.53
C VAL A 81 8.19 21.63 -4.81
N SER A 82 8.47 20.59 -5.58
CA SER A 82 9.26 20.75 -6.80
C SER A 82 8.62 20.07 -8.00
N ILE A 83 8.78 20.67 -9.17
CA ILE A 83 8.27 20.12 -10.42
C ILE A 83 9.36 19.48 -11.27
N LEU A 84 9.24 18.18 -11.54
CA LEU A 84 10.16 17.49 -12.43
C LEU A 84 9.75 17.72 -13.88
N HIS A 85 10.43 18.63 -14.56
CA HIS A 85 10.05 19.05 -15.90
C HIS A 85 10.96 18.49 -16.99
N GLU A 86 11.98 17.75 -16.57
CA GLU A 86 12.88 17.08 -17.50
C GLU A 86 13.07 15.62 -17.10
N VAL A 87 12.40 14.72 -17.82
CA VAL A 87 12.52 13.30 -17.55
C VAL A 87 13.97 12.84 -17.78
N LYS A 88 14.63 13.48 -18.74
CA LYS A 88 16.04 13.22 -19.02
C LYS A 88 16.78 14.53 -19.27
N PRO A 89 17.22 15.20 -18.19
CA PRO A 89 17.85 16.53 -18.23
C PRO A 89 19.04 16.61 -19.19
N VAL A 90 19.19 17.78 -19.81
CA VAL A 90 20.23 18.00 -20.80
C VAL A 90 21.09 19.20 -20.44
N THR A 91 22.31 19.23 -20.96
CA THR A 91 23.18 20.40 -20.82
C THR A 91 22.96 21.33 -22.01
N SER A 92 23.44 22.55 -21.90
CA SER A 92 23.33 23.51 -23.00
C SER A 92 24.62 24.30 -23.20
N GLY A 93 25.74 23.74 -22.72
CA GLY A 93 27.02 24.41 -22.83
C GLY A 93 28.21 23.62 -22.31
N CYS A 94 29.35 24.30 -22.27
CA CYS A 94 30.59 23.78 -21.70
C CYS A 94 31.13 22.55 -22.44
N TYR A 95 32.05 21.83 -21.82
CA TYR A 95 32.78 20.75 -22.47
C TYR A 95 31.87 19.55 -22.75
N PRO A 96 31.99 18.97 -23.96
CA PRO A 96 31.17 17.84 -24.41
C PRO A 96 31.22 16.63 -23.47
N ILE A 97 30.05 16.20 -23.02
CA ILE A 97 29.93 15.05 -22.14
C ILE A 97 29.29 13.88 -22.86
N MET A 98 29.76 12.67 -22.58
CA MET A 98 29.08 11.47 -23.04
C MET A 98 28.12 11.01 -21.94
N HIS A 99 26.96 11.66 -21.90
CA HIS A 99 26.02 11.56 -20.79
C HIS A 99 25.54 10.14 -20.48
N ASP A 100 25.12 9.41 -21.51
CA ASP A 100 24.44 8.14 -21.32
C ASP A 100 25.37 7.01 -20.88
N ARG A 101 26.64 7.31 -20.67
CA ARG A 101 27.58 6.31 -20.20
C ARG A 101 27.60 6.27 -18.68
N THR A 102 26.91 7.22 -18.07
CA THR A 102 26.69 7.22 -16.63
C THR A 102 25.26 7.62 -16.29
N LYS A 103 24.99 7.79 -15.01
CA LYS A 103 23.68 8.20 -14.52
C LYS A 103 23.56 9.70 -14.35
N ILE A 104 24.55 10.44 -14.85
CA ILE A 104 24.70 11.87 -14.55
C ILE A 104 23.48 12.74 -14.85
N ARG A 105 22.71 12.38 -15.88
CA ARG A 105 21.57 13.20 -16.28
C ARG A 105 20.58 13.42 -15.15
N GLN A 106 20.39 12.42 -14.32
CA GLN A 106 19.39 12.46 -13.26
C GLN A 106 19.82 13.30 -12.05
N LEU A 107 21.08 13.75 -12.05
CA LEU A 107 21.62 14.51 -10.92
C LEU A 107 20.75 15.71 -10.48
N PRO A 108 20.32 16.57 -11.42
CA PRO A 108 19.48 17.68 -10.93
C PRO A 108 18.10 17.20 -10.47
N ASN A 109 17.65 16.06 -10.99
CA ASN A 109 16.39 15.48 -10.53
C ASN A 109 16.56 14.86 -9.16
N LEU A 110 17.76 14.39 -8.88
CA LEU A 110 18.12 13.88 -7.56
C LEU A 110 18.14 15.02 -6.55
N LEU A 111 18.70 16.16 -6.97
CA LEU A 111 18.82 17.32 -6.10
C LEU A 111 17.48 17.93 -5.73
N ARG A 112 16.58 18.05 -6.71
CA ARG A 112 15.31 18.71 -6.49
C ARG A 112 14.41 17.93 -5.53
N GLY A 113 14.78 16.69 -5.24
CA GLY A 113 14.07 15.88 -4.28
C GLY A 113 14.29 16.35 -2.86
N TYR A 114 15.33 17.18 -2.68
CA TYR A 114 15.64 17.76 -1.39
C TYR A 114 14.97 19.12 -1.24
N GLU A 115 14.65 19.49 -0.01
CA GLU A 115 14.12 20.83 0.25
C GLU A 115 15.22 21.87 0.05
N ASN A 116 16.36 21.65 0.70
CA ASN A 116 17.46 22.60 0.67
C ASN A 116 18.61 22.13 -0.20
N ILE A 117 19.09 23.01 -1.07
CA ILE A 117 20.20 22.70 -1.96
C ILE A 117 21.23 23.82 -1.93
N ARG A 118 22.47 23.50 -1.55
CA ARG A 118 23.54 24.47 -1.61
C ARG A 118 24.83 23.83 -2.11
N LEU A 119 25.65 24.62 -2.80
CA LEU A 119 26.97 24.19 -3.22
C LEU A 119 27.98 24.59 -2.15
N SER A 120 28.90 23.67 -1.83
CA SER A 120 29.92 23.97 -0.83
C SER A 120 30.80 25.12 -1.29
N THR A 121 31.39 25.83 -0.33
CA THR A 121 32.24 26.98 -0.65
C THR A 121 33.71 26.61 -0.70
N SER A 122 34.07 25.55 0.01
CA SER A 122 35.44 25.03 -0.04
C SER A 122 35.49 23.76 -0.90
N ASN A 123 36.67 23.46 -1.44
CA ASN A 123 36.85 22.26 -2.23
C ASN A 123 36.99 21.03 -1.35
N VAL A 124 36.55 19.89 -1.84
CA VAL A 124 36.56 18.67 -1.05
C VAL A 124 37.90 17.95 -1.19
N ILE A 125 38.58 18.24 -2.30
CA ILE A 125 39.92 17.70 -2.53
C ILE A 125 40.87 18.82 -2.95
N ASN A 126 42.04 18.88 -2.35
CA ASN A 126 43.06 19.82 -2.76
C ASN A 126 43.89 19.22 -3.90
N THR A 127 43.78 19.81 -5.09
CA THR A 127 44.42 19.27 -6.28
C THR A 127 45.94 19.29 -6.20
N GLU A 128 46.48 20.13 -5.32
CA GLU A 128 47.92 20.29 -5.22
C GLU A 128 48.57 19.26 -4.30
N THR A 129 47.74 18.45 -3.65
CA THR A 129 48.24 17.36 -2.81
C THR A 129 47.57 16.05 -3.18
N ALA A 130 46.72 16.09 -4.20
CA ALA A 130 46.00 14.91 -4.65
C ALA A 130 46.95 13.88 -5.25
N PRO A 131 46.71 12.59 -4.95
CA PRO A 131 47.53 11.48 -5.45
C PRO A 131 47.70 11.48 -6.97
N GLY A 132 48.89 11.13 -7.44
CA GLY A 132 49.17 11.02 -8.85
C GLY A 132 50.07 12.12 -9.37
N GLY A 133 51.18 12.34 -8.68
CA GLY A 133 52.13 13.38 -9.05
C GLY A 133 51.56 14.78 -8.95
N PRO A 134 52.37 15.79 -9.28
CA PRO A 134 51.91 17.18 -9.25
C PRO A 134 51.01 17.52 -10.44
N TYR A 135 50.01 18.36 -10.21
CA TYR A 135 49.06 18.71 -11.26
C TYR A 135 49.04 20.20 -11.53
N LYS A 136 48.62 20.57 -12.74
CA LYS A 136 48.17 21.92 -13.01
C LYS A 136 46.69 21.86 -13.34
N VAL A 137 45.99 22.99 -13.22
CA VAL A 137 44.55 23.00 -13.40
C VAL A 137 44.15 23.44 -14.81
N GLY A 138 43.53 22.52 -15.55
CA GLY A 138 43.15 22.78 -16.92
C GLY A 138 41.80 23.48 -17.05
N THR A 139 41.65 24.21 -18.15
CA THR A 139 40.42 24.92 -18.45
C THR A 139 40.11 24.74 -19.93
N SER A 140 38.98 25.28 -20.38
CA SER A 140 38.60 25.14 -21.77
C SER A 140 37.89 26.37 -22.30
N GLY A 141 37.98 26.58 -23.61
CA GLY A 141 37.28 27.66 -24.27
C GLY A 141 35.80 27.35 -24.33
N SER A 142 35.48 26.07 -24.19
CA SER A 142 34.10 25.61 -24.13
C SER A 142 33.38 26.15 -22.90
N CYS A 143 34.13 26.52 -21.88
CA CYS A 143 33.52 26.94 -20.62
C CYS A 143 33.92 28.35 -20.17
N PRO A 144 33.53 29.38 -20.95
CA PRO A 144 33.90 30.75 -20.61
C PRO A 144 33.23 31.21 -19.31
N ASN A 145 33.99 31.80 -18.38
CA ASN A 145 33.39 32.18 -17.10
C ASN A 145 32.76 33.57 -17.19
N VAL A 146 32.45 34.15 -16.04
CA VAL A 146 31.72 35.42 -15.97
C VAL A 146 32.48 36.59 -16.61
N THR A 147 33.79 36.46 -16.75
CA THR A 147 34.58 37.45 -17.47
C THR A 147 35.10 36.87 -18.78
N ASN A 148 34.47 35.78 -19.21
CA ASN A 148 34.73 35.16 -20.51
C ASN A 148 36.14 34.61 -20.69
N GLY A 149 36.81 34.29 -19.59
CA GLY A 149 38.08 33.59 -19.68
C GLY A 149 37.82 32.10 -19.68
N ASN A 150 38.79 31.33 -20.15
CA ASN A 150 38.66 29.87 -20.20
C ASN A 150 38.47 29.27 -18.81
N GLY A 151 37.50 28.38 -18.66
CA GLY A 151 37.20 27.80 -17.36
C GLY A 151 36.75 26.36 -17.45
N PHE A 152 36.09 25.89 -16.39
CA PHE A 152 35.64 24.51 -16.32
C PHE A 152 34.53 24.37 -15.29
N PHE A 153 33.84 23.24 -15.30
CA PHE A 153 32.83 22.93 -14.28
C PHE A 153 33.38 23.16 -12.88
N ASN A 154 32.68 23.99 -12.11
CA ASN A 154 33.14 24.35 -10.77
C ASN A 154 32.99 23.22 -9.75
N THR A 155 32.28 22.16 -10.14
CA THR A 155 32.12 21.01 -9.28
C THR A 155 33.33 20.08 -9.40
N MET A 156 34.16 20.32 -10.41
CA MET A 156 35.29 19.44 -10.71
C MET A 156 36.57 20.20 -11.03
N ALA A 157 37.68 19.48 -11.08
CA ALA A 157 38.97 20.05 -11.47
C ALA A 157 39.65 19.18 -12.52
N TRP A 158 39.79 19.72 -13.72
CA TRP A 158 40.51 19.02 -14.79
C TRP A 158 42.01 19.08 -14.52
N VAL A 159 42.51 18.14 -13.72
CA VAL A 159 43.92 18.14 -13.34
C VAL A 159 44.78 17.58 -14.48
N ILE A 160 45.84 18.32 -14.81
CA ILE A 160 46.79 17.90 -15.83
C ILE A 160 48.16 17.74 -15.20
N PRO A 161 48.82 16.60 -15.48
CA PRO A 161 50.20 16.39 -15.02
C PRO A 161 51.15 17.45 -15.59
N LYS A 162 52.05 17.97 -14.76
CA LYS A 162 53.02 18.96 -15.21
C LYS A 162 53.91 18.41 -16.31
N ASP A 163 54.59 19.30 -17.03
CA ASP A 163 55.41 18.94 -18.18
C ASP A 163 56.49 17.91 -17.87
N ASN A 164 56.93 17.88 -16.61
CA ASN A 164 57.92 16.90 -16.17
C ASN A 164 57.27 15.69 -15.51
N ASN A 165 55.99 15.48 -15.79
CA ASN A 165 55.24 14.41 -15.13
C ASN A 165 54.31 13.68 -16.10
N LYS A 166 54.54 13.87 -17.40
CA LYS A 166 53.76 13.19 -18.41
C LYS A 166 54.07 11.69 -18.43
N ILE A 167 53.52 10.97 -17.45
CA ILE A 167 53.80 9.55 -17.31
C ILE A 167 52.57 8.79 -16.83
N ALA A 168 52.47 7.52 -17.22
CA ALA A 168 51.39 6.64 -16.77
C ALA A 168 51.49 6.36 -15.28
N ILE A 169 50.34 6.11 -14.65
CA ILE A 169 50.30 5.76 -13.24
C ILE A 169 49.44 4.52 -12.99
N ASN A 170 49.77 3.78 -11.94
CA ASN A 170 48.88 2.76 -11.41
C ASN A 170 47.65 3.45 -10.84
N PRO A 171 46.54 2.71 -10.73
CA PRO A 171 45.34 3.32 -10.13
C PRO A 171 45.59 3.78 -8.69
N VAL A 172 45.47 5.08 -8.45
CA VAL A 172 45.67 5.63 -7.12
C VAL A 172 44.32 5.92 -6.47
N THR A 173 44.31 5.97 -5.14
CA THR A 173 43.08 6.12 -4.38
C THR A 173 43.04 7.42 -3.60
N VAL A 174 41.97 8.19 -3.79
CA VAL A 174 41.75 9.37 -2.98
C VAL A 174 40.47 9.20 -2.18
N GLU A 175 40.50 9.63 -0.91
CA GLU A 175 39.30 9.62 -0.09
C GLU A 175 38.56 10.94 -0.22
N VAL A 176 37.28 10.87 -0.54
CA VAL A 176 36.45 12.06 -0.58
C VAL A 176 35.80 12.26 0.78
N PRO A 177 36.27 13.26 1.54
CA PRO A 177 35.78 13.49 2.90
C PRO A 177 34.37 14.09 2.91
N TYR A 178 33.67 13.91 4.01
CA TYR A 178 32.37 14.53 4.20
C TYR A 178 32.55 15.93 4.78
N ILE A 179 32.21 16.94 3.99
CA ILE A 179 32.42 18.33 4.41
C ILE A 179 31.12 19.11 4.59
N CYS A 180 30.00 18.39 4.62
CA CYS A 180 28.69 19.02 4.78
C CYS A 180 28.31 19.13 6.26
N SER A 181 27.21 19.82 6.53
CA SER A 181 26.80 20.07 7.91
C SER A 181 25.84 19.00 8.44
N GLU A 182 25.59 19.06 9.74
CA GLU A 182 24.71 18.13 10.46
C GLU A 182 23.45 17.75 9.70
N GLY A 183 23.37 16.47 9.30
CA GLY A 183 22.16 15.94 8.70
C GLY A 183 22.11 16.00 7.18
N GLU A 184 23.01 16.77 6.58
CA GLU A 184 22.99 16.98 5.14
C GLU A 184 23.55 15.78 4.37
N ASP A 185 22.97 15.51 3.21
CA ASP A 185 23.54 14.56 2.28
C ASP A 185 24.57 15.27 1.41
N GLN A 186 25.68 14.61 1.12
CA GLN A 186 26.67 15.17 0.22
C GLN A 186 26.62 14.46 -1.12
N ILE A 187 26.53 15.24 -2.20
CA ILE A 187 26.53 14.67 -3.54
C ILE A 187 27.80 15.09 -4.26
N THR A 188 28.69 14.12 -4.46
CA THR A 188 30.01 14.40 -5.00
C THR A 188 30.04 14.19 -6.50
N VAL A 189 30.32 15.26 -7.23
CA VAL A 189 30.40 15.19 -8.69
C VAL A 189 31.85 15.01 -9.12
N TRP A 190 32.08 14.07 -10.03
CA TRP A 190 33.41 13.76 -10.50
C TRP A 190 33.34 13.10 -11.86
N GLY A 191 34.49 12.88 -12.48
CA GLY A 191 34.52 12.22 -13.76
C GLY A 191 35.92 12.08 -14.32
N PHE A 192 36.01 11.90 -15.63
CA PHE A 192 37.30 11.81 -16.28
C PHE A 192 37.26 12.28 -17.73
N HIS A 193 38.34 12.94 -18.15
CA HIS A 193 38.49 13.38 -19.52
C HIS A 193 39.25 12.33 -20.30
N SER A 194 38.87 12.15 -21.56
CA SER A 194 39.60 11.28 -22.46
C SER A 194 39.74 11.94 -23.82
N ASP A 195 40.62 11.43 -24.65
CA ASP A 195 40.90 12.05 -25.94
C ASP A 195 41.41 11.00 -26.90
N ASP A 196 41.80 11.43 -28.11
CA ASP A 196 42.43 10.52 -29.06
C ASP A 196 43.85 10.20 -28.63
N LYS A 197 44.47 9.25 -29.32
CA LYS A 197 45.78 8.74 -28.94
C LYS A 197 46.83 9.84 -28.83
N THR A 198 46.80 10.79 -29.77
CA THR A 198 47.77 11.88 -29.80
C THR A 198 47.64 12.80 -28.59
N GLN A 199 46.43 13.33 -28.39
CA GLN A 199 46.19 14.26 -27.30
C GLN A 199 46.41 13.60 -25.94
N MET A 200 46.04 12.33 -25.83
CA MET A 200 46.27 11.57 -24.61
C MET A 200 47.76 11.57 -24.27
N GLU A 201 48.59 11.31 -25.29
CA GLU A 201 50.03 11.34 -25.13
C GLU A 201 50.52 12.72 -24.69
N ARG A 202 50.04 13.76 -25.37
CA ARG A 202 50.42 15.13 -25.02
C ARG A 202 49.99 15.54 -23.62
N LEU A 203 48.74 15.25 -23.27
CA LEU A 203 48.17 15.70 -22.00
C LEU A 203 48.60 14.87 -20.80
N TYR A 204 48.74 13.56 -20.98
CA TYR A 204 48.89 12.67 -19.83
C TYR A 204 50.12 11.76 -19.91
N GLY A 205 50.70 11.66 -21.10
CA GLY A 205 51.85 10.78 -21.29
C GLY A 205 51.43 9.32 -21.30
N ASP A 206 50.18 9.08 -21.63
CA ASP A 206 49.64 7.73 -21.73
C ASP A 206 48.44 7.73 -22.68
N SER A 207 48.41 6.79 -23.61
CA SER A 207 47.33 6.73 -24.59
C SER A 207 46.55 5.42 -24.45
N ASN A 208 46.85 4.65 -23.41
CA ASN A 208 46.07 3.48 -23.07
C ASN A 208 44.76 3.85 -22.39
N PRO A 209 43.76 2.96 -22.46
CA PRO A 209 42.51 3.24 -21.74
C PRO A 209 42.74 3.35 -20.24
N GLN A 210 42.13 4.35 -19.62
CA GLN A 210 42.30 4.57 -18.18
C GLN A 210 41.11 4.01 -17.44
N LYS A 211 41.32 3.61 -16.18
CA LYS A 211 40.27 2.93 -15.42
C LYS A 211 39.93 3.71 -14.15
N PHE A 212 38.64 3.80 -13.86
CA PHE A 212 38.16 4.59 -12.73
C PHE A 212 37.16 3.81 -11.90
N THR A 213 37.31 3.85 -10.59
CA THR A 213 36.45 3.11 -9.68
C THR A 213 36.03 3.95 -8.48
N SER A 214 34.73 4.04 -8.25
CA SER A 214 34.21 4.79 -7.12
C SER A 214 33.49 3.88 -6.13
N SER A 215 33.49 4.27 -4.86
CA SER A 215 32.80 3.49 -3.83
C SER A 215 32.22 4.37 -2.73
N ALA A 216 30.92 4.22 -2.48
CA ALA A 216 30.24 4.95 -1.42
C ALA A 216 28.94 4.27 -1.04
N ASN A 217 28.75 4.06 0.26
CA ASN A 217 27.54 3.42 0.78
C ASN A 217 27.29 2.04 0.18
N GLY A 218 28.36 1.32 -0.12
CA GLY A 218 28.24 -0.02 -0.64
C GLY A 218 28.01 -0.04 -2.15
N VAL A 219 27.94 1.14 -2.75
CA VAL A 219 27.74 1.24 -4.19
C VAL A 219 29.08 1.42 -4.90
N THR A 220 29.43 0.47 -5.76
CA THR A 220 30.66 0.55 -6.54
C THR A 220 30.36 0.70 -8.03
N THR A 221 31.10 1.59 -8.68
CA THR A 221 30.93 1.83 -10.11
C THR A 221 32.30 1.77 -10.79
N HIS A 222 32.39 1.00 -11.87
CA HIS A 222 33.66 0.86 -12.57
C HIS A 222 33.55 1.36 -14.01
N TYR A 223 34.53 2.17 -14.43
CA TYR A 223 34.55 2.70 -15.78
C TYR A 223 35.90 2.47 -16.44
N VAL A 224 35.86 2.26 -17.76
CA VAL A 224 37.07 2.19 -18.57
C VAL A 224 36.94 3.17 -19.72
N SER A 225 37.92 4.06 -19.84
CA SER A 225 37.83 5.15 -20.81
C SER A 225 37.94 4.68 -22.25
N GLN A 226 37.59 5.57 -23.18
CA GLN A 226 37.66 5.27 -24.60
C GLN A 226 38.65 6.20 -25.29
N ILE A 227 39.49 5.64 -26.14
CA ILE A 227 40.51 6.42 -26.83
C ILE A 227 40.12 6.73 -28.28
N GLY A 228 39.68 7.95 -28.52
CA GLY A 228 39.30 8.38 -29.86
C GLY A 228 38.05 7.69 -30.38
N GLY A 229 37.61 8.12 -31.55
CA GLY A 229 36.44 7.54 -32.19
C GLY A 229 35.19 7.78 -31.37
N PHE A 230 35.10 8.96 -30.79
CA PHE A 230 33.99 9.31 -29.92
C PHE A 230 32.73 9.58 -30.73
N PRO A 231 31.56 9.49 -30.08
CA PRO A 231 30.33 9.98 -30.70
C PRO A 231 30.37 11.49 -30.83
N ASN A 232 29.55 12.06 -31.69
CA ASN A 232 29.56 13.50 -31.93
C ASN A 232 29.25 14.35 -30.71
N GLN A 233 29.83 15.54 -30.66
CA GLN A 233 29.57 16.49 -29.60
C GLN A 233 28.10 16.85 -29.58
N THR A 234 27.51 16.89 -28.39
CA THR A 234 26.11 17.26 -28.24
C THR A 234 25.88 17.97 -26.92
N GLU A 235 24.87 18.83 -26.89
CA GLU A 235 24.48 19.56 -25.68
C GLU A 235 25.63 20.34 -25.05
N ASP A 236 26.61 20.72 -25.86
CA ASP A 236 27.78 21.43 -25.36
C ASP A 236 27.81 22.88 -25.84
N GLU A 237 28.99 23.50 -25.76
CA GLU A 237 29.13 24.91 -26.09
C GLU A 237 29.10 25.14 -27.59
N GLY A 238 29.53 24.14 -28.36
CA GLY A 238 29.56 24.24 -29.80
C GLY A 238 30.97 24.39 -30.33
N LEU A 239 31.92 24.57 -29.41
CA LEU A 239 33.33 24.65 -29.79
C LEU A 239 33.85 23.24 -30.06
N LYS A 240 34.40 23.03 -31.25
CA LYS A 240 34.85 21.71 -31.66
C LYS A 240 36.01 21.22 -30.77
N GLN A 241 35.89 19.98 -30.31
CA GLN A 241 36.87 19.38 -29.42
C GLN A 241 37.16 17.96 -29.84
N SER A 242 38.38 17.51 -29.60
CA SER A 242 38.79 16.15 -29.98
C SER A 242 38.50 15.16 -28.87
N GLY A 243 38.35 15.67 -27.65
CA GLY A 243 38.16 14.81 -26.49
C GLY A 243 36.77 14.90 -25.90
N ARG A 244 36.47 13.97 -25.00
CA ARG A 244 35.17 13.90 -24.34
C ARG A 244 35.37 13.63 -22.86
N ILE A 245 34.49 14.19 -22.04
CA ILE A 245 34.51 13.85 -20.61
C ILE A 245 33.31 12.98 -20.25
N VAL A 246 33.52 12.13 -19.25
CA VAL A 246 32.45 11.35 -18.66
C VAL A 246 32.25 11.81 -17.23
N VAL A 247 31.01 12.09 -16.84
CA VAL A 247 30.74 12.66 -15.53
C VAL A 247 29.77 11.78 -14.75
N ASP A 248 30.04 11.60 -13.46
CA ASP A 248 29.21 10.77 -12.60
C ASP A 248 29.02 11.49 -11.27
N TYR A 249 28.05 11.05 -10.48
CA TYR A 249 27.90 11.60 -9.14
C TYR A 249 27.94 10.48 -8.10
N MET A 250 28.19 10.86 -6.86
CA MET A 250 28.42 9.90 -5.80
C MET A 250 27.73 10.40 -4.53
N VAL A 251 26.78 9.64 -4.03
CA VAL A 251 26.01 10.07 -2.87
C VAL A 251 26.69 9.66 -1.57
N GLN A 252 26.97 10.64 -0.72
CA GLN A 252 27.56 10.38 0.59
C GLN A 252 26.60 10.82 1.70
N LYS A 253 26.08 9.84 2.43
CA LYS A 253 25.18 10.08 3.54
C LYS A 253 25.96 10.76 4.68
N PRO A 254 25.26 11.37 5.65
CA PRO A 254 25.94 12.15 6.70
C PRO A 254 27.14 11.45 7.35
N GLY A 255 28.28 12.15 7.37
CA GLY A 255 29.49 11.66 8.00
C GLY A 255 30.14 10.50 7.26
N LYS A 256 29.72 10.25 6.03
CA LYS A 256 30.26 9.13 5.27
C LYS A 256 31.26 9.59 4.20
N THR A 257 32.41 8.92 4.16
CA THR A 257 33.39 9.21 3.12
C THR A 257 33.18 8.29 1.93
N GLY A 258 33.64 8.74 0.77
CA GLY A 258 33.65 7.90 -0.42
C GLY A 258 35.06 7.82 -0.96
N THR A 259 35.31 6.86 -1.85
CA THR A 259 36.62 6.76 -2.47
C THR A 259 36.52 6.78 -3.98
N ILE A 260 37.53 7.37 -4.62
CA ILE A 260 37.65 7.31 -6.07
C ILE A 260 39.03 6.79 -6.43
N VAL A 261 39.07 5.67 -7.14
CA VAL A 261 40.34 5.13 -7.62
C VAL A 261 40.49 5.54 -9.07
N TYR A 262 41.61 6.18 -9.41
CA TYR A 262 41.73 6.78 -10.73
C TYR A 262 43.14 6.75 -11.31
N GLN A 263 43.21 6.97 -12.62
CA GLN A 263 44.48 7.09 -13.32
C GLN A 263 44.57 8.46 -13.99
N ARG A 264 44.87 8.47 -15.29
CA ARG A 264 45.04 9.73 -16.00
C ARG A 264 43.73 10.23 -16.59
N GLY A 265 43.54 11.55 -16.55
CA GLY A 265 42.36 12.18 -17.12
C GLY A 265 41.31 12.47 -16.07
N ILE A 266 41.61 12.13 -14.83
CA ILE A 266 40.67 12.26 -13.73
C ILE A 266 40.15 13.69 -13.54
N LEU A 267 38.85 13.83 -13.38
CA LEU A 267 38.26 15.10 -12.98
C LEU A 267 37.92 15.02 -11.50
N LEU A 268 38.82 15.49 -10.66
CA LEU A 268 38.63 15.43 -9.22
C LEU A 268 37.50 16.35 -8.78
N PRO A 269 36.68 15.88 -7.83
CA PRO A 269 35.61 16.70 -7.27
C PRO A 269 36.16 17.92 -6.55
N GLN A 270 35.52 19.07 -6.77
CA GLN A 270 35.87 20.28 -6.04
C GLN A 270 34.72 20.69 -5.14
N LYS A 271 33.86 21.57 -5.64
CA LYS A 271 32.67 21.97 -4.90
C LYS A 271 31.66 20.84 -4.95
N VAL A 272 31.04 20.55 -3.81
CA VAL A 272 30.06 19.48 -3.74
C VAL A 272 28.71 20.01 -3.31
N TRP A 273 27.66 19.24 -3.60
CA TRP A 273 26.32 19.64 -3.20
C TRP A 273 26.03 19.18 -1.78
N CYS A 274 25.44 20.07 -0.99
CA CYS A 274 25.00 19.72 0.35
C CYS A 274 23.50 19.91 0.44
N ALA A 275 22.79 18.82 0.64
CA ALA A 275 21.33 18.84 0.55
C ALA A 275 20.69 18.20 1.77
N SER A 276 19.58 18.78 2.21
CA SER A 276 18.86 18.26 3.37
C SER A 276 17.35 18.45 3.20
N GLY A 277 16.59 17.78 4.05
CA GLY A 277 15.14 17.84 3.99
C GLY A 277 14.60 17.10 2.79
N ARG A 278 13.29 17.03 2.68
CA ARG A 278 12.66 16.37 1.55
C ARG A 278 11.67 17.29 0.85
N SER A 279 11.73 17.29 -0.48
CA SER A 279 10.81 18.08 -1.29
C SER A 279 9.83 17.16 -2.02
N LYS A 280 8.56 17.54 -2.01
CA LYS A 280 7.53 16.76 -2.69
C LYS A 280 7.61 17.01 -4.19
N VAL A 281 7.75 15.93 -4.96
CA VAL A 281 8.04 16.03 -6.38
C VAL A 281 6.99 15.33 -7.24
N ILE A 282 6.50 16.02 -8.26
CA ILE A 282 5.66 15.41 -9.28
C ILE A 282 6.10 15.86 -10.67
N LYS A 283 5.76 15.08 -11.69
CA LYS A 283 6.03 15.48 -13.07
C LYS A 283 5.19 16.68 -13.46
N GLY A 284 5.75 17.55 -14.30
CA GLY A 284 5.03 18.74 -14.73
C GLY A 284 5.79 19.48 -15.81
N SER A 285 5.30 20.67 -16.15
CA SER A 285 5.93 21.48 -17.19
C SER A 285 6.08 22.94 -16.77
N LEU A 286 6.95 23.65 -17.47
CA LEU A 286 7.20 25.06 -17.20
C LEU A 286 6.68 25.91 -18.36
N PRO A 287 6.35 27.18 -18.11
CA PRO A 287 6.46 27.90 -16.83
C PRO A 287 5.27 27.68 -15.91
N LEU A 288 5.45 28.03 -14.64
CA LEU A 288 4.36 27.98 -13.68
C LEU A 288 3.51 29.24 -13.82
N ILE A 289 2.27 29.05 -14.28
CA ILE A 289 1.38 30.18 -14.53
C ILE A 289 0.29 30.28 -13.47
N GLY A 290 0.43 31.27 -12.58
CA GLY A 290 -0.58 31.55 -11.59
C GLY A 290 -0.48 30.71 -10.33
N GLU A 291 -1.61 30.52 -9.67
CA GLU A 291 -1.65 29.80 -8.41
C GLU A 291 -2.77 28.75 -8.43
N ALA A 292 -2.60 27.68 -7.66
CA ALA A 292 -3.59 26.60 -7.62
C ALA A 292 -3.58 25.88 -6.29
N ASP A 293 -4.71 25.28 -5.95
CA ASP A 293 -4.85 24.50 -4.72
C ASP A 293 -4.09 23.19 -4.81
N CYS A 294 -3.98 22.66 -6.02
CA CYS A 294 -3.49 21.29 -6.22
C CYS A 294 -2.78 21.15 -7.55
N LEU A 295 -1.60 20.53 -7.53
CA LEU A 295 -0.88 20.22 -8.76
C LEU A 295 -1.05 18.75 -9.11
N HIS A 296 -1.49 18.49 -10.33
CA HIS A 296 -1.82 17.14 -10.77
C HIS A 296 -1.04 16.83 -12.04
N GLU A 297 -0.40 15.66 -12.08
CA GLU A 297 0.50 15.33 -13.18
C GLU A 297 -0.18 15.32 -14.54
N LYS A 298 -1.47 15.04 -14.56
CA LYS A 298 -2.22 14.99 -15.82
C LYS A 298 -3.02 16.25 -16.09
N TYR A 299 -3.46 16.93 -15.04
CA TYR A 299 -4.34 18.08 -15.20
C TYR A 299 -3.67 19.40 -14.88
N GLY A 300 -2.45 19.33 -14.33
CA GLY A 300 -1.69 20.52 -14.01
C GLY A 300 -2.31 21.29 -12.86
N GLY A 301 -2.39 22.60 -13.03
CA GLY A 301 -3.03 23.47 -12.05
C GLY A 301 -4.49 23.09 -11.91
N LEU A 302 -4.96 23.03 -10.67
CA LEU A 302 -6.31 22.56 -10.39
C LEU A 302 -6.81 23.10 -9.05
N ASN A 303 -7.98 23.73 -9.07
CA ASN A 303 -8.57 24.22 -7.84
C ASN A 303 -9.62 23.24 -7.31
N LYS A 304 -9.68 23.11 -5.99
CA LYS A 304 -10.57 22.14 -5.37
C LYS A 304 -11.98 22.68 -5.19
N SER A 305 -12.96 21.93 -5.65
CA SER A 305 -14.36 22.27 -5.45
C SER A 305 -15.07 21.09 -4.83
N LYS A 306 -15.47 20.13 -5.67
CA LYS A 306 -16.02 18.87 -5.21
C LYS A 306 -14.98 18.12 -4.41
N PRO A 307 -15.42 17.33 -3.41
CA PRO A 307 -14.48 16.60 -2.57
C PRO A 307 -13.75 15.48 -3.32
N TYR A 308 -14.37 14.98 -4.38
CA TYR A 308 -13.80 13.90 -5.17
C TYR A 308 -13.66 14.29 -6.64
N TYR A 309 -13.02 13.44 -7.44
CA TYR A 309 -12.94 13.67 -8.87
C TYR A 309 -12.81 12.36 -9.65
N THR A 310 -13.19 12.40 -10.92
CA THR A 310 -13.08 11.24 -11.79
C THR A 310 -12.16 11.52 -12.96
N GLY A 311 -11.67 10.47 -13.61
CA GLY A 311 -10.77 10.62 -14.74
C GLY A 311 -9.45 9.89 -14.54
N GLU A 312 -8.37 10.50 -15.00
CA GLU A 312 -7.05 9.87 -14.93
C GLU A 312 -6.38 10.08 -13.59
N HIS A 313 -6.23 9.02 -12.82
CA HIS A 313 -5.48 9.08 -11.58
C HIS A 313 -3.99 9.20 -11.85
N ALA A 314 -3.32 10.06 -11.10
CA ALA A 314 -1.88 10.22 -11.18
C ALA A 314 -1.38 10.87 -9.91
N LYS A 315 -0.06 10.99 -9.79
CA LYS A 315 0.52 11.66 -8.63
C LYS A 315 0.03 13.10 -8.56
N ALA A 316 -0.29 13.54 -7.35
CA ALA A 316 -0.84 14.87 -7.15
C ALA A 316 -0.51 15.39 -5.75
N ILE A 317 -0.16 16.66 -5.66
CA ILE A 317 0.22 17.25 -4.39
C ILE A 317 -0.59 18.52 -4.08
N GLY A 318 -0.77 18.78 -2.79
CA GLY A 318 -1.51 19.95 -2.35
C GLY A 318 -2.91 19.59 -1.86
N ASN A 319 -3.79 20.59 -1.83
CA ASN A 319 -5.17 20.39 -1.41
C ASN A 319 -5.98 19.85 -2.57
N CYS A 320 -6.06 18.53 -2.69
CA CYS A 320 -6.55 17.89 -3.89
C CYS A 320 -7.89 17.17 -3.68
N PRO A 321 -8.68 17.03 -4.75
CA PRO A 321 -9.84 16.14 -4.70
C PRO A 321 -9.39 14.68 -4.73
N ILE A 322 -10.08 13.81 -4.00
CA ILE A 322 -9.70 12.41 -3.94
C ILE A 322 -10.27 11.65 -5.13
N TRP A 323 -9.42 10.87 -5.79
CA TRP A 323 -9.83 10.12 -6.97
C TRP A 323 -10.84 9.05 -6.64
N VAL A 324 -11.85 8.91 -7.48
CA VAL A 324 -12.85 7.85 -7.34
C VAL A 324 -13.10 7.16 -8.68
N LYS A 325 -13.56 5.92 -8.61
CA LYS A 325 -13.74 5.08 -9.78
C LYS A 325 -14.93 5.51 -10.64
N THR A 326 -15.96 6.06 -9.99
CA THR A 326 -17.21 6.40 -10.66
C THR A 326 -17.73 7.75 -10.19
N PRO A 327 -18.58 8.41 -11.00
CA PRO A 327 -19.12 9.71 -10.58
C PRO A 327 -20.17 9.57 -9.47
N LEU A 328 -19.72 9.66 -8.22
CA LEU A 328 -20.60 9.51 -7.08
C LEU A 328 -21.52 10.71 -6.89
N LYS A 329 -22.73 10.44 -6.40
CA LYS A 329 -23.70 11.50 -6.13
C LYS A 329 -24.34 11.31 -4.76
N LEU A 330 -24.48 12.41 -4.02
CA LEU A 330 -25.22 12.38 -2.76
C LEU A 330 -26.68 12.77 -3.01
N ALA A 331 -27.60 11.97 -2.51
CA ALA A 331 -29.02 12.23 -2.68
C ALA A 331 -29.44 13.51 -1.97
N ASN A 332 -30.14 14.40 -2.67
CA ASN A 332 -30.70 15.58 -2.05
C ASN A 332 -32.18 15.70 -2.44
N GLY A 333 -32.96 14.70 -2.06
CA GLY A 333 -34.38 14.63 -2.40
C GLY A 333 -35.02 13.35 -1.93
N THR A 334 -36.03 12.89 -2.66
CA THR A 334 -36.80 11.71 -2.25
C THR A 334 -36.83 10.64 -3.33
N LYS A 335 -36.95 9.37 -2.93
CA LYS A 335 -37.10 8.28 -3.90
C LYS A 335 -38.36 8.50 -4.76
N TYR A 336 -38.23 8.28 -6.07
CA TYR A 336 -39.30 8.58 -7.03
C TYR A 336 -40.59 7.91 -6.70
N ARG A 337 -41.66 8.70 -6.81
CA ARG A 337 -42.99 8.20 -6.62
C ARG A 337 -43.86 8.59 -7.81
N PRO A 338 -44.58 7.61 -8.38
CA PRO A 338 -45.57 7.93 -9.42
C PRO A 338 -46.67 8.80 -8.85
N PRO A 339 -47.26 9.67 -9.69
CA PRO A 339 -48.37 10.52 -9.25
C PRO A 339 -49.58 9.72 -8.79
N ALA A 340 -50.19 10.14 -7.68
CA ALA A 340 -51.33 9.43 -7.11
C ALA A 340 -52.57 9.61 -7.98
N GLY B 1 -40.73 3.43 1.78
CA GLY B 1 -39.84 2.28 1.76
C GLY B 1 -40.56 0.99 2.09
N PHE B 2 -39.84 0.07 2.73
CA PHE B 2 -40.42 -1.23 3.07
C PHE B 2 -41.44 -1.12 4.19
N PHE B 3 -41.21 -0.17 5.10
CA PHE B 3 -42.15 0.07 6.19
C PHE B 3 -43.51 0.47 5.63
N GLY B 4 -43.53 1.57 4.87
CA GLY B 4 -44.74 2.05 4.24
C GLY B 4 -45.47 1.01 3.40
N ALA B 5 -44.70 0.17 2.72
CA ALA B 5 -45.28 -0.88 1.88
C ALA B 5 -46.05 -1.89 2.72
N ILE B 6 -45.48 -2.26 3.86
CA ILE B 6 -46.13 -3.19 4.76
C ILE B 6 -47.24 -2.50 5.54
N ALA B 7 -46.97 -1.26 5.96
CA ALA B 7 -47.92 -0.48 6.75
C ALA B 7 -49.11 -0.02 5.92
N GLY B 8 -49.01 -0.17 4.60
CA GLY B 8 -50.06 0.27 3.70
C GLY B 8 -50.06 1.77 3.48
N PHE B 9 -48.90 2.41 3.65
CA PHE B 9 -48.76 3.82 3.32
C PHE B 9 -48.93 3.99 1.81
N LEU B 10 -49.37 5.18 1.40
CA LEU B 10 -49.52 5.47 -0.02
C LEU B 10 -48.18 5.40 -0.74
N GLU B 11 -48.10 4.57 -1.77
CA GLU B 11 -46.87 4.36 -2.51
C GLU B 11 -46.65 5.45 -3.56
N GLY B 12 -47.75 6.11 -3.95
CA GLY B 12 -47.67 7.19 -4.92
C GLY B 12 -47.15 8.48 -4.32
N GLY B 13 -47.23 9.57 -5.09
CA GLY B 13 -46.75 10.86 -4.64
C GLY B 13 -47.59 12.01 -5.16
N TRP B 14 -47.42 13.18 -4.56
CA TRP B 14 -48.26 14.32 -4.88
C TRP B 14 -47.50 15.45 -5.56
N GLU B 15 -47.79 15.65 -6.84
CA GLU B 15 -47.16 16.70 -7.65
C GLU B 15 -47.40 18.10 -7.10
N GLY B 16 -48.48 18.27 -6.34
CA GLY B 16 -48.81 19.57 -5.78
C GLY B 16 -47.88 19.97 -4.65
N MET B 17 -47.12 19.01 -4.14
CA MET B 17 -46.14 19.27 -3.10
C MET B 17 -44.83 19.76 -3.71
N ILE B 18 -44.69 21.08 -3.83
CA ILE B 18 -43.55 21.66 -4.54
C ILE B 18 -42.63 22.45 -3.61
N ALA B 19 -43.16 22.93 -2.50
CA ALA B 19 -42.38 23.74 -1.58
C ALA B 19 -41.67 22.88 -0.54
N GLY B 20 -41.82 21.56 -0.67
CA GLY B 20 -41.23 20.64 0.28
C GLY B 20 -41.24 19.20 -0.22
N TRP B 21 -40.55 18.34 0.50
CA TRP B 21 -40.46 16.93 0.14
C TRP B 21 -41.58 16.15 0.81
N HIS B 22 -41.91 16.53 2.04
CA HIS B 22 -42.94 15.85 2.81
C HIS B 22 -44.01 16.83 3.28
N GLY B 23 -45.18 16.31 3.61
CA GLY B 23 -46.28 17.15 4.07
C GLY B 23 -47.57 16.39 4.28
N TYR B 24 -48.69 17.06 4.03
CA TYR B 24 -50.00 16.47 4.30
C TYR B 24 -50.95 16.55 3.10
N THR B 25 -51.93 15.66 3.08
CA THR B 25 -53.04 15.76 2.13
C THR B 25 -54.36 15.70 2.89
N SER B 26 -55.42 16.21 2.29
CA SER B 26 -56.74 16.22 2.92
C SER B 26 -57.84 15.85 1.93
N HIS B 27 -58.67 14.90 2.31
CA HIS B 27 -59.77 14.44 1.46
C HIS B 27 -61.14 14.72 2.07
N GLY B 28 -61.92 15.54 1.39
CA GLY B 28 -63.28 15.86 1.84
C GLY B 28 -64.16 16.27 0.68
N ALA B 29 -65.08 17.20 0.94
CA ALA B 29 -65.99 17.68 -0.10
C ALA B 29 -65.29 18.65 -1.05
N HIS B 30 -64.25 19.31 -0.55
CA HIS B 30 -63.46 20.23 -1.35
C HIS B 30 -62.63 19.51 -2.41
N GLY B 31 -62.46 18.20 -2.22
CA GLY B 31 -61.62 17.41 -3.09
C GLY B 31 -60.37 16.91 -2.41
N VAL B 32 -59.20 17.25 -2.96
CA VAL B 32 -57.93 16.84 -2.37
C VAL B 32 -56.97 18.01 -2.23
N ALA B 33 -56.75 18.43 -0.99
CA ALA B 33 -55.81 19.51 -0.70
C ALA B 33 -54.41 18.95 -0.46
N VAL B 34 -53.40 19.74 -0.79
CA VAL B 34 -52.02 19.31 -0.64
C VAL B 34 -51.16 20.43 -0.07
N ALA B 35 -50.44 20.13 1.01
CA ALA B 35 -49.53 21.10 1.61
C ALA B 35 -48.21 20.45 2.00
N ALA B 36 -47.12 21.19 1.85
CA ALA B 36 -45.81 20.69 2.20
C ALA B 36 -45.42 21.15 3.60
N ASP B 37 -44.79 20.27 4.37
CA ASP B 37 -44.33 20.63 5.70
C ASP B 37 -42.86 21.06 5.62
N LEU B 38 -42.63 22.35 5.79
CA LEU B 38 -41.30 22.93 5.62
C LEU B 38 -40.34 22.46 6.71
N LYS B 39 -40.86 22.20 7.90
CA LYS B 39 -40.06 21.75 9.03
C LYS B 39 -39.42 20.39 8.74
N SER B 40 -40.23 19.47 8.21
CA SER B 40 -39.74 18.12 7.88
C SER B 40 -38.75 18.16 6.73
N THR B 41 -39.03 18.99 5.74
CA THR B 41 -38.16 19.12 4.57
C THR B 41 -36.81 19.69 4.99
N GLN B 42 -36.84 20.70 5.86
CA GLN B 42 -35.61 21.33 6.33
C GLN B 42 -34.73 20.36 7.10
N GLU B 43 -35.36 19.56 7.97
CA GLU B 43 -34.64 18.55 8.74
C GLU B 43 -33.94 17.56 7.82
N ALA B 44 -34.63 17.17 6.75
CA ALA B 44 -34.07 16.24 5.78
C ALA B 44 -32.88 16.88 5.07
N ILE B 45 -33.01 18.17 4.75
CA ILE B 45 -31.95 18.90 4.07
C ILE B 45 -30.75 19.13 4.99
N ASN B 46 -31.02 19.43 6.26
CA ASN B 46 -29.95 19.65 7.22
C ASN B 46 -29.13 18.37 7.45
N LYS B 47 -29.82 17.24 7.52
CA LYS B 47 -29.15 15.95 7.67
C LYS B 47 -28.24 15.68 6.47
N ILE B 48 -28.75 15.94 5.27
CA ILE B 48 -27.99 15.75 4.05
C ILE B 48 -26.79 16.70 4.00
N THR B 49 -27.01 17.93 4.45
CA THR B 49 -25.94 18.94 4.45
C THR B 49 -24.82 18.54 5.40
N LYS B 50 -25.20 18.07 6.59
CA LYS B 50 -24.22 17.54 7.54
C LYS B 50 -23.49 16.34 6.96
N ASN B 51 -24.23 15.51 6.23
CA ASN B 51 -23.66 14.32 5.60
C ASN B 51 -22.64 14.69 4.52
N LEU B 52 -22.94 15.73 3.76
CA LEU B 52 -22.04 16.23 2.74
C LEU B 52 -20.75 16.75 3.35
N ASN B 53 -20.89 17.52 4.43
CA ASN B 53 -19.75 18.06 5.15
C ASN B 53 -18.89 16.95 5.74
N SER B 54 -19.56 15.90 6.23
CA SER B 54 -18.88 14.76 6.81
C SER B 54 -18.04 14.02 5.77
N LEU B 55 -18.62 13.78 4.60
CA LEU B 55 -17.91 13.13 3.51
C LEU B 55 -16.76 13.98 2.99
N SER B 56 -16.88 15.30 3.13
CA SER B 56 -15.89 16.22 2.61
C SER B 56 -14.74 16.46 3.58
N GLU B 57 -14.85 15.88 4.77
CA GLU B 57 -13.82 16.06 5.79
C GLU B 57 -12.67 15.08 5.63
N LEU B 58 -12.87 14.04 4.82
CA LEU B 58 -11.87 13.00 4.65
C LEU B 58 -10.59 13.53 4.00
N GLU B 59 -9.46 13.28 4.64
CA GLU B 59 -8.16 13.61 4.08
C GLU B 59 -7.31 12.36 3.91
N VAL B 60 -6.67 12.25 2.75
CA VAL B 60 -5.72 11.17 2.50
C VAL B 60 -4.37 11.74 2.05
N LYS B 61 -3.30 11.03 2.37
CA LYS B 61 -1.97 11.46 2.00
C LYS B 61 -1.84 11.66 0.50
N ASN B 62 -1.13 12.72 0.09
CA ASN B 62 -0.80 12.91 -1.31
C ASN B 62 0.04 11.74 -1.81
N LEU B 63 -0.09 11.43 -3.09
CA LEU B 63 0.85 10.52 -3.72
C LEU B 63 1.78 11.34 -4.60
N GLN B 64 3.05 11.41 -4.21
CA GLN B 64 4.04 12.08 -5.05
C GLN B 64 5.12 11.08 -5.46
N ARG B 65 6.16 11.58 -6.10
CA ARG B 65 7.27 10.75 -6.51
C ARG B 65 8.17 10.42 -5.33
N LEU B 66 8.88 9.29 -5.42
CA LEU B 66 9.96 9.02 -4.48
C LEU B 66 11.08 10.01 -4.74
N SER B 67 11.73 10.48 -3.68
CA SER B 67 12.81 11.45 -3.83
C SER B 67 14.12 10.79 -4.25
N GLY B 68 14.31 9.54 -3.84
CA GLY B 68 15.56 8.85 -4.09
C GLY B 68 15.64 8.12 -5.42
N ALA B 69 14.52 7.52 -5.82
CA ALA B 69 14.48 6.71 -7.03
C ALA B 69 14.56 7.55 -8.30
N MET B 70 15.62 7.32 -9.08
CA MET B 70 15.86 8.06 -10.31
C MET B 70 15.41 7.28 -11.54
N ASN B 71 14.82 7.99 -12.49
CA ASN B 71 14.46 7.42 -13.78
C ASN B 71 15.63 6.68 -14.41
N GLU B 72 15.32 5.59 -15.12
CA GLU B 72 16.29 4.73 -15.80
C GLU B 72 17.08 3.88 -14.80
N LEU B 73 17.74 4.53 -13.85
CA LEU B 73 18.55 3.84 -12.86
C LEU B 73 17.73 2.94 -11.94
N HIS B 74 16.56 3.41 -11.53
CA HIS B 74 15.76 2.71 -10.54
C HIS B 74 14.36 2.33 -11.05
N ASP B 75 14.28 1.96 -12.33
CA ASP B 75 12.99 1.67 -12.96
C ASP B 75 12.19 0.56 -12.28
N GLU B 76 12.88 -0.49 -11.83
CA GLU B 76 12.20 -1.60 -11.15
C GLU B 76 11.51 -1.12 -9.87
N ILE B 77 12.19 -0.26 -9.13
CA ILE B 77 11.62 0.35 -7.93
C ILE B 77 10.44 1.24 -8.30
N LEU B 78 10.60 2.00 -9.39
CA LEU B 78 9.58 2.94 -9.84
C LEU B 78 8.31 2.23 -10.28
N GLU B 79 8.46 1.02 -10.80
CA GLU B 79 7.31 0.20 -11.20
C GLU B 79 6.49 -0.19 -9.98
N LEU B 80 7.20 -0.59 -8.92
CA LEU B 80 6.55 -0.93 -7.66
C LEU B 80 5.87 0.29 -7.07
N ASP B 81 6.51 1.44 -7.21
CA ASP B 81 5.94 2.70 -6.74
C ASP B 81 4.65 3.01 -7.48
N GLU B 82 4.63 2.76 -8.78
CA GLU B 82 3.43 2.93 -9.58
C GLU B 82 2.31 2.03 -9.08
N LYS B 83 2.69 0.81 -8.69
CA LYS B 83 1.74 -0.17 -8.19
C LYS B 83 1.16 0.26 -6.85
N VAL B 84 2.02 0.76 -5.97
CA VAL B 84 1.60 1.26 -4.66
C VAL B 84 0.57 2.39 -4.79
N ASP B 85 0.86 3.35 -5.68
CA ASP B 85 -0.05 4.45 -5.96
C ASP B 85 -1.39 3.91 -6.48
N ASP B 86 -1.31 2.99 -7.43
CA ASP B 86 -2.49 2.43 -8.06
C ASP B 86 -3.41 1.75 -7.04
N LEU B 87 -2.82 0.97 -6.15
CA LEU B 87 -3.58 0.24 -5.14
C LEU B 87 -4.16 1.18 -4.07
N ARG B 88 -3.43 2.25 -3.76
CA ARG B 88 -3.93 3.26 -2.84
C ARG B 88 -5.18 3.90 -3.43
N ALA B 89 -5.08 4.31 -4.68
CA ALA B 89 -6.20 4.93 -5.38
C ALA B 89 -7.40 3.98 -5.44
N ASP B 90 -7.12 2.72 -5.73
CA ASP B 90 -8.16 1.69 -5.81
C ASP B 90 -8.87 1.48 -4.47
N THR B 91 -8.09 1.30 -3.41
CA THR B 91 -8.63 0.97 -2.09
C THR B 91 -9.45 2.12 -1.51
N ILE B 92 -8.90 3.33 -1.59
CA ILE B 92 -9.59 4.50 -1.05
C ILE B 92 -10.85 4.80 -1.85
N SER B 93 -10.79 4.57 -3.16
CA SER B 93 -11.95 4.75 -4.02
C SER B 93 -13.13 3.89 -3.58
N SER B 94 -12.85 2.62 -3.29
CA SER B 94 -13.91 1.70 -2.87
C SER B 94 -14.41 2.02 -1.48
N GLN B 95 -13.51 2.50 -0.62
CA GLN B 95 -13.88 2.91 0.73
C GLN B 95 -14.82 4.10 0.70
N ILE B 96 -14.51 5.07 -0.16
CA ILE B 96 -15.34 6.24 -0.31
C ILE B 96 -16.69 5.85 -0.91
N GLU B 97 -16.65 4.96 -1.89
CA GLU B 97 -17.87 4.42 -2.50
C GLU B 97 -18.77 3.80 -1.44
N LEU B 98 -18.16 3.08 -0.50
CA LEU B 98 -18.90 2.48 0.61
C LEU B 98 -19.51 3.56 1.51
N ALA B 99 -18.73 4.59 1.82
CA ALA B 99 -19.18 5.65 2.71
C ALA B 99 -20.36 6.42 2.11
N VAL B 100 -20.32 6.62 0.79
CA VAL B 100 -21.38 7.33 0.09
C VAL B 100 -22.62 6.44 -0.03
N LEU B 101 -22.39 5.15 -0.24
CA LEU B 101 -23.48 4.17 -0.33
C LEU B 101 -24.31 4.16 0.95
N LEU B 102 -23.62 4.12 2.09
CA LEU B 102 -24.27 4.11 3.39
C LEU B 102 -24.99 5.43 3.65
N SER B 103 -24.43 6.52 3.12
CA SER B 103 -25.02 7.84 3.28
C SER B 103 -26.34 7.92 2.51
N ASN B 104 -26.32 7.48 1.25
CA ASN B 104 -27.52 7.46 0.43
C ASN B 104 -28.55 6.47 0.96
N GLU B 105 -28.06 5.35 1.49
CA GLU B 105 -28.91 4.36 2.13
C GLU B 105 -29.72 4.99 3.27
N GLY B 106 -29.03 5.70 4.15
CA GLY B 106 -29.67 6.37 5.27
C GLY B 106 -30.72 7.38 4.85
N ILE B 107 -30.39 8.21 3.86
CA ILE B 107 -31.28 9.27 3.40
C ILE B 107 -32.57 8.71 2.81
N ILE B 108 -32.44 7.78 1.88
CA ILE B 108 -33.59 7.17 1.23
C ILE B 108 -34.45 6.38 2.22
N ASN B 109 -33.79 5.75 3.19
CA ASN B 109 -34.49 4.89 4.15
C ASN B 109 -35.20 5.70 5.23
N SER B 110 -34.82 6.98 5.35
CA SER B 110 -35.37 7.83 6.40
C SER B 110 -36.67 8.50 5.97
N GLU B 111 -37.11 8.23 4.75
CA GLU B 111 -38.35 8.84 4.23
C GLU B 111 -39.56 8.47 5.07
N ASP B 112 -39.76 7.17 5.31
CA ASP B 112 -40.90 6.69 6.09
C ASP B 112 -40.83 7.19 7.53
N GLU B 113 -39.62 7.39 8.03
CA GLU B 113 -39.42 7.85 9.39
C GLU B 113 -39.84 9.32 9.53
N HIS B 114 -39.71 10.06 8.44
CA HIS B 114 -40.19 11.44 8.40
C HIS B 114 -41.72 11.47 8.45
N LEU B 115 -42.33 10.57 7.70
CA LEU B 115 -43.79 10.42 7.69
C LEU B 115 -44.33 10.10 9.07
N LEU B 116 -43.68 9.17 9.76
CA LEU B 116 -44.09 8.74 11.08
C LEU B 116 -44.03 9.90 12.08
N ALA B 117 -43.04 10.77 11.90
CA ALA B 117 -42.91 11.96 12.75
C ALA B 117 -43.97 12.99 12.38
N LEU B 118 -44.32 13.05 11.10
CA LEU B 118 -45.35 13.96 10.62
C LEU B 118 -46.72 13.53 11.15
N GLU B 119 -46.86 12.22 11.39
CA GLU B 119 -48.07 11.68 12.01
C GLU B 119 -48.29 12.30 13.38
N ARG B 120 -47.21 12.45 14.14
CA ARG B 120 -47.29 12.94 15.51
C ARG B 120 -47.57 14.44 15.57
N LYS B 121 -47.08 15.19 14.58
CA LYS B 121 -47.34 16.62 14.52
C LYS B 121 -48.82 16.84 14.19
N LEU B 122 -49.32 16.05 13.26
CA LEU B 122 -50.71 16.12 12.84
C LEU B 122 -51.65 15.71 13.97
N LYS B 123 -51.34 14.57 14.59
CA LYS B 123 -52.17 13.98 15.64
C LYS B 123 -52.45 14.95 16.80
N LYS B 124 -51.40 15.61 17.30
CA LYS B 124 -51.54 16.52 18.43
C LYS B 124 -52.47 17.70 18.13
N MET B 125 -52.29 18.30 16.96
CA MET B 125 -53.06 19.47 16.57
C MET B 125 -54.54 19.13 16.36
N LEU B 126 -54.81 17.94 15.85
CA LEU B 126 -56.16 17.52 15.52
C LEU B 126 -57.03 17.27 16.76
N GLY B 127 -56.38 17.09 17.90
CA GLY B 127 -57.09 16.89 19.16
C GLY B 127 -57.60 15.48 19.36
N PRO B 128 -58.17 15.20 20.54
CA PRO B 128 -58.66 13.88 20.93
C PRO B 128 -59.88 13.42 20.13
N SER B 129 -60.53 14.36 19.44
CA SER B 129 -61.78 14.05 18.73
C SER B 129 -61.50 13.47 17.35
N ALA B 130 -60.26 13.51 16.92
CA ALA B 130 -59.87 12.92 15.65
C ALA B 130 -59.59 11.43 15.85
N VAL B 131 -59.72 10.65 14.78
CA VAL B 131 -59.54 9.21 14.89
C VAL B 131 -58.38 8.73 14.02
N GLU B 132 -57.34 8.21 14.68
CA GLU B 132 -56.17 7.70 13.97
C GLU B 132 -56.47 6.38 13.28
N ILE B 133 -56.31 6.37 11.96
CA ILE B 133 -56.61 5.19 11.15
C ILE B 133 -55.48 4.16 11.21
N GLY B 134 -54.25 4.64 11.08
CA GLY B 134 -53.09 3.77 11.17
C GLY B 134 -52.22 3.68 9.92
N ASN B 135 -52.83 3.93 8.75
CA ASN B 135 -52.09 3.88 7.49
C ASN B 135 -51.43 5.21 7.17
N GLY B 136 -51.28 6.05 8.19
CA GLY B 136 -50.70 7.37 8.02
C GLY B 136 -51.77 8.43 7.87
N CYS B 137 -53.02 8.04 8.06
CA CYS B 137 -54.14 8.94 7.89
C CYS B 137 -54.94 9.12 9.19
N PHE B 138 -55.58 10.27 9.32
CA PHE B 138 -56.49 10.55 10.43
C PHE B 138 -57.87 10.90 9.91
N GLU B 139 -58.91 10.43 10.60
CA GLU B 139 -60.28 10.80 10.27
C GLU B 139 -60.77 11.88 11.22
N THR B 140 -61.23 12.99 10.66
CA THR B 140 -61.65 14.13 11.47
C THR B 140 -63.17 14.32 11.47
N LYS B 141 -63.68 14.92 12.53
CA LYS B 141 -65.10 15.25 12.62
C LYS B 141 -65.40 16.50 11.80
N HIS B 142 -64.39 17.35 11.65
CA HIS B 142 -64.57 18.65 10.99
C HIS B 142 -64.19 18.61 9.51
N LYS B 143 -64.55 19.67 8.78
CA LYS B 143 -64.11 19.87 7.42
C LYS B 143 -62.66 20.37 7.42
N CYS B 144 -61.90 20.01 6.39
CA CYS B 144 -60.52 20.50 6.27
C CYS B 144 -60.13 20.80 4.84
N ASN B 145 -60.46 22.02 4.42
CA ASN B 145 -60.22 22.56 3.10
C ASN B 145 -58.75 22.95 2.93
N GLN B 146 -58.34 23.45 1.76
CA GLN B 146 -56.94 23.84 1.53
C GLN B 146 -56.41 24.85 2.55
N THR B 147 -57.28 25.75 2.97
CA THR B 147 -56.92 26.77 3.96
C THR B 147 -56.64 26.12 5.32
N CYS B 148 -57.46 25.13 5.68
CA CYS B 148 -57.29 24.39 6.93
C CYS B 148 -55.97 23.63 6.95
N LEU B 149 -55.63 23.03 5.82
CA LEU B 149 -54.42 22.23 5.70
C LEU B 149 -53.16 23.09 5.87
N ASP B 150 -53.18 24.28 5.31
CA ASP B 150 -52.05 25.20 5.41
C ASP B 150 -51.74 25.58 6.86
N ARG B 151 -52.76 25.73 7.68
CA ARG B 151 -52.57 26.06 9.09
C ARG B 151 -51.96 24.88 9.84
N ILE B 152 -52.25 23.67 9.36
CA ILE B 152 -51.69 22.46 9.93
C ILE B 152 -50.19 22.38 9.66
N ALA B 153 -49.81 22.56 8.40
CA ALA B 153 -48.41 22.58 7.99
C ALA B 153 -47.60 23.63 8.76
N ALA B 154 -48.21 24.79 8.98
CA ALA B 154 -47.54 25.89 9.67
C ALA B 154 -47.57 25.71 11.20
N GLY B 155 -48.29 24.70 11.65
CA GLY B 155 -48.35 24.38 13.07
C GLY B 155 -49.19 25.35 13.89
N THR B 156 -50.13 26.02 13.23
CA THR B 156 -50.97 27.01 13.88
C THR B 156 -52.42 26.55 14.03
N PHE B 157 -52.75 25.44 13.39
CA PHE B 157 -54.09 24.86 13.43
C PHE B 157 -54.56 24.59 14.86
N ASN B 158 -55.76 25.07 15.19
CA ASN B 158 -56.38 24.79 16.48
C ASN B 158 -57.68 24.02 16.31
N ALA B 159 -57.93 23.09 17.22
CA ALA B 159 -59.15 22.28 17.18
C ALA B 159 -60.37 23.07 17.62
N GLY B 160 -60.15 24.10 18.43
CA GLY B 160 -61.22 24.96 18.89
C GLY B 160 -61.86 25.78 17.79
N ASP B 161 -61.18 25.87 16.64
CA ASP B 161 -61.70 26.58 15.49
C ASP B 161 -62.81 25.80 14.79
N PHE B 162 -63.06 24.59 15.29
CA PHE B 162 -64.17 23.78 14.81
C PHE B 162 -64.99 23.27 15.99
N SER B 163 -64.85 23.97 17.12
CA SER B 163 -65.54 23.65 18.37
C SER B 163 -65.19 22.24 18.88
N LEU B 164 -64.08 21.70 18.41
CA LEU B 164 -63.61 20.40 18.87
C LEU B 164 -62.60 20.55 20.01
N PRO B 165 -62.50 19.52 20.87
CA PRO B 165 -61.61 19.62 22.04
C PRO B 165 -60.13 19.55 21.67
N THR B 166 -59.30 20.17 22.50
CA THR B 166 -57.85 20.13 22.31
C THR B 166 -57.20 19.34 23.45
N PHE B 167 -55.95 18.96 23.25
CA PHE B 167 -55.15 18.46 24.36
C PHE B 167 -54.78 19.66 25.22
N ASP B 168 -55.21 19.63 26.48
CA ASP B 168 -55.09 20.78 27.37
C ASP B 168 -53.63 21.06 27.72
N ASP C 1 -60.98 -11.03 21.24
CA ASP C 1 -59.67 -11.68 21.25
C ASP C 1 -58.54 -10.66 21.23
N ARG C 2 -57.33 -11.14 21.48
CA ARG C 2 -56.14 -10.29 21.46
C ARG C 2 -55.21 -10.72 20.33
N ILE C 3 -55.10 -9.88 19.31
CA ILE C 3 -54.24 -10.15 18.17
C ILE C 3 -52.93 -9.40 18.28
N CYS C 4 -51.82 -10.12 18.13
CA CYS C 4 -50.50 -9.53 18.33
C CYS C 4 -49.57 -9.75 17.12
N THR C 5 -48.50 -8.98 17.06
CA THR C 5 -47.46 -9.18 16.06
C THR C 5 -46.37 -10.08 16.63
N GLY C 6 -45.97 -11.08 15.85
CA GLY C 6 -44.98 -12.03 16.32
C GLY C 6 -43.96 -12.45 15.28
N ILE C 7 -42.86 -13.02 15.75
CA ILE C 7 -41.78 -13.48 14.89
C ILE C 7 -41.59 -15.00 15.06
N THR C 8 -41.23 -15.68 13.97
CA THR C 8 -41.09 -17.13 13.96
C THR C 8 -40.04 -17.66 14.94
N SER C 9 -39.99 -18.98 15.04
CA SER C 9 -38.98 -19.66 15.84
C SER C 9 -38.60 -20.97 15.16
N SER C 10 -37.39 -21.01 14.61
CA SER C 10 -36.91 -22.20 13.90
C SER C 10 -35.49 -22.55 14.33
N ASN C 11 -34.98 -23.64 13.75
CA ASN C 11 -33.59 -24.03 13.99
C ASN C 11 -32.64 -22.93 13.52
N SER C 12 -31.72 -22.53 14.39
CA SER C 12 -30.84 -21.41 14.09
C SER C 12 -29.37 -21.76 14.30
N PRO C 13 -28.80 -22.56 13.39
CA PRO C 13 -27.42 -23.05 13.52
C PRO C 13 -26.38 -22.06 12.99
N HIS C 14 -26.80 -21.09 12.19
CA HIS C 14 -25.85 -20.14 11.61
C HIS C 14 -25.62 -18.92 12.49
N VAL C 15 -24.40 -18.40 12.48
CA VAL C 15 -24.03 -17.26 13.31
C VAL C 15 -23.42 -16.13 12.50
N VAL C 16 -23.90 -14.91 12.73
CA VAL C 16 -23.30 -13.72 12.14
C VAL C 16 -22.99 -12.69 13.23
N LYS C 17 -22.07 -11.80 12.95
CA LYS C 17 -21.71 -10.75 13.89
C LYS C 17 -22.47 -9.46 13.60
N THR C 18 -22.87 -8.76 14.66
CA THR C 18 -23.50 -7.46 14.53
C THR C 18 -22.70 -6.42 15.29
N ALA C 19 -23.00 -5.15 15.05
CA ALA C 19 -22.31 -4.07 15.73
C ALA C 19 -22.81 -3.93 17.17
N THR C 20 -24.12 -4.03 17.35
CA THR C 20 -24.72 -3.70 18.64
C THR C 20 -25.28 -4.89 19.42
N GLN C 21 -25.20 -6.10 18.86
CA GLN C 21 -25.73 -7.27 19.55
C GLN C 21 -24.74 -8.44 19.58
N GLY C 22 -23.51 -8.20 19.18
CA GLY C 22 -22.49 -9.25 19.15
C GLY C 22 -22.84 -10.35 18.15
N GLU C 23 -22.37 -11.56 18.41
CA GLU C 23 -22.74 -12.70 17.57
C GLU C 23 -24.14 -13.17 17.92
N VAL C 24 -24.95 -13.38 16.89
CA VAL C 24 -26.31 -13.87 17.07
C VAL C 24 -26.59 -15.03 16.13
N ASN C 25 -27.34 -16.02 16.61
CA ASN C 25 -27.77 -17.12 15.77
C ASN C 25 -28.85 -16.59 14.83
N VAL C 26 -28.96 -17.19 13.65
CA VAL C 26 -30.01 -16.81 12.71
C VAL C 26 -30.57 -18.06 12.03
N THR C 27 -31.76 -17.94 11.46
CA THR C 27 -32.43 -19.09 10.87
C THR C 27 -31.82 -19.47 9.52
N GLY C 28 -31.22 -18.50 8.85
CA GLY C 28 -30.63 -18.74 7.53
C GLY C 28 -29.57 -17.74 7.16
N VAL C 29 -28.56 -18.19 6.43
CA VAL C 29 -27.51 -17.30 5.93
C VAL C 29 -27.21 -17.56 4.47
N ILE C 30 -26.71 -16.54 3.79
CA ILE C 30 -26.15 -16.70 2.47
C ILE C 30 -24.62 -16.70 2.56
N PRO C 31 -23.98 -17.83 2.23
CA PRO C 31 -22.52 -17.88 2.28
C PRO C 31 -21.91 -16.94 1.25
N LEU C 32 -20.93 -16.15 1.66
CA LEU C 32 -20.31 -15.18 0.76
C LEU C 32 -18.95 -15.69 0.27
N THR C 33 -18.45 -16.73 0.91
CA THR C 33 -17.13 -17.26 0.58
C THR C 33 -17.13 -18.76 0.31
N THR C 34 -16.06 -19.21 -0.35
CA THR C 34 -15.71 -20.62 -0.44
C THR C 34 -14.20 -20.74 -0.31
N THR C 35 -13.73 -21.93 0.07
CA THR C 35 -12.31 -22.21 0.00
C THR C 35 -12.01 -22.99 -1.28
N PRO C 36 -11.37 -22.33 -2.25
CA PRO C 36 -11.08 -22.92 -3.56
C PRO C 36 -10.20 -24.16 -3.45
N THR C 37 -10.23 -24.99 -4.49
CA THR C 37 -9.38 -26.16 -4.56
C THR C 37 -8.31 -26.00 -5.64
N ARG C 38 -7.16 -26.64 -5.43
CA ARG C 38 -6.05 -26.55 -6.38
C ARG C 38 -6.39 -27.23 -7.70
N SER C 39 -6.15 -26.53 -8.80
CA SER C 39 -6.37 -27.10 -10.12
C SER C 39 -5.21 -26.87 -11.06
N HIS C 40 -5.25 -27.55 -12.20
CA HIS C 40 -4.38 -27.26 -13.34
C HIS C 40 -4.57 -25.81 -13.78
N PHE C 41 -3.51 -25.20 -14.28
CA PHE C 41 -3.65 -23.85 -14.83
C PHE C 41 -4.33 -23.91 -16.18
N ALA C 42 -4.75 -22.76 -16.69
CA ALA C 42 -5.55 -22.71 -17.90
C ALA C 42 -5.45 -21.36 -18.60
N ASN C 43 -6.08 -21.27 -19.77
CA ASN C 43 -6.18 -19.99 -20.47
C ASN C 43 -7.14 -19.05 -19.75
N LEU C 44 -6.74 -17.79 -19.63
CA LEU C 44 -7.60 -16.76 -19.06
C LEU C 44 -8.72 -16.42 -20.04
N LYS C 45 -9.96 -16.52 -19.58
CA LYS C 45 -11.11 -16.20 -20.43
C LYS C 45 -11.04 -14.79 -21.00
N GLY C 46 -11.17 -14.69 -22.32
CA GLY C 46 -11.18 -13.40 -22.99
C GLY C 46 -9.80 -12.80 -23.17
N THR C 47 -8.76 -13.61 -23.04
CA THR C 47 -7.39 -13.13 -23.17
C THR C 47 -6.42 -14.25 -23.52
N GLN C 48 -5.72 -14.09 -24.65
CA GLN C 48 -4.70 -15.06 -25.08
C GLN C 48 -3.58 -15.12 -24.05
N THR C 49 -3.24 -16.33 -23.61
CA THR C 49 -2.32 -16.51 -22.49
C THR C 49 -1.01 -17.14 -22.94
N ARG C 50 0.08 -16.41 -22.70
CA ARG C 50 1.42 -16.86 -23.10
C ARG C 50 1.99 -17.87 -22.11
N GLY C 51 2.50 -18.98 -22.63
CA GLY C 51 3.20 -19.95 -21.82
C GLY C 51 4.66 -19.99 -22.21
N LYS C 52 5.00 -20.91 -23.11
CA LYS C 52 6.32 -20.87 -23.75
C LYS C 52 6.41 -19.62 -24.59
N LEU C 53 7.59 -19.00 -24.63
CA LEU C 53 7.80 -17.82 -25.45
C LEU C 53 7.51 -18.17 -26.91
N CYS C 54 8.07 -19.29 -27.34
CA CYS C 54 7.86 -19.78 -28.69
C CYS C 54 7.17 -21.14 -28.64
N PRO C 55 5.83 -21.13 -28.79
CA PRO C 55 5.03 -22.35 -28.71
C PRO C 55 5.42 -23.38 -29.76
N ASN C 56 5.68 -22.91 -30.98
CA ASN C 56 5.98 -23.79 -32.10
C ASN C 56 7.46 -24.17 -32.22
N CYS C 57 8.31 -23.61 -31.37
CA CYS C 57 9.70 -24.01 -31.34
C CYS C 57 9.87 -25.23 -30.45
N PHE C 58 9.74 -26.41 -31.05
CA PHE C 58 9.77 -27.66 -30.30
C PHE C 58 11.19 -28.03 -29.90
N ASN C 59 11.30 -28.65 -28.73
CA ASN C 59 12.59 -28.97 -28.10
C ASN C 59 13.41 -27.72 -27.83
N CYS C 60 12.74 -26.59 -27.69
CA CYS C 60 13.40 -25.33 -27.34
C CYS C 60 12.81 -24.78 -26.05
N THR C 61 13.68 -24.43 -25.10
CA THR C 61 13.27 -23.76 -23.88
C THR C 61 13.12 -22.26 -24.11
N ASP C 62 12.49 -21.57 -23.17
CA ASP C 62 12.35 -20.12 -23.24
C ASP C 62 13.71 -19.42 -23.27
N LEU C 63 14.65 -19.93 -22.47
CA LEU C 63 15.99 -19.37 -22.43
C LEU C 63 16.72 -19.61 -23.75
N ASP C 64 16.52 -20.80 -24.33
CA ASP C 64 17.06 -21.11 -25.64
C ASP C 64 16.64 -20.07 -26.68
N VAL C 65 15.34 -19.78 -26.70
CA VAL C 65 14.78 -18.83 -27.66
C VAL C 65 15.30 -17.42 -27.41
N ALA C 66 15.43 -17.06 -26.13
CA ALA C 66 15.84 -15.71 -25.74
C ALA C 66 17.29 -15.42 -26.15
N LEU C 67 18.11 -16.47 -26.16
CA LEU C 67 19.51 -16.34 -26.54
C LEU C 67 19.69 -16.41 -28.05
N GLY C 68 18.61 -16.75 -28.76
CA GLY C 68 18.64 -16.84 -30.21
C GLY C 68 19.36 -18.08 -30.71
N ARG C 69 19.26 -19.16 -29.94
CA ARG C 69 19.79 -20.46 -30.34
C ARG C 69 19.22 -20.88 -31.69
N PRO C 70 20.09 -21.36 -32.60
CA PRO C 70 19.68 -21.86 -33.91
C PRO C 70 18.61 -22.93 -33.78
N LYS C 71 17.69 -22.97 -34.75
CA LYS C 71 16.49 -23.83 -34.76
C LYS C 71 15.37 -23.30 -33.88
N CYS C 72 15.65 -22.28 -33.09
CA CYS C 72 14.68 -21.82 -32.10
C CYS C 72 14.15 -20.40 -32.32
N MET C 73 13.87 -20.03 -33.56
CA MET C 73 13.16 -18.78 -33.83
C MET C 73 11.83 -19.08 -34.53
N GLY C 74 10.77 -18.45 -34.06
CA GLY C 74 9.44 -18.67 -34.63
C GLY C 74 8.53 -17.51 -34.31
N ASN C 75 7.25 -17.65 -34.63
CA ASN C 75 6.29 -16.60 -34.31
C ASN C 75 6.15 -16.46 -32.80
N ILE C 76 6.42 -15.26 -32.29
CA ILE C 76 6.23 -14.95 -30.88
C ILE C 76 4.96 -14.13 -30.70
N PRO C 77 3.85 -14.79 -30.35
CA PRO C 77 2.55 -14.12 -30.20
C PRO C 77 2.55 -13.06 -29.11
N SER C 78 1.89 -11.94 -29.35
CA SER C 78 1.68 -10.94 -28.32
C SER C 78 0.68 -11.46 -27.30
N ALA C 79 0.86 -11.09 -26.03
CA ALA C 79 -0.05 -11.55 -24.98
C ALA C 79 -0.10 -10.56 -23.82
N LYS C 80 -1.31 -10.23 -23.39
CA LYS C 80 -1.51 -9.34 -22.26
C LYS C 80 -1.40 -10.09 -20.94
N VAL C 81 -1.27 -11.41 -21.03
CA VAL C 81 -1.15 -12.26 -19.85
C VAL C 81 -0.14 -13.38 -20.08
N SER C 82 0.81 -13.50 -19.17
CA SER C 82 1.88 -14.47 -19.32
C SER C 82 2.07 -15.30 -18.05
N ILE C 83 2.42 -16.56 -18.22
CA ILE C 83 2.66 -17.45 -17.09
C ILE C 83 4.15 -17.68 -16.86
N LEU C 84 4.63 -17.31 -15.68
CA LEU C 84 6.03 -17.58 -15.32
C LEU C 84 6.12 -19.01 -14.79
N HIS C 85 6.59 -19.92 -15.63
CA HIS C 85 6.62 -21.34 -15.30
C HIS C 85 8.02 -21.83 -14.97
N GLU C 86 9.00 -20.93 -15.07
CA GLU C 86 10.38 -21.25 -14.73
C GLU C 86 10.99 -20.17 -13.84
N VAL C 87 11.07 -20.44 -12.54
CA VAL C 87 11.68 -19.49 -11.61
C VAL C 87 13.17 -19.31 -11.91
N LYS C 88 13.81 -20.35 -12.41
CA LYS C 88 15.21 -20.28 -12.83
C LYS C 88 15.40 -21.00 -14.16
N PRO C 89 15.10 -20.31 -15.28
CA PRO C 89 15.11 -20.87 -16.63
C PRO C 89 16.42 -21.52 -17.02
N VAL C 90 16.34 -22.58 -17.83
CA VAL C 90 17.51 -23.34 -18.25
C VAL C 90 17.62 -23.43 -19.76
N THR C 91 18.83 -23.66 -20.25
CA THR C 91 19.05 -23.91 -21.66
C THR C 91 18.98 -25.41 -21.96
N SER C 92 18.86 -25.76 -23.24
CA SER C 92 18.82 -27.17 -23.62
C SER C 92 19.65 -27.44 -24.89
N GLY C 93 20.59 -26.55 -25.18
CA GLY C 93 21.41 -26.71 -26.36
C GLY C 93 22.52 -25.70 -26.56
N CYS C 94 23.16 -25.77 -27.72
CA CYS C 94 24.20 -24.84 -28.16
C CYS C 94 25.42 -24.86 -27.24
N TYR C 95 26.26 -23.84 -27.34
CA TYR C 95 27.55 -23.83 -26.66
C TYR C 95 27.37 -23.69 -25.15
N PRO C 96 28.14 -24.48 -24.37
CA PRO C 96 28.06 -24.51 -22.90
C PRO C 96 28.24 -23.15 -22.25
N ILE C 97 27.27 -22.76 -21.43
CA ILE C 97 27.29 -21.49 -20.72
C ILE C 97 27.50 -21.69 -19.23
N MET C 98 28.26 -20.79 -18.61
CA MET C 98 28.33 -20.73 -17.16
C MET C 98 27.28 -19.73 -16.67
N HIS C 99 26.04 -20.21 -16.59
CA HIS C 99 24.87 -19.36 -16.38
C HIS C 99 24.92 -18.50 -15.11
N ASP C 100 25.26 -19.12 -13.98
CA ASP C 100 25.13 -18.46 -12.69
C ASP C 100 26.17 -17.38 -12.42
N ARG C 101 27.04 -17.12 -13.39
CA ARG C 101 28.03 -16.06 -13.25
C ARG C 101 27.47 -14.72 -13.71
N THR C 102 26.27 -14.75 -14.28
CA THR C 102 25.54 -13.54 -14.63
C THR C 102 24.06 -13.65 -14.29
N LYS C 103 23.28 -12.66 -14.71
CA LYS C 103 21.84 -12.63 -14.48
C LYS C 103 21.07 -13.23 -15.65
N ILE C 104 21.79 -13.84 -16.59
CA ILE C 104 21.22 -14.23 -17.88
C ILE C 104 20.01 -15.17 -17.81
N ARG C 105 19.93 -16.02 -16.80
CA ARG C 105 18.87 -17.01 -16.71
C ARG C 105 17.48 -16.35 -16.72
N GLN C 106 17.40 -15.19 -16.09
CA GLN C 106 16.13 -14.48 -15.94
C GLN C 106 15.67 -13.76 -17.20
N LEU C 107 16.54 -13.73 -18.22
CA LEU C 107 16.25 -13.00 -19.46
C LEU C 107 14.89 -13.33 -20.11
N PRO C 108 14.54 -14.62 -20.27
CA PRO C 108 13.23 -14.87 -20.89
C PRO C 108 12.06 -14.49 -20.00
N ASN C 109 12.26 -14.49 -18.68
CA ASN C 109 11.22 -14.06 -17.75
C ASN C 109 11.06 -12.54 -17.80
N LEU C 110 12.14 -11.86 -18.13
CA LEU C 110 12.10 -10.41 -18.35
C LEU C 110 11.29 -10.09 -19.59
N LEU C 111 11.50 -10.88 -20.64
CA LEU C 111 10.82 -10.68 -21.91
C LEU C 111 9.32 -10.88 -21.80
N ARG C 112 8.91 -11.94 -21.09
CA ARG C 112 7.50 -12.29 -21.01
C ARG C 112 6.70 -11.23 -20.26
N GLY C 113 7.41 -10.30 -19.61
CA GLY C 113 6.76 -9.19 -18.94
C GLY C 113 6.21 -8.17 -19.92
N TYR C 114 6.68 -8.25 -21.16
CA TYR C 114 6.20 -7.37 -22.23
C TYR C 114 5.05 -8.02 -22.99
N GLU C 115 4.16 -7.20 -23.53
CA GLU C 115 3.10 -7.72 -24.39
C GLU C 115 3.67 -8.21 -25.72
N ASN C 116 4.44 -7.34 -26.38
CA ASN C 116 4.99 -7.65 -27.69
C ASN C 116 6.47 -7.96 -27.62
N ILE C 117 6.88 -9.05 -28.26
CA ILE C 117 8.28 -9.46 -28.28
C ILE C 117 8.72 -9.83 -29.69
N ARG C 118 9.73 -9.15 -30.20
CA ARG C 118 10.29 -9.50 -31.50
C ARG C 118 11.82 -9.39 -31.50
N LEU C 119 12.45 -10.23 -32.32
CA LEU C 119 13.89 -10.15 -32.54
C LEU C 119 14.17 -9.21 -33.70
N SER C 120 15.18 -8.37 -33.55
CA SER C 120 15.56 -7.42 -34.61
C SER C 120 15.98 -8.15 -35.87
N THR C 121 15.82 -7.50 -37.01
CA THR C 121 16.17 -8.09 -38.29
C THR C 121 17.56 -7.67 -38.73
N SER C 122 17.99 -6.49 -38.29
CA SER C 122 19.35 -6.04 -38.55
C SER C 122 20.23 -6.19 -37.31
N ASN C 123 21.53 -6.32 -37.51
CA ASN C 123 22.46 -6.45 -36.40
C ASN C 123 22.74 -5.11 -35.74
N VAL C 124 23.00 -5.11 -34.45
CA VAL C 124 23.21 -3.86 -33.72
C VAL C 124 24.68 -3.45 -33.75
N ILE C 125 25.56 -4.41 -33.97
CA ILE C 125 26.99 -4.14 -34.11
C ILE C 125 27.52 -4.80 -35.37
N ASN C 126 28.26 -4.03 -36.17
CA ASN C 126 28.89 -4.57 -37.37
C ASN C 126 30.25 -5.18 -37.04
N THR C 127 30.34 -6.50 -37.18
CA THR C 127 31.54 -7.24 -36.82
C THR C 127 32.73 -6.89 -37.71
N GLU C 128 32.44 -6.33 -38.89
CA GLU C 128 33.49 -6.01 -39.84
C GLU C 128 34.07 -4.62 -39.60
N THR C 129 33.48 -3.90 -38.65
CA THR C 129 33.98 -2.58 -38.26
C THR C 129 34.19 -2.46 -36.76
N ALA C 130 33.97 -3.55 -36.02
CA ALA C 130 34.11 -3.56 -34.57
C ALA C 130 35.55 -3.40 -34.15
N PRO C 131 35.82 -2.58 -33.11
CA PRO C 131 37.12 -2.30 -32.51
C PRO C 131 37.88 -3.55 -32.08
N GLY C 132 39.19 -3.54 -32.28
CA GLY C 132 40.03 -4.63 -31.86
C GLY C 132 40.58 -5.49 -32.98
N GLY C 133 41.15 -4.81 -33.97
CA GLY C 133 41.71 -5.46 -35.14
C GLY C 133 40.65 -6.15 -35.99
N PRO C 134 41.05 -6.78 -37.11
CA PRO C 134 40.07 -7.43 -37.99
C PRO C 134 39.54 -8.75 -37.43
N TYR C 135 38.27 -9.03 -37.66
CA TYR C 135 37.64 -10.24 -37.13
C TYR C 135 37.07 -11.16 -38.21
N LYS C 136 36.98 -12.45 -37.89
CA LYS C 136 36.12 -13.37 -38.64
C LYS C 136 35.03 -13.87 -37.69
N VAL C 137 33.93 -14.38 -38.25
CA VAL C 137 32.83 -14.85 -37.42
C VAL C 137 32.92 -16.35 -37.19
N GLY C 138 33.13 -16.75 -35.94
CA GLY C 138 33.27 -18.15 -35.59
C GLY C 138 31.94 -18.85 -35.36
N THR C 139 31.94 -20.17 -35.55
CA THR C 139 30.75 -20.98 -35.34
C THR C 139 31.11 -22.26 -34.61
N SER C 140 30.10 -23.08 -34.29
CA SER C 140 30.33 -24.32 -33.58
C SER C 140 29.35 -25.41 -34.01
N GLY C 141 29.77 -26.66 -33.84
CA GLY C 141 28.91 -27.80 -34.13
C GLY C 141 27.83 -27.95 -33.07
N SER C 142 28.07 -27.35 -31.91
CA SER C 142 27.10 -27.34 -30.82
C SER C 142 25.85 -26.56 -31.22
N CYS C 143 25.97 -25.68 -32.20
CA CYS C 143 24.87 -24.81 -32.58
C CYS C 143 24.46 -24.94 -34.06
N PRO C 144 23.94 -26.11 -34.46
CA PRO C 144 23.58 -26.35 -35.86
C PRO C 144 22.41 -25.45 -36.30
N ASN C 145 22.54 -24.79 -37.45
CA ASN C 145 21.53 -23.86 -37.91
C ASN C 145 20.38 -24.43 -38.75
N VAL C 146 19.60 -23.54 -39.37
CA VAL C 146 18.39 -23.91 -40.10
C VAL C 146 18.65 -24.74 -41.37
N THR C 147 19.87 -24.67 -41.90
CA THR C 147 20.25 -25.50 -43.03
C THR C 147 21.25 -26.55 -42.55
N ASN C 148 21.24 -26.75 -41.23
CA ASN C 148 22.00 -27.80 -40.56
C ASN C 148 23.51 -27.67 -40.68
N GLY C 149 23.97 -26.44 -40.95
CA GLY C 149 25.38 -26.11 -40.89
C GLY C 149 25.79 -25.57 -39.54
N ASN C 150 27.09 -25.59 -39.24
CA ASN C 150 27.60 -25.06 -37.98
C ASN C 150 27.27 -23.57 -37.81
N GLY C 151 26.77 -23.20 -36.64
CA GLY C 151 26.34 -21.84 -36.38
C GLY C 151 26.58 -21.40 -34.94
N PHE C 152 25.83 -20.37 -34.54
CA PHE C 152 25.96 -19.79 -33.20
C PHE C 152 24.69 -19.01 -32.85
N PHE C 153 24.57 -18.62 -31.59
CA PHE C 153 23.48 -17.77 -31.11
C PHE C 153 23.25 -16.57 -32.04
N ASN C 154 22.01 -16.41 -32.50
CA ASN C 154 21.68 -15.33 -33.42
C ASN C 154 21.68 -13.96 -32.74
N THR C 155 21.73 -13.98 -31.41
CA THR C 155 21.78 -12.74 -30.64
C THR C 155 23.21 -12.22 -30.52
N MET C 156 24.19 -13.06 -30.87
CA MET C 156 25.59 -12.72 -30.65
C MET C 156 26.47 -13.10 -31.84
N ALA C 157 27.71 -12.61 -31.84
CA ALA C 157 28.68 -12.97 -32.86
C ALA C 157 30.00 -13.38 -32.22
N TRP C 158 30.36 -14.65 -32.37
CA TRP C 158 31.63 -15.15 -31.87
C TRP C 158 32.75 -14.68 -32.79
N VAL C 159 33.26 -13.48 -32.57
CA VAL C 159 34.30 -12.93 -33.41
C VAL C 159 35.67 -13.50 -33.06
N ILE C 160 36.40 -13.93 -34.09
CA ILE C 160 37.74 -14.45 -33.92
C ILE C 160 38.71 -13.53 -34.66
N PRO C 161 39.81 -13.14 -33.99
CA PRO C 161 40.82 -12.33 -34.67
C PRO C 161 41.41 -13.02 -35.89
N LYS C 162 41.56 -12.29 -36.98
CA LYS C 162 42.17 -12.82 -38.20
C LYS C 162 43.61 -13.24 -37.92
N ASP C 163 44.18 -14.04 -38.82
CA ASP C 163 45.53 -14.57 -38.64
C ASP C 163 46.58 -13.47 -38.44
N ASN C 164 46.30 -12.27 -38.94
CA ASN C 164 47.21 -11.15 -38.77
C ASN C 164 46.81 -10.30 -37.56
N ASN C 165 46.05 -10.90 -36.65
CA ASN C 165 45.52 -10.18 -35.50
C ASN C 165 45.57 -11.00 -34.22
N LYS C 166 46.31 -12.11 -34.25
CA LYS C 166 46.48 -12.94 -33.06
C LYS C 166 47.35 -12.25 -32.02
N ILE C 167 46.81 -11.22 -31.37
CA ILE C 167 47.57 -10.44 -30.41
C ILE C 167 46.66 -9.90 -29.29
N ALA C 168 47.24 -9.69 -28.11
CA ALA C 168 46.51 -9.06 -27.01
C ALA C 168 46.15 -7.63 -27.36
N ILE C 169 45.04 -7.14 -26.80
CA ILE C 169 44.63 -5.76 -27.00
C ILE C 169 44.27 -5.06 -25.70
N ASN C 170 44.44 -3.74 -25.68
CA ASN C 170 43.87 -2.91 -24.62
C ASN C 170 42.36 -2.96 -24.72
N PRO C 171 41.66 -2.69 -23.60
CA PRO C 171 40.20 -2.68 -23.63
C PRO C 171 39.63 -1.65 -24.61
N VAL C 172 38.91 -2.12 -25.63
CA VAL C 172 38.31 -1.22 -26.60
C VAL C 172 36.82 -1.06 -26.34
N THR C 173 36.26 0.05 -26.81
CA THR C 173 34.88 0.39 -26.52
C THR C 173 34.03 0.44 -27.78
N VAL C 174 32.91 -0.28 -27.77
CA VAL C 174 31.95 -0.17 -28.86
C VAL C 174 30.64 0.40 -28.30
N GLU C 175 30.04 1.32 -29.04
CA GLU C 175 28.76 1.87 -28.64
C GLU C 175 27.63 1.07 -29.26
N VAL C 176 26.72 0.58 -28.42
CA VAL C 176 25.55 -0.16 -28.88
C VAL C 176 24.37 0.80 -29.09
N PRO C 177 24.03 1.04 -30.37
CA PRO C 177 22.97 1.99 -30.73
C PRO C 177 21.57 1.45 -30.46
N TYR C 178 20.61 2.36 -30.30
CA TYR C 178 19.21 1.97 -30.17
C TYR C 178 18.59 1.84 -31.56
N ILE C 179 18.22 0.61 -31.94
CA ILE C 179 17.70 0.36 -33.26
C ILE C 179 16.25 -0.14 -33.29
N CYS C 180 15.56 -0.02 -32.16
CA CYS C 180 14.17 -0.48 -32.08
C CYS C 180 13.16 0.61 -32.46
N SER C 181 11.89 0.23 -32.54
CA SER C 181 10.84 1.13 -33.00
C SER C 181 10.17 1.91 -31.88
N GLU C 182 9.34 2.87 -32.27
CA GLU C 182 8.61 3.76 -31.37
C GLU C 182 8.05 3.08 -30.12
N GLY C 183 8.60 3.42 -28.96
CA GLY C 183 8.07 2.97 -27.69
C GLY C 183 8.70 1.68 -27.18
N GLU C 184 9.42 0.98 -28.06
CA GLU C 184 9.97 -0.32 -27.73
C GLU C 184 11.20 -0.25 -26.84
N ASP C 185 11.33 -1.22 -25.94
CA ASP C 185 12.55 -1.43 -25.19
C ASP C 185 13.50 -2.33 -25.98
N GLN C 186 14.79 -2.04 -25.92
CA GLN C 186 15.77 -2.90 -26.56
C GLN C 186 16.50 -3.70 -25.50
N ILE C 187 16.56 -5.01 -25.69
CA ILE C 187 17.27 -5.88 -24.77
C ILE C 187 18.45 -6.51 -25.49
N THR C 188 19.65 -6.06 -25.13
CA THR C 188 20.87 -6.44 -25.84
C THR C 188 21.57 -7.61 -25.18
N VAL C 189 21.71 -8.71 -25.91
CA VAL C 189 22.40 -9.89 -25.41
C VAL C 189 23.85 -9.89 -25.90
N TRP C 190 24.77 -10.17 -24.98
CA TRP C 190 26.19 -10.17 -25.28
C TRP C 190 26.91 -11.06 -24.28
N GLY C 191 28.20 -11.27 -24.49
CA GLY C 191 28.98 -12.06 -23.56
C GLY C 191 30.42 -12.20 -24.01
N PHE C 192 31.09 -13.22 -23.49
CA PHE C 192 32.46 -13.46 -23.89
C PHE C 192 32.83 -14.94 -23.78
N HIS C 193 33.63 -15.41 -24.73
CA HIS C 193 34.11 -16.77 -24.72
C HIS C 193 35.46 -16.85 -24.04
N SER C 194 35.69 -17.92 -23.29
CA SER C 194 36.99 -18.17 -22.70
C SER C 194 37.34 -19.65 -22.85
N ASP C 195 38.61 -19.98 -22.65
CA ASP C 195 39.07 -21.34 -22.89
C ASP C 195 40.30 -21.64 -22.05
N ASP C 196 40.89 -22.81 -22.25
CA ASP C 196 42.15 -23.12 -21.58
C ASP C 196 43.29 -22.34 -22.24
N LYS C 197 44.46 -22.37 -21.62
CA LYS C 197 45.60 -21.56 -22.06
C LYS C 197 45.98 -21.80 -23.52
N THR C 198 45.95 -23.06 -23.95
CA THR C 198 46.32 -23.42 -25.32
C THR C 198 45.35 -22.85 -26.35
N GLN C 199 44.06 -23.13 -26.18
CA GLN C 199 43.03 -22.68 -27.11
C GLN C 199 42.94 -21.16 -27.15
N MET C 200 43.14 -20.53 -26.01
CA MET C 200 43.16 -19.06 -25.92
C MET C 200 44.22 -18.49 -26.85
N GLU C 201 45.42 -19.07 -26.81
CA GLU C 201 46.52 -18.66 -27.68
C GLU C 201 46.19 -18.83 -29.16
N ARG C 202 45.67 -20.00 -29.53
CA ARG C 202 45.29 -20.27 -30.91
C ARG C 202 44.20 -19.32 -31.40
N LEU C 203 43.17 -19.14 -30.59
CA LEU C 203 42.03 -18.32 -30.97
C LEU C 203 42.27 -16.82 -30.87
N TYR C 204 43.03 -16.40 -29.86
CA TYR C 204 43.08 -14.97 -29.55
C TYR C 204 44.49 -14.39 -29.47
N GLY C 205 45.50 -15.25 -29.34
CA GLY C 205 46.87 -14.79 -29.21
C GLY C 205 47.13 -14.18 -27.85
N ASP C 206 46.32 -14.57 -26.87
CA ASP C 206 46.46 -14.13 -25.50
C ASP C 206 45.85 -15.17 -24.58
N SER C 207 46.58 -15.52 -23.52
CA SER C 207 46.11 -16.54 -22.59
C SER C 207 45.95 -15.97 -21.20
N ASN C 208 46.10 -14.65 -21.08
CA ASN C 208 45.83 -13.95 -19.84
C ASN C 208 44.32 -13.74 -19.66
N PRO C 209 43.86 -13.58 -18.41
CA PRO C 209 42.44 -13.30 -18.18
C PRO C 209 41.99 -12.01 -18.85
N GLN C 210 40.84 -12.04 -19.50
CA GLN C 210 40.32 -10.88 -20.21
C GLN C 210 39.25 -10.17 -19.39
N LYS C 211 39.10 -8.87 -19.63
CA LYS C 211 38.19 -8.05 -18.83
C LYS C 211 37.12 -7.40 -19.69
N PHE C 212 35.89 -7.42 -19.20
CA PHE C 212 34.74 -6.91 -19.96
C PHE C 212 33.86 -6.02 -19.08
N THR C 213 33.45 -4.89 -19.63
CA THR C 213 32.65 -3.92 -18.89
C THR C 213 31.48 -3.38 -19.70
N SER C 214 30.28 -3.46 -19.12
CA SER C 214 29.09 -2.93 -19.77
C SER C 214 28.55 -1.74 -18.99
N SER C 215 27.90 -0.82 -19.70
CA SER C 215 27.32 0.34 -19.05
C SER C 215 26.05 0.78 -19.77
N ALA C 216 24.95 0.83 -19.03
CA ALA C 216 23.67 1.25 -19.58
C ALA C 216 22.71 1.67 -18.47
N ASN C 217 22.09 2.84 -18.65
CA ASN C 217 21.11 3.37 -17.70
C ASN C 217 21.66 3.53 -16.29
N GLY C 218 22.94 3.90 -16.20
CA GLY C 218 23.58 4.14 -14.92
C GLY C 218 24.09 2.88 -14.25
N VAL C 219 23.85 1.75 -14.90
CA VAL C 219 24.31 0.45 -14.39
C VAL C 219 25.62 0.02 -15.05
N THR C 220 26.64 -0.19 -14.24
CA THR C 220 27.91 -0.69 -14.76
C THR C 220 28.15 -2.11 -14.27
N THR C 221 28.62 -2.96 -15.17
CA THR C 221 28.88 -4.35 -14.83
C THR C 221 30.28 -4.74 -15.27
N HIS C 222 31.04 -5.34 -14.38
CA HIS C 222 32.42 -5.70 -14.68
C HIS C 222 32.64 -7.21 -14.56
N TYR C 223 33.30 -7.77 -15.57
CA TYR C 223 33.62 -9.20 -15.56
C TYR C 223 35.09 -9.44 -15.88
N VAL C 224 35.66 -10.48 -15.27
CA VAL C 224 37.01 -10.92 -15.60
C VAL C 224 36.96 -12.42 -15.91
N SER C 225 37.47 -12.79 -17.08
CA SER C 225 37.36 -14.15 -17.57
C SER C 225 38.21 -15.14 -16.78
N GLN C 226 37.94 -16.43 -16.99
CA GLN C 226 38.70 -17.49 -16.32
C GLN C 226 39.44 -18.33 -17.35
N ILE C 227 40.70 -18.65 -17.05
CA ILE C 227 41.52 -19.42 -17.97
C ILE C 227 41.63 -20.88 -17.54
N GLY C 228 40.87 -21.75 -18.20
CA GLY C 228 40.89 -23.16 -17.90
C GLY C 228 40.29 -23.53 -16.54
N GLY C 229 40.20 -24.82 -16.27
CA GLY C 229 39.67 -25.32 -15.01
C GLY C 229 38.19 -25.00 -14.81
N PHE C 230 37.43 -25.08 -15.89
CA PHE C 230 36.00 -24.76 -15.86
C PHE C 230 35.16 -25.83 -15.19
N PRO C 231 33.96 -25.48 -14.72
CA PRO C 231 32.97 -26.47 -14.30
C PRO C 231 32.43 -27.25 -15.52
N ASN C 232 31.86 -28.43 -15.32
CA ASN C 232 31.41 -29.25 -16.43
C ASN C 232 30.30 -28.60 -17.23
N GLN C 233 30.26 -28.95 -18.50
CA GLN C 233 29.22 -28.49 -19.42
C GLN C 233 27.86 -28.92 -18.90
N THR C 234 26.89 -28.02 -18.94
CA THR C 234 25.55 -28.33 -18.51
C THR C 234 24.52 -27.57 -19.34
N GLU C 235 23.33 -28.13 -19.46
CA GLU C 235 22.23 -27.50 -20.18
C GLU C 235 22.59 -27.11 -21.61
N ASP C 236 23.54 -27.82 -22.20
CA ASP C 236 24.02 -27.51 -23.55
C ASP C 236 23.61 -28.55 -24.59
N GLU C 237 24.30 -28.53 -25.73
CA GLU C 237 23.98 -29.42 -26.84
C GLU C 237 24.46 -30.85 -26.58
N GLY C 238 25.52 -30.98 -25.79
CA GLY C 238 26.05 -32.28 -25.44
C GLY C 238 27.39 -32.62 -26.09
N LEU C 239 27.82 -31.78 -27.02
CA LEU C 239 29.13 -31.95 -27.65
C LEU C 239 30.24 -31.45 -26.70
N LYS C 240 31.21 -32.31 -26.40
CA LYS C 240 32.25 -31.95 -25.45
C LYS C 240 33.08 -30.76 -25.94
N GLN C 241 33.31 -29.81 -25.05
CA GLN C 241 34.05 -28.59 -25.37
C GLN C 241 35.03 -28.24 -24.27
N SER C 242 36.14 -27.59 -24.65
CA SER C 242 37.17 -27.21 -23.71
C SER C 242 36.91 -25.83 -23.13
N GLY C 243 36.08 -25.05 -23.83
CA GLY C 243 35.80 -23.69 -23.44
C GLY C 243 34.40 -23.45 -22.92
N ARG C 244 34.19 -22.26 -22.35
CA ARG C 244 32.90 -21.87 -21.79
C ARG C 244 32.60 -20.43 -22.18
N ILE C 245 31.33 -20.12 -22.39
CA ILE C 245 30.95 -18.74 -22.62
C ILE C 245 30.19 -18.19 -21.42
N VAL C 246 30.33 -16.89 -21.19
CA VAL C 246 29.53 -16.19 -20.19
C VAL C 246 28.64 -15.23 -20.94
N VAL C 247 27.35 -15.25 -20.64
CA VAL C 247 26.39 -14.44 -21.38
C VAL C 247 25.63 -13.52 -20.44
N ASP C 248 25.41 -12.29 -20.88
CA ASP C 248 24.70 -11.30 -20.08
C ASP C 248 23.74 -10.53 -20.97
N TYR C 249 22.80 -9.81 -20.36
CA TYR C 249 21.93 -8.95 -21.15
C TYR C 249 21.98 -7.52 -20.65
N MET C 250 21.56 -6.59 -21.51
CA MET C 250 21.68 -5.17 -21.25
C MET C 250 20.44 -4.46 -21.74
N VAL C 251 19.69 -3.84 -20.83
CA VAL C 251 18.44 -3.20 -21.19
C VAL C 251 18.65 -1.76 -21.64
N GLN C 252 18.18 -1.45 -22.84
CA GLN C 252 18.26 -0.10 -23.37
C GLN C 252 16.87 0.48 -23.60
N LYS C 253 16.52 1.48 -22.79
CA LYS C 253 15.24 2.17 -22.90
C LYS C 253 15.24 2.99 -24.20
N PRO C 254 14.04 3.43 -24.66
CA PRO C 254 13.95 4.14 -25.94
C PRO C 254 14.96 5.28 -26.10
N GLY C 255 15.69 5.25 -27.21
CA GLY C 255 16.67 6.29 -27.52
C GLY C 255 17.92 6.26 -26.67
N LYS C 256 18.12 5.17 -25.94
CA LYS C 256 19.29 5.02 -25.08
C LYS C 256 20.35 4.09 -25.66
N THR C 257 21.58 4.56 -25.67
CA THR C 257 22.71 3.73 -26.11
C THR C 257 23.35 3.04 -24.90
N GLY C 258 24.03 1.93 -25.18
CA GLY C 258 24.84 1.27 -24.16
C GLY C 258 26.25 1.13 -24.71
N THR C 259 27.20 0.85 -23.83
CA THR C 259 28.56 0.61 -24.26
C THR C 259 29.07 -0.73 -23.73
N ILE C 260 29.94 -1.37 -24.49
CA ILE C 260 30.64 -2.55 -24.03
C ILE C 260 32.13 -2.36 -24.22
N VAL C 261 32.87 -2.41 -23.12
CA VAL C 261 34.32 -2.35 -23.18
C VAL C 261 34.84 -3.78 -23.09
N TYR C 262 35.66 -4.18 -24.05
CA TYR C 262 36.04 -5.59 -24.16
C TYR C 262 37.45 -5.82 -24.66
N GLN C 263 37.93 -7.04 -24.46
CA GLN C 263 39.22 -7.49 -24.98
C GLN C 263 39.00 -8.70 -25.89
N ARG C 264 39.71 -9.79 -25.61
CA ARG C 264 39.62 -10.98 -26.45
C ARG C 264 38.54 -11.94 -25.96
N GLY C 265 37.84 -12.56 -26.90
CA GLY C 265 36.80 -13.53 -26.57
C GLY C 265 35.40 -12.95 -26.60
N ILE C 266 35.30 -11.67 -26.93
CA ILE C 266 34.04 -10.94 -26.93
C ILE C 266 32.97 -11.55 -27.83
N LEU C 267 31.75 -11.68 -27.30
CA LEU C 267 30.59 -12.02 -28.10
C LEU C 267 29.77 -10.77 -28.36
N LEU C 268 30.01 -10.14 -29.52
CA LEU C 268 29.33 -8.90 -29.86
C LEU C 268 27.86 -9.14 -30.12
N PRO C 269 27.00 -8.23 -29.64
CA PRO C 269 25.56 -8.34 -29.91
C PRO C 269 25.25 -8.20 -31.39
N GLN C 270 24.38 -9.06 -31.91
CA GLN C 270 23.90 -8.95 -33.28
C GLN C 270 22.42 -8.62 -33.29
N LYS C 271 21.58 -9.65 -33.37
CA LYS C 271 20.15 -9.45 -33.28
C LYS C 271 19.76 -9.14 -31.84
N VAL C 272 18.90 -8.14 -31.65
CA VAL C 272 18.46 -7.76 -30.32
C VAL C 272 16.95 -7.88 -30.18
N TRP C 273 16.47 -7.95 -28.95
CA TRP C 273 15.04 -8.02 -28.70
C TRP C 273 14.42 -6.63 -28.67
N CYS C 274 13.28 -6.50 -29.33
CA CYS C 274 12.52 -5.26 -29.30
C CYS C 274 11.15 -5.53 -28.70
N ALA C 275 10.89 -4.92 -27.54
CA ALA C 275 9.71 -5.25 -26.77
C ALA C 275 8.95 -4.00 -26.34
N SER C 276 7.62 -4.09 -26.35
CA SER C 276 6.76 -2.98 -25.96
C SER C 276 5.53 -3.49 -25.23
N GLY C 277 4.83 -2.57 -24.57
CA GLY C 277 3.64 -2.93 -23.81
C GLY C 277 3.98 -3.70 -22.55
N ARG C 278 2.96 -3.99 -21.75
CA ARG C 278 3.16 -4.75 -20.52
C ARG C 278 2.25 -5.99 -20.49
N SER C 279 2.82 -7.12 -20.08
CA SER C 279 2.05 -8.34 -19.92
C SER C 279 1.91 -8.67 -18.44
N LYS C 280 0.71 -9.04 -18.04
CA LYS C 280 0.45 -9.40 -16.64
C LYS C 280 0.97 -10.80 -16.36
N VAL C 281 1.83 -10.90 -15.34
CA VAL C 281 2.56 -12.14 -15.09
C VAL C 281 2.30 -12.69 -13.69
N ILE C 282 2.00 -13.99 -13.61
CA ILE C 282 1.93 -14.70 -12.34
C ILE C 282 2.66 -16.03 -12.45
N LYS C 283 3.08 -16.58 -11.30
CA LYS C 283 3.69 -17.89 -11.27
C LYS C 283 2.66 -18.96 -11.63
N GLY C 284 3.10 -20.01 -12.32
CA GLY C 284 2.21 -21.07 -12.72
C GLY C 284 2.96 -22.25 -13.31
N SER C 285 2.22 -23.21 -13.85
CA SER C 285 2.83 -24.40 -14.44
C SER C 285 2.21 -24.71 -15.81
N LEU C 286 2.92 -25.53 -16.58
CA LEU C 286 2.46 -25.94 -17.90
C LEU C 286 2.14 -27.43 -17.89
N PRO C 287 1.25 -27.87 -18.78
CA PRO C 287 0.54 -27.10 -19.82
C PRO C 287 -0.72 -26.43 -19.30
N LEU C 288 -1.23 -25.47 -20.06
CA LEU C 288 -2.49 -24.81 -19.74
C LEU C 288 -3.67 -25.65 -20.22
N ILE C 289 -4.46 -26.16 -19.26
CA ILE C 289 -5.57 -27.03 -19.58
C ILE C 289 -6.92 -26.32 -19.44
N GLY C 290 -7.53 -25.99 -20.57
CA GLY C 290 -8.87 -25.42 -20.59
C GLY C 290 -8.91 -23.90 -20.43
N GLU C 291 -10.03 -23.41 -19.91
CA GLU C 291 -10.26 -21.98 -19.76
C GLU C 291 -10.77 -21.66 -18.35
N ALA C 292 -10.51 -20.45 -17.88
CA ALA C 292 -10.90 -20.06 -16.53
C ALA C 292 -11.15 -18.56 -16.41
N ASP C 293 -11.97 -18.19 -15.43
CA ASP C 293 -12.27 -16.78 -15.16
C ASP C 293 -11.07 -16.07 -14.54
N CYS C 294 -10.29 -16.85 -13.79
CA CYS C 294 -9.25 -16.28 -12.93
C CYS C 294 -8.08 -17.26 -12.78
N LEU C 295 -6.87 -16.75 -12.95
CA LEU C 295 -5.68 -17.56 -12.72
C LEU C 295 -5.06 -17.19 -11.38
N HIS C 296 -4.86 -18.19 -10.53
CA HIS C 296 -4.43 -17.98 -9.16
C HIS C 296 -3.16 -18.79 -8.88
N GLU C 297 -2.16 -18.15 -8.29
CA GLU C 297 -0.84 -18.77 -8.12
C GLU C 297 -0.88 -20.05 -7.29
N LYS C 298 -1.87 -20.15 -6.41
CA LYS C 298 -2.00 -21.32 -5.54
C LYS C 298 -3.04 -22.30 -6.05
N TYR C 299 -4.07 -21.80 -6.73
CA TYR C 299 -5.20 -22.64 -7.13
C TYR C 299 -5.28 -22.88 -8.64
N GLY C 300 -4.45 -22.18 -9.40
CA GLY C 300 -4.44 -22.35 -10.84
C GLY C 300 -5.72 -21.84 -11.48
N GLY C 301 -6.27 -22.61 -12.41
CA GLY C 301 -7.53 -22.27 -13.04
C GLY C 301 -8.66 -22.25 -12.02
N LEU C 302 -9.49 -21.22 -12.09
CA LEU C 302 -10.53 -21.02 -11.09
C LEU C 302 -11.67 -20.16 -11.64
N ASN C 303 -12.89 -20.67 -11.54
CA ASN C 303 -14.07 -19.92 -11.96
C ASN C 303 -14.74 -19.22 -10.78
N LYS C 304 -15.26 -18.02 -11.03
CA LYS C 304 -15.84 -17.21 -9.98
C LYS C 304 -17.30 -17.55 -9.70
N SER C 305 -17.61 -17.76 -8.43
CA SER C 305 -18.98 -18.01 -8.00
C SER C 305 -19.34 -17.04 -6.87
N LYS C 306 -18.94 -17.38 -5.65
CA LYS C 306 -19.07 -16.45 -4.53
C LYS C 306 -18.19 -15.23 -4.78
N PRO C 307 -18.62 -14.05 -4.27
CA PRO C 307 -17.86 -12.81 -4.51
C PRO C 307 -16.52 -12.80 -3.79
N TYR C 308 -16.42 -13.55 -2.70
CA TYR C 308 -15.19 -13.60 -1.91
C TYR C 308 -14.69 -15.03 -1.79
N TYR C 309 -13.50 -15.19 -1.22
CA TYR C 309 -12.98 -16.53 -0.97
C TYR C 309 -12.03 -16.54 0.23
N THR C 310 -11.87 -17.72 0.82
CA THR C 310 -10.99 -17.91 1.96
C THR C 310 -9.89 -18.91 1.60
N GLY C 311 -8.81 -18.90 2.36
CA GLY C 311 -7.70 -19.80 2.10
C GLY C 311 -6.39 -19.06 1.89
N GLU C 312 -5.58 -19.56 0.96
CA GLU C 312 -4.27 -19.00 0.71
C GLU C 312 -4.34 -17.81 -0.25
N HIS C 313 -4.05 -16.62 0.26
CA HIS C 313 -3.96 -15.45 -0.61
C HIS C 313 -2.68 -15.53 -1.43
N ALA C 314 -2.80 -15.18 -2.71
CA ALA C 314 -1.64 -15.12 -3.60
C ALA C 314 -1.97 -14.24 -4.79
N LYS C 315 -0.98 -14.00 -5.63
CA LYS C 315 -1.19 -13.22 -6.84
C LYS C 315 -2.22 -13.91 -7.74
N ALA C 316 -3.12 -13.11 -8.32
CA ALA C 316 -4.19 -13.65 -9.14
C ALA C 316 -4.66 -12.63 -10.17
N ILE C 317 -4.92 -13.11 -11.39
CA ILE C 317 -5.34 -12.24 -12.48
C ILE C 317 -6.63 -12.73 -13.12
N GLY C 318 -7.41 -11.79 -13.65
CA GLY C 318 -8.67 -12.12 -14.29
C GLY C 318 -9.87 -11.79 -13.41
N ASN C 319 -11.00 -12.42 -13.70
CA ASN C 319 -12.22 -12.22 -12.93
C ASN C 319 -12.19 -13.06 -11.66
N CYS C 320 -11.68 -12.47 -10.58
CA CYS C 320 -11.34 -13.23 -9.39
C CYS C 320 -12.23 -12.92 -8.19
N PRO C 321 -12.37 -13.89 -7.28
CA PRO C 321 -12.98 -13.62 -5.97
C PRO C 321 -12.02 -12.84 -5.08
N ILE C 322 -12.54 -11.93 -4.27
CA ILE C 322 -11.70 -11.13 -3.39
C ILE C 322 -11.41 -11.88 -2.10
N TRP C 323 -10.13 -11.93 -1.71
CA TRP C 323 -9.72 -12.66 -0.52
C TRP C 323 -10.24 -11.99 0.76
N VAL C 324 -10.70 -12.81 1.70
CA VAL C 324 -11.11 -12.32 3.01
C VAL C 324 -10.54 -13.21 4.11
N LYS C 325 -10.41 -12.63 5.30
CA LYS C 325 -9.77 -13.31 6.43
C LYS C 325 -10.63 -14.43 7.02
N THR C 326 -11.94 -14.29 6.93
CA THR C 326 -12.87 -15.23 7.56
C THR C 326 -14.03 -15.56 6.62
N PRO C 327 -14.67 -16.72 6.82
CA PRO C 327 -15.81 -17.07 5.97
C PRO C 327 -17.03 -16.22 6.31
N LEU C 328 -17.18 -15.10 5.63
CA LEU C 328 -18.28 -14.19 5.88
C LEU C 328 -19.61 -14.76 5.41
N LYS C 329 -20.67 -14.45 6.15
CA LYS C 329 -22.01 -14.88 5.78
C LYS C 329 -22.99 -13.72 5.88
N LEU C 330 -23.85 -13.59 4.89
CA LEU C 330 -24.91 -12.59 4.93
C LEU C 330 -26.15 -13.20 5.56
N ALA C 331 -26.72 -12.51 6.53
CA ALA C 331 -27.91 -13.00 7.22
C ALA C 331 -29.09 -13.06 6.28
N ASN C 332 -29.74 -14.21 6.24
CA ASN C 332 -30.96 -14.38 5.46
C ASN C 332 -32.04 -15.05 6.29
N GLY C 333 -32.42 -14.40 7.38
CA GLY C 333 -33.41 -14.93 8.28
C GLY C 333 -33.57 -14.03 9.50
N THR C 334 -33.93 -14.62 10.63
CA THR C 334 -34.18 -13.84 11.84
C THR C 334 -33.32 -14.33 13.00
N LYS C 335 -32.98 -13.41 13.90
CA LYS C 335 -32.25 -13.74 15.12
C LYS C 335 -33.03 -14.76 15.95
N TYR C 336 -32.31 -15.75 16.49
CA TYR C 336 -32.94 -16.85 17.21
C TYR C 336 -33.89 -16.41 18.32
N ARG C 337 -35.05 -17.05 18.38
CA ARG C 337 -36.00 -16.84 19.45
C ARG C 337 -36.43 -18.17 20.08
N PRO C 338 -36.41 -18.24 21.41
CA PRO C 338 -36.94 -19.39 22.15
C PRO C 338 -38.45 -19.50 21.92
N PRO C 339 -39.00 -20.73 21.98
CA PRO C 339 -40.45 -20.89 21.81
C PRO C 339 -41.23 -20.14 22.89
N ALA C 340 -42.30 -19.48 22.49
CA ALA C 340 -43.09 -18.66 23.40
C ALA C 340 -43.85 -19.52 24.41
N LYS C 341 -43.76 -19.13 25.69
CA LYS C 341 -44.42 -19.85 26.75
C LYS C 341 -45.90 -19.46 26.86
N GLY D 1 -35.61 -6.68 19.16
CA GLY D 1 -34.37 -5.98 19.44
C GLY D 1 -34.46 -5.17 20.71
N PHE D 2 -33.76 -4.03 20.74
CA PHE D 2 -33.75 -3.18 21.92
C PHE D 2 -35.09 -2.47 22.06
N PHE D 3 -35.71 -2.15 20.93
CA PHE D 3 -37.03 -1.53 20.93
C PHE D 3 -38.05 -2.43 21.59
N GLY D 4 -38.22 -3.62 21.03
CA GLY D 4 -39.16 -4.61 21.55
C GLY D 4 -38.98 -4.95 23.01
N ALA D 5 -37.73 -4.98 23.47
CA ALA D 5 -37.44 -5.29 24.86
C ALA D 5 -37.98 -4.20 25.79
N ILE D 6 -37.79 -2.95 25.40
CA ILE D 6 -38.28 -1.82 26.18
C ILE D 6 -39.79 -1.64 25.99
N ALA D 7 -40.24 -1.81 24.76
CA ALA D 7 -41.66 -1.63 24.42
C ALA D 7 -42.52 -2.73 25.01
N GLY D 8 -41.88 -3.78 25.51
CA GLY D 8 -42.59 -4.92 26.06
C GLY D 8 -43.14 -5.83 24.99
N PHE D 9 -42.54 -5.80 23.80
CA PHE D 9 -42.88 -6.74 22.75
C PHE D 9 -42.49 -8.14 23.19
N LEU D 10 -43.20 -9.14 22.67
CA LEU D 10 -42.90 -10.53 23.01
C LEU D 10 -41.50 -10.91 22.55
N GLU D 11 -40.68 -11.36 23.49
CA GLU D 11 -39.29 -11.72 23.20
C GLU D 11 -39.18 -13.14 22.66
N GLY D 12 -40.20 -13.95 22.92
CA GLY D 12 -40.21 -15.32 22.43
C GLY D 12 -40.55 -15.38 20.95
N GLY D 13 -40.77 -16.60 20.45
CA GLY D 13 -41.08 -16.79 19.06
C GLY D 13 -42.06 -17.93 18.84
N TRP D 14 -42.63 -17.98 17.63
CA TRP D 14 -43.68 -18.95 17.34
C TRP D 14 -43.23 -19.97 16.30
N GLU D 15 -43.02 -21.21 16.75
CA GLU D 15 -42.60 -22.30 15.88
C GLU D 15 -43.62 -22.59 14.77
N GLY D 16 -44.87 -22.23 15.02
CA GLY D 16 -45.94 -22.46 14.05
C GLY D 16 -45.86 -21.54 12.85
N MET D 17 -45.05 -20.50 12.98
CA MET D 17 -44.85 -19.54 11.89
C MET D 17 -43.80 -20.09 10.94
N ILE D 18 -44.25 -20.81 9.91
CA ILE D 18 -43.33 -21.55 9.04
C ILE D 18 -43.24 -21.01 7.61
N ALA D 19 -44.28 -20.32 7.17
CA ALA D 19 -44.30 -19.83 5.79
C ALA D 19 -43.69 -18.43 5.68
N GLY D 20 -43.19 -17.91 6.78
CA GLY D 20 -42.64 -16.57 6.83
C GLY D 20 -41.82 -16.28 8.06
N TRP D 21 -41.14 -15.15 8.08
CA TRP D 21 -40.29 -14.77 9.20
C TRP D 21 -41.07 -14.00 10.26
N HIS D 22 -41.99 -13.15 9.79
CA HIS D 22 -42.77 -12.31 10.69
C HIS D 22 -44.26 -12.53 10.42
N GLY D 23 -45.10 -12.16 11.39
CA GLY D 23 -46.54 -12.31 11.22
C GLY D 23 -47.36 -11.96 12.44
N TYR D 24 -48.48 -12.68 12.61
CA TYR D 24 -49.43 -12.39 13.67
C TYR D 24 -49.77 -13.61 14.51
N THR D 25 -50.21 -13.36 15.74
CA THR D 25 -50.78 -14.41 16.57
C THR D 25 -52.15 -13.98 17.09
N SER D 26 -52.97 -14.95 17.48
CA SER D 26 -54.31 -14.66 17.98
C SER D 26 -54.61 -15.49 19.22
N HIS D 27 -55.02 -14.82 20.29
CA HIS D 27 -55.34 -15.48 21.55
C HIS D 27 -56.81 -15.30 21.92
N GLY D 28 -57.54 -16.42 21.99
CA GLY D 28 -58.93 -16.39 22.36
C GLY D 28 -59.39 -17.71 22.96
N ALA D 29 -60.63 -18.10 22.67
CA ALA D 29 -61.18 -19.34 23.18
C ALA D 29 -60.64 -20.53 22.40
N HIS D 30 -60.23 -20.28 21.16
CA HIS D 30 -59.65 -21.31 20.31
C HIS D 30 -58.26 -21.73 20.79
N GLY D 31 -57.66 -20.89 21.63
CA GLY D 31 -56.29 -21.11 22.08
C GLY D 31 -55.36 -20.07 21.51
N VAL D 32 -54.35 -20.51 20.77
CA VAL D 32 -53.38 -19.59 20.16
C VAL D 32 -53.19 -19.88 18.68
N ALA D 33 -53.70 -18.98 17.83
CA ALA D 33 -53.53 -19.09 16.38
C ALA D 33 -52.26 -18.37 15.92
N VAL D 34 -51.65 -18.88 14.84
CA VAL D 34 -50.42 -18.31 14.31
C VAL D 34 -50.44 -18.25 12.79
N ALA D 35 -50.15 -17.07 12.22
CA ALA D 35 -50.08 -16.91 10.78
C ALA D 35 -48.88 -16.04 10.38
N ALA D 36 -48.27 -16.39 9.25
CA ALA D 36 -47.13 -15.64 8.74
C ALA D 36 -47.56 -14.61 7.69
N ASP D 37 -46.94 -13.43 7.73
CA ASP D 37 -47.23 -12.39 6.75
C ASP D 37 -46.22 -12.44 5.60
N LEU D 38 -46.67 -12.88 4.43
CA LEU D 38 -45.77 -13.04 3.28
C LEU D 38 -45.24 -11.71 2.78
N LYS D 39 -46.04 -10.66 2.92
CA LYS D 39 -45.63 -9.33 2.48
C LYS D 39 -44.42 -8.86 3.28
N SER D 40 -44.47 -9.05 4.60
CA SER D 40 -43.38 -8.64 5.47
C SER D 40 -42.14 -9.49 5.21
N THR D 41 -42.36 -10.78 4.99
CA THR D 41 -41.26 -11.71 4.72
C THR D 41 -40.60 -11.40 3.37
N GLN D 42 -41.42 -11.13 2.35
CA GLN D 42 -40.91 -10.83 1.02
C GLN D 42 -40.08 -9.54 1.01
N GLU D 43 -40.57 -8.51 1.70
CA GLU D 43 -39.85 -7.25 1.80
C GLU D 43 -38.49 -7.45 2.46
N ALA D 44 -38.46 -8.27 3.50
CA ALA D 44 -37.22 -8.56 4.21
C ALA D 44 -36.25 -9.32 3.32
N ILE D 45 -36.78 -10.26 2.53
CA ILE D 45 -35.97 -11.06 1.62
C ILE D 45 -35.42 -10.21 0.48
N ASN D 46 -36.26 -9.29 -0.02
CA ASN D 46 -35.86 -8.40 -1.10
C ASN D 46 -34.73 -7.45 -0.68
N LYS D 47 -34.81 -6.93 0.53
CA LYS D 47 -33.77 -6.05 1.07
C LYS D 47 -32.43 -6.78 1.15
N ILE D 48 -32.47 -8.02 1.65
CA ILE D 48 -31.27 -8.84 1.77
C ILE D 48 -30.67 -9.16 0.39
N THR D 49 -31.53 -9.42 -0.57
CA THR D 49 -31.09 -9.76 -1.93
C THR D 49 -30.40 -8.56 -2.56
N LYS D 50 -30.99 -7.37 -2.38
CA LYS D 50 -30.38 -6.13 -2.85
C LYS D 50 -29.03 -5.92 -2.16
N ASN D 51 -28.97 -6.26 -0.89
CA ASN D 51 -27.76 -6.13 -0.10
C ASN D 51 -26.67 -7.08 -0.61
N LEU D 52 -27.09 -8.28 -1.00
CA LEU D 52 -26.17 -9.27 -1.56
C LEU D 52 -25.58 -8.79 -2.87
N ASN D 53 -26.43 -8.23 -3.74
CA ASN D 53 -25.98 -7.70 -5.02
C ASN D 53 -25.00 -6.54 -4.84
N SER D 54 -25.25 -5.71 -3.83
CA SER D 54 -24.39 -4.57 -3.55
C SER D 54 -23.00 -5.01 -3.10
N LEU D 55 -22.95 -5.98 -2.19
CA LEU D 55 -21.69 -6.53 -1.70
C LEU D 55 -20.93 -7.25 -2.82
N SER D 56 -21.67 -7.77 -3.80
CA SER D 56 -21.08 -8.55 -4.87
C SER D 56 -20.58 -7.68 -6.02
N GLU D 57 -20.83 -6.38 -5.93
CA GLU D 57 -20.46 -5.45 -6.99
C GLU D 57 -19.02 -4.95 -6.86
N LEU D 58 -18.41 -5.15 -5.70
CA LEU D 58 -17.07 -4.63 -5.44
C LEU D 58 -15.99 -5.25 -6.32
N GLU D 59 -15.22 -4.39 -6.99
CA GLU D 59 -14.06 -4.84 -7.75
C GLU D 59 -12.79 -4.17 -7.22
N VAL D 60 -11.74 -4.97 -7.06
CA VAL D 60 -10.43 -4.45 -6.68
C VAL D 60 -9.38 -4.91 -7.69
N LYS D 61 -8.34 -4.10 -7.86
CA LYS D 61 -7.27 -4.42 -8.82
C LYS D 61 -6.63 -5.77 -8.52
N ASN D 62 -6.35 -6.52 -9.56
CA ASN D 62 -5.59 -7.76 -9.43
C ASN D 62 -4.19 -7.48 -8.90
N LEU D 63 -3.64 -8.44 -8.16
CA LEU D 63 -2.24 -8.41 -7.80
C LEU D 63 -1.46 -9.41 -8.63
N GLN D 64 -0.61 -8.93 -9.51
CA GLN D 64 0.26 -9.82 -10.28
C GLN D 64 1.72 -9.50 -9.98
N ARG D 65 2.63 -10.13 -10.72
CA ARG D 65 4.05 -9.86 -10.56
C ARG D 65 4.44 -8.54 -11.19
N LEU D 66 5.52 -7.96 -10.68
CA LEU D 66 6.16 -6.83 -11.35
C LEU D 66 6.81 -7.35 -12.63
N SER D 67 6.72 -6.56 -13.69
CA SER D 67 7.27 -6.98 -14.98
C SER D 67 8.80 -6.80 -15.00
N GLY D 68 9.28 -5.80 -14.27
CA GLY D 68 10.69 -5.46 -14.27
C GLY D 68 11.53 -6.20 -13.26
N ALA D 69 10.98 -6.42 -12.06
CA ALA D 69 11.73 -7.02 -10.98
C ALA D 69 11.98 -8.51 -11.23
N MET D 70 13.26 -8.87 -11.34
CA MET D 70 13.63 -10.24 -11.66
C MET D 70 14.09 -11.02 -10.43
N ASN D 71 13.71 -12.29 -10.37
CA ASN D 71 14.15 -13.20 -9.31
C ASN D 71 15.67 -13.19 -9.13
N GLU D 72 16.12 -13.34 -7.89
CA GLU D 72 17.54 -13.33 -7.50
C GLU D 72 18.12 -11.93 -7.58
N LEU D 73 18.06 -11.33 -8.76
CA LEU D 73 18.62 -10.00 -8.99
C LEU D 73 17.93 -8.91 -8.16
N HIS D 74 16.61 -8.99 -8.05
CA HIS D 74 15.82 -7.93 -7.42
C HIS D 74 15.02 -8.42 -6.21
N ASP D 75 15.58 -9.37 -5.46
CA ASP D 75 14.87 -9.98 -4.35
C ASP D 75 14.41 -8.99 -3.27
N GLU D 76 15.25 -8.02 -2.95
CA GLU D 76 14.90 -7.01 -1.96
C GLU D 76 13.66 -6.24 -2.41
N ILE D 77 13.62 -5.90 -3.69
CA ILE D 77 12.46 -5.24 -4.28
C ILE D 77 11.24 -6.16 -4.20
N LEU D 78 11.47 -7.44 -4.50
CA LEU D 78 10.40 -8.43 -4.52
C LEU D 78 9.79 -8.65 -3.14
N GLU D 79 10.61 -8.50 -2.10
CA GLU D 79 10.13 -8.63 -0.72
C GLU D 79 9.16 -7.51 -0.40
N LEU D 80 9.50 -6.30 -0.83
CA LEU D 80 8.61 -5.16 -0.65
C LEU D 80 7.33 -5.36 -1.45
N ASP D 81 7.46 -5.94 -2.65
CA ASP D 81 6.31 -6.25 -3.48
C ASP D 81 5.40 -7.26 -2.78
N GLU D 82 6.02 -8.25 -2.14
CA GLU D 82 5.30 -9.23 -1.35
C GLU D 82 4.55 -8.56 -0.21
N LYS D 83 5.19 -7.57 0.40
CA LYS D 83 4.62 -6.83 1.52
C LYS D 83 3.43 -6.01 1.06
N VAL D 84 3.57 -5.36 -0.10
CA VAL D 84 2.49 -4.57 -0.69
C VAL D 84 1.26 -5.43 -0.93
N ASP D 85 1.46 -6.61 -1.51
CA ASP D 85 0.38 -7.56 -1.75
C ASP D 85 -0.33 -7.96 -0.45
N ASP D 86 0.47 -8.32 0.54
CA ASP D 86 -0.04 -8.77 1.84
C ASP D 86 -0.89 -7.70 2.51
N LEU D 87 -0.41 -6.47 2.49
CA LEU D 87 -1.12 -5.36 3.13
C LEU D 87 -2.39 -4.99 2.38
N ARG D 88 -2.36 -5.13 1.06
CA ARG D 88 -3.54 -4.90 0.23
C ARG D 88 -4.64 -5.89 0.63
N ALA D 89 -4.26 -7.17 0.68
CA ALA D 89 -5.19 -8.22 1.07
C ALA D 89 -5.75 -7.96 2.46
N ASP D 90 -4.88 -7.55 3.36
CA ASP D 90 -5.24 -7.25 4.75
C ASP D 90 -6.26 -6.11 4.83
N THR D 91 -5.96 -5.01 4.16
CA THR D 91 -6.78 -3.80 4.25
C THR D 91 -8.16 -3.99 3.62
N ILE D 92 -8.19 -4.57 2.43
CA ILE D 92 -9.45 -4.78 1.71
C ILE D 92 -10.34 -5.80 2.43
N SER D 93 -9.73 -6.82 3.01
CA SER D 93 -10.48 -7.82 3.76
C SER D 93 -11.23 -7.20 4.93
N SER D 94 -10.56 -6.30 5.64
CA SER D 94 -11.16 -5.65 6.80
C SER D 94 -12.25 -4.67 6.36
N GLN D 95 -12.05 -4.06 5.20
CA GLN D 95 -13.05 -3.16 4.64
C GLN D 95 -14.33 -3.92 4.30
N ILE D 96 -14.16 -5.09 3.69
CA ILE D 96 -15.28 -5.96 3.36
C ILE D 96 -15.94 -6.50 4.63
N GLU D 97 -15.11 -6.89 5.60
CA GLU D 97 -15.59 -7.34 6.91
C GLU D 97 -16.48 -6.26 7.55
N LEU D 98 -16.05 -5.01 7.42
CA LEU D 98 -16.84 -3.88 7.93
C LEU D 98 -18.15 -3.76 7.17
N ALA D 99 -18.08 -3.89 5.85
CA ALA D 99 -19.25 -3.75 4.99
C ALA D 99 -20.30 -4.83 5.28
N VAL D 100 -19.82 -6.03 5.58
CA VAL D 100 -20.72 -7.14 5.88
C VAL D 100 -21.32 -6.97 7.28
N LEU D 101 -20.50 -6.46 8.20
CA LEU D 101 -20.95 -6.18 9.56
C LEU D 101 -22.11 -5.20 9.57
N LEU D 102 -21.97 -4.13 8.80
CA LEU D 102 -22.99 -3.09 8.72
C LEU D 102 -24.26 -3.60 8.06
N SER D 103 -24.11 -4.52 7.11
CA SER D 103 -25.25 -5.10 6.42
C SER D 103 -26.06 -5.97 7.37
N ASN D 104 -25.37 -6.86 8.09
CA ASN D 104 -26.01 -7.74 9.05
C ASN D 104 -26.60 -6.97 10.22
N GLU D 105 -25.92 -5.91 10.63
CA GLU D 105 -26.43 -5.02 11.66
C GLU D 105 -27.80 -4.49 11.25
N GLY D 106 -27.89 -3.96 10.03
CA GLY D 106 -29.13 -3.43 9.51
C GLY D 106 -30.24 -4.47 9.43
N ILE D 107 -29.89 -5.66 8.96
CA ILE D 107 -30.88 -6.73 8.78
C ILE D 107 -31.48 -7.19 10.11
N ILE D 108 -30.61 -7.51 11.07
CA ILE D 108 -31.04 -7.97 12.39
C ILE D 108 -31.80 -6.88 13.15
N ASN D 109 -31.38 -5.63 12.97
CA ASN D 109 -31.97 -4.52 13.72
C ASN D 109 -33.32 -4.09 13.14
N SER D 110 -33.61 -4.50 11.92
CA SER D 110 -34.83 -4.09 11.24
C SER D 110 -36.02 -4.98 11.56
N GLU D 111 -35.79 -6.00 12.39
CA GLU D 111 -36.85 -6.94 12.75
C GLU D 111 -38.02 -6.25 13.44
N ASP D 112 -37.74 -5.45 14.47
CA ASP D 112 -38.79 -4.74 15.19
C ASP D 112 -39.51 -3.74 14.28
N GLU D 113 -38.81 -3.23 13.28
CA GLU D 113 -39.40 -2.28 12.34
C GLU D 113 -40.41 -2.97 11.43
N HIS D 114 -40.21 -4.26 11.17
CA HIS D 114 -41.18 -5.05 10.44
C HIS D 114 -42.43 -5.23 11.29
N LEU D 115 -42.22 -5.51 12.58
CA LEU D 115 -43.31 -5.65 13.54
C LEU D 115 -44.13 -4.36 13.64
N LEU D 116 -43.43 -3.23 13.72
CA LEU D 116 -44.09 -1.93 13.84
C LEU D 116 -44.92 -1.63 12.60
N ALA D 117 -44.44 -2.06 11.44
CA ALA D 117 -45.18 -1.89 10.19
C ALA D 117 -46.36 -2.85 10.15
N LEU D 118 -46.16 -4.03 10.72
CA LEU D 118 -47.22 -5.04 10.78
C LEU D 118 -48.35 -4.59 11.70
N GLU D 119 -47.99 -3.77 12.69
CA GLU D 119 -48.99 -3.16 13.56
C GLU D 119 -49.97 -2.32 12.76
N ARG D 120 -49.45 -1.56 11.81
CA ARG D 120 -50.25 -0.64 11.01
C ARG D 120 -51.13 -1.40 10.01
N LYS D 121 -50.65 -2.55 9.55
CA LYS D 121 -51.44 -3.39 8.66
C LYS D 121 -52.60 -4.02 9.43
N LEU D 122 -52.30 -4.48 10.63
CA LEU D 122 -53.30 -5.09 11.51
C LEU D 122 -54.35 -4.08 11.98
N LYS D 123 -53.87 -2.93 12.45
CA LYS D 123 -54.73 -1.88 13.00
C LYS D 123 -55.83 -1.44 12.05
N LYS D 124 -55.49 -1.19 10.79
CA LYS D 124 -56.44 -0.72 9.80
C LYS D 124 -57.58 -1.73 9.57
N MET D 125 -57.22 -3.00 9.44
CA MET D 125 -58.20 -4.05 9.19
C MET D 125 -59.13 -4.27 10.38
N LEU D 126 -58.59 -4.13 11.58
CA LEU D 126 -59.35 -4.40 12.80
C LEU D 126 -60.42 -3.34 13.05
N GLY D 127 -60.27 -2.18 12.41
CA GLY D 127 -61.28 -1.14 12.51
C GLY D 127 -61.22 -0.33 13.80
N PRO D 128 -62.07 0.72 13.89
CA PRO D 128 -62.12 1.66 15.01
C PRO D 128 -62.60 1.04 16.32
N SER D 129 -63.16 -0.17 16.26
CA SER D 129 -63.72 -0.80 17.45
C SER D 129 -62.66 -1.57 18.23
N ALA D 130 -61.48 -1.73 17.64
CA ALA D 130 -60.38 -2.42 18.31
C ALA D 130 -59.60 -1.46 19.19
N VAL D 131 -58.93 -2.01 20.21
CA VAL D 131 -58.19 -1.20 21.17
C VAL D 131 -56.70 -1.50 21.12
N GLU D 132 -55.92 -0.51 20.70
CA GLU D 132 -54.47 -0.66 20.61
C GLU D 132 -53.85 -0.64 22.01
N ILE D 133 -53.20 -1.73 22.38
CA ILE D 133 -52.61 -1.86 23.71
C ILE D 133 -51.28 -1.13 23.81
N GLY D 134 -50.44 -1.31 22.80
CA GLY D 134 -49.14 -0.65 22.77
C GLY D 134 -47.97 -1.62 22.75
N ASN D 135 -48.19 -2.82 23.29
CA ASN D 135 -47.15 -3.84 23.33
C ASN D 135 -47.12 -4.67 22.05
N GLY D 136 -47.74 -4.16 20.99
CA GLY D 136 -47.80 -4.86 19.72
C GLY D 136 -49.08 -5.65 19.57
N CYS D 137 -49.99 -5.50 20.52
CA CYS D 137 -51.23 -6.26 20.50
C CYS D 137 -52.46 -5.36 20.41
N PHE D 138 -53.53 -5.91 19.83
CA PHE D 138 -54.81 -5.23 19.77
C PHE D 138 -55.90 -6.08 20.41
N GLU D 139 -56.83 -5.44 21.11
CA GLU D 139 -57.96 -6.16 21.69
C GLU D 139 -59.21 -6.01 20.81
N THR D 140 -59.78 -7.15 20.41
CA THR D 140 -60.92 -7.14 19.50
C THR D 140 -62.23 -7.53 20.18
N LYS D 141 -63.34 -7.05 19.62
CA LYS D 141 -64.66 -7.40 20.11
C LYS D 141 -65.09 -8.78 19.64
N HIS D 142 -64.55 -9.19 18.48
CA HIS D 142 -64.93 -10.44 17.86
C HIS D 142 -63.98 -11.57 18.21
N LYS D 143 -64.40 -12.79 17.90
CA LYS D 143 -63.51 -13.94 17.99
C LYS D 143 -62.62 -13.88 16.77
N CYS D 144 -61.38 -14.35 16.90
CA CYS D 144 -60.49 -14.39 15.76
C CYS D 144 -59.67 -15.67 15.80
N ASN D 145 -60.28 -16.74 15.30
CA ASN D 145 -59.63 -18.03 15.28
C ASN D 145 -58.66 -18.12 14.10
N GLN D 146 -58.04 -19.28 13.93
CA GLN D 146 -57.06 -19.50 12.86
C GLN D 146 -57.58 -19.11 11.48
N THR D 147 -58.86 -19.33 11.23
CA THR D 147 -59.44 -18.95 9.94
C THR D 147 -59.44 -17.43 9.81
N CYS D 148 -59.81 -16.74 10.89
CA CYS D 148 -59.82 -15.29 10.90
C CYS D 148 -58.43 -14.70 10.69
N LEU D 149 -57.44 -15.33 11.32
CA LEU D 149 -56.06 -14.85 11.25
C LEU D 149 -55.49 -14.91 9.83
N ASP D 150 -55.82 -15.96 9.10
CA ASP D 150 -55.34 -16.10 7.73
C ASP D 150 -55.83 -14.95 6.84
N ARG D 151 -57.03 -14.48 7.10
CA ARG D 151 -57.58 -13.35 6.34
C ARG D 151 -56.82 -12.06 6.66
N ILE D 152 -56.34 -11.96 7.90
CA ILE D 152 -55.55 -10.83 8.34
C ILE D 152 -54.19 -10.84 7.64
N ALA D 153 -53.49 -11.96 7.71
CA ALA D 153 -52.20 -12.10 7.04
C ALA D 153 -52.31 -11.84 5.53
N ALA D 154 -53.40 -12.30 4.93
CA ALA D 154 -53.61 -12.13 3.50
C ALA D 154 -54.16 -10.75 3.16
N GLY D 155 -54.49 -9.97 4.19
CA GLY D 155 -54.98 -8.62 3.98
C GLY D 155 -56.40 -8.56 3.43
N THR D 156 -57.18 -9.61 3.69
CA THR D 156 -58.54 -9.69 3.16
C THR D 156 -59.58 -9.54 4.27
N PHE D 157 -59.14 -9.59 5.52
CA PHE D 157 -60.02 -9.45 6.67
C PHE D 157 -60.82 -8.15 6.64
N ASN D 158 -62.13 -8.26 6.80
CA ASN D 158 -62.98 -7.09 6.93
C ASN D 158 -63.68 -7.10 8.28
N ALA D 159 -63.85 -5.92 8.88
CA ALA D 159 -64.50 -5.80 10.17
C ALA D 159 -66.01 -5.97 10.01
N GLY D 160 -66.50 -5.70 8.81
CA GLY D 160 -67.90 -5.85 8.49
C GLY D 160 -68.34 -7.30 8.54
N ASP D 161 -67.37 -8.21 8.57
CA ASP D 161 -67.66 -9.65 8.67
C ASP D 161 -68.10 -10.01 10.08
N PHE D 162 -68.08 -9.03 10.98
CA PHE D 162 -68.63 -9.17 12.32
C PHE D 162 -69.54 -7.99 12.62
N SER D 163 -69.98 -7.31 11.56
CA SER D 163 -70.85 -6.13 11.66
C SER D 163 -70.22 -5.01 12.49
N LEU D 164 -68.90 -5.05 12.61
CA LEU D 164 -68.16 -4.00 13.32
C LEU D 164 -67.75 -2.93 12.32
N PRO D 165 -67.55 -1.68 12.79
CA PRO D 165 -67.24 -0.61 11.84
C PRO D 165 -65.84 -0.72 11.25
N THR D 166 -65.67 -0.23 10.03
CA THR D 166 -64.37 -0.21 9.39
C THR D 166 -63.86 1.20 9.13
N PHE D 167 -62.57 1.34 8.93
CA PHE D 167 -62.02 2.55 8.33
C PHE D 167 -62.26 2.49 6.83
N ASP D 168 -63.02 3.42 6.29
CA ASP D 168 -63.38 3.37 4.87
C ASP D 168 -62.17 3.63 3.98
N ASP E 1 -53.24 14.30 34.94
CA ASP E 1 -51.85 14.72 34.78
C ASP E 1 -51.29 14.33 33.42
N ARG E 2 -50.13 14.88 33.09
CA ARG E 2 -49.46 14.58 31.83
C ARG E 2 -48.15 13.84 32.05
N ILE E 3 -48.11 12.58 31.65
CA ILE E 3 -46.90 11.78 31.77
C ILE E 3 -46.18 11.71 30.42
N CYS E 4 -44.89 12.04 30.42
CA CYS E 4 -44.14 12.12 29.17
C CYS E 4 -42.86 11.30 29.19
N THR E 5 -42.33 11.03 28.00
CA THR E 5 -41.01 10.42 27.86
C THR E 5 -39.97 11.52 27.70
N GLY E 6 -38.88 11.44 28.46
CA GLY E 6 -37.88 12.48 28.43
C GLY E 6 -36.45 11.98 28.48
N ILE E 7 -35.52 12.85 28.11
CA ILE E 7 -34.10 12.51 28.10
C ILE E 7 -33.40 13.39 29.14
N THR E 8 -32.39 12.84 29.80
CA THR E 8 -31.67 13.56 30.86
C THR E 8 -30.96 14.81 30.37
N SER E 9 -30.43 15.57 31.33
CA SER E 9 -29.62 16.74 31.05
C SER E 9 -28.52 16.86 32.09
N SER E 10 -27.29 16.63 31.66
CA SER E 10 -26.14 16.70 32.56
C SER E 10 -25.02 17.47 31.88
N ASN E 11 -23.91 17.67 32.59
CA ASN E 11 -22.74 18.31 32.00
C ASN E 11 -22.24 17.51 30.80
N SER E 12 -22.07 18.19 29.67
CA SER E 12 -21.70 17.51 28.43
C SER E 12 -20.47 18.11 27.75
N PRO E 13 -19.28 17.88 28.33
CA PRO E 13 -18.04 18.47 27.82
C PRO E 13 -17.43 17.70 26.65
N HIS E 14 -17.82 16.45 26.47
CA HIS E 14 -17.23 15.60 25.44
C HIS E 14 -17.94 15.78 24.10
N VAL E 15 -17.18 15.68 23.02
CA VAL E 15 -17.72 15.88 21.68
C VAL E 15 -17.39 14.70 20.76
N VAL E 16 -18.40 14.23 20.04
CA VAL E 16 -18.20 13.20 19.01
C VAL E 16 -18.78 13.67 17.69
N LYS E 17 -18.29 13.10 16.59
CA LYS E 17 -18.81 13.43 15.27
C LYS E 17 -19.86 12.44 14.83
N THR E 18 -20.90 12.94 14.18
CA THR E 18 -21.92 12.07 13.58
C THR E 18 -22.00 12.37 12.08
N ALA E 19 -22.67 11.48 11.35
CA ALA E 19 -22.82 11.67 9.92
C ALA E 19 -23.87 12.73 9.58
N THR E 20 -24.99 12.72 10.28
CA THR E 20 -26.13 13.55 9.90
C THR E 20 -26.43 14.71 10.86
N GLN E 21 -25.64 14.83 11.92
CA GLN E 21 -25.88 15.91 12.89
C GLN E 21 -24.61 16.67 13.24
N GLY E 22 -23.53 16.43 12.50
CA GLY E 22 -22.26 17.09 12.75
C GLY E 22 -21.67 16.70 14.09
N GLU E 23 -20.88 17.60 14.68
CA GLU E 23 -20.33 17.37 16.01
C GLU E 23 -21.38 17.66 17.08
N VAL E 24 -21.50 16.75 18.04
CA VAL E 24 -22.46 16.93 19.13
C VAL E 24 -21.82 16.68 20.49
N ASN E 25 -22.23 17.48 21.48
CA ASN E 25 -21.81 17.26 22.86
C ASN E 25 -22.53 16.05 23.43
N VAL E 26 -21.87 15.34 24.35
CA VAL E 26 -22.48 14.19 25.00
C VAL E 26 -22.12 14.15 26.48
N THR E 27 -22.90 13.41 27.26
CA THR E 27 -22.71 13.35 28.71
C THR E 27 -21.54 12.45 29.07
N GLY E 28 -21.23 11.48 28.22
CA GLY E 28 -20.17 10.53 28.49
C GLY E 28 -19.62 9.86 27.24
N VAL E 29 -18.32 9.59 27.24
CA VAL E 29 -17.70 8.86 26.15
C VAL E 29 -16.76 7.76 26.65
N ILE E 30 -16.57 6.75 25.81
CA ILE E 30 -15.53 5.77 26.04
C ILE E 30 -14.36 6.08 25.14
N PRO E 31 -13.21 6.42 25.74
CA PRO E 31 -11.99 6.72 24.96
C PRO E 31 -11.50 5.48 24.21
N LEU E 32 -11.17 5.64 22.94
CA LEU E 32 -10.71 4.52 22.13
C LEU E 32 -9.20 4.55 21.93
N THR E 33 -8.60 5.68 22.28
CA THR E 33 -7.16 5.87 22.08
C THR E 33 -6.42 6.34 23.33
N THR E 34 -5.11 6.19 23.30
CA THR E 34 -4.20 6.85 24.23
C THR E 34 -2.99 7.31 23.45
N THR E 35 -2.29 8.31 23.98
CA THR E 35 -0.98 8.65 23.43
C THR E 35 0.09 8.00 24.29
N PRO E 36 0.75 6.96 23.77
CA PRO E 36 1.74 6.21 24.53
C PRO E 36 2.94 7.06 24.94
N THR E 37 3.66 6.63 25.96
CA THR E 37 4.88 7.31 26.39
C THR E 37 6.10 6.45 26.10
N ARG E 38 7.24 7.10 25.84
CA ARG E 38 8.47 6.38 25.52
C ARG E 38 9.00 5.58 26.72
N SER E 39 9.30 4.32 26.47
CA SER E 39 9.90 3.46 27.49
C SER E 39 11.07 2.69 26.91
N HIS E 40 11.81 2.04 27.79
CA HIS E 40 12.79 1.04 27.38
C HIS E 40 12.14 -0.05 26.54
N PHE E 41 12.89 -0.62 25.60
CA PHE E 41 12.40 -1.76 24.85
C PHE E 41 12.41 -3.01 25.72
N ALA E 42 11.79 -4.08 25.25
CA ALA E 42 11.61 -5.27 26.07
C ALA E 42 11.41 -6.52 25.23
N ASN E 43 11.32 -7.66 25.91
CA ASN E 43 10.98 -8.92 25.25
C ASN E 43 9.52 -8.91 24.82
N LEU E 44 9.26 -9.37 23.59
CA LEU E 44 7.90 -9.51 23.11
C LEU E 44 7.24 -10.69 23.80
N LYS E 45 6.12 -10.43 24.45
CA LYS E 45 5.40 -11.47 25.17
C LYS E 45 5.02 -12.63 24.22
N GLY E 46 5.38 -13.85 24.61
CA GLY E 46 5.05 -15.02 23.83
C GLY E 46 5.94 -15.24 22.64
N THR E 47 7.11 -14.58 22.64
CA THR E 47 8.03 -14.69 21.52
C THR E 47 9.46 -14.35 21.95
N GLN E 48 10.37 -15.30 21.78
CA GLN E 48 11.77 -15.10 22.08
C GLN E 48 12.36 -13.97 21.23
N THR E 49 12.96 -12.98 21.88
CA THR E 49 13.36 -11.75 21.21
C THR E 49 14.87 -11.54 21.16
N ARG E 50 15.40 -11.46 19.94
CA ARG E 50 16.84 -11.30 19.71
C ARG E 50 17.33 -9.87 19.87
N GLY E 51 18.41 -9.70 20.62
CA GLY E 51 19.09 -8.42 20.72
C GLY E 51 20.45 -8.56 20.05
N LYS E 52 21.47 -8.86 20.86
CA LYS E 52 22.77 -9.25 20.33
C LYS E 52 22.66 -10.59 19.61
N LEU E 53 23.40 -10.74 18.52
CA LEU E 53 23.41 -11.99 17.76
C LEU E 53 23.83 -13.17 18.63
N CYS E 54 24.95 -13.00 19.34
CA CYS E 54 25.49 -14.05 20.20
C CYS E 54 25.56 -13.59 21.65
N PRO E 55 24.55 -13.96 22.46
CA PRO E 55 24.45 -13.54 23.86
C PRO E 55 25.65 -13.98 24.70
N ASN E 56 26.17 -15.19 24.46
CA ASN E 56 27.28 -15.71 25.25
C ASN E 56 28.64 -15.23 24.74
N CYS E 57 28.64 -14.48 23.65
CA CYS E 57 29.87 -13.89 23.14
C CYS E 57 30.13 -12.55 23.82
N PHE E 58 30.85 -12.60 24.94
CA PHE E 58 31.10 -11.43 25.77
C PHE E 58 32.20 -10.55 25.16
N ASN E 59 32.09 -9.23 25.36
CA ASN E 59 33.01 -8.24 24.75
C ASN E 59 32.98 -8.29 23.24
N CYS E 60 31.89 -8.78 22.67
CA CYS E 60 31.78 -8.86 21.22
C CYS E 60 30.60 -8.07 20.69
N THR E 61 30.85 -7.27 19.66
CA THR E 61 29.79 -6.58 18.97
C THR E 61 29.18 -7.57 17.98
N ASP E 62 28.00 -7.25 17.46
CA ASP E 62 27.36 -8.11 16.48
C ASP E 62 28.22 -8.26 15.23
N LEU E 63 28.87 -7.18 14.82
CA LEU E 63 29.76 -7.21 13.66
C LEU E 63 30.99 -8.07 13.94
N ASP E 64 31.50 -8.00 15.17
CA ASP E 64 32.60 -8.86 15.60
C ASP E 64 32.24 -10.33 15.38
N VAL E 65 31.07 -10.71 15.86
CA VAL E 65 30.60 -12.09 15.74
C VAL E 65 30.38 -12.47 14.28
N ALA E 66 29.84 -11.53 13.50
CA ALA E 66 29.52 -11.79 12.10
C ALA E 66 30.78 -12.00 11.26
N LEU E 67 31.87 -11.35 11.66
CA LEU E 67 33.14 -11.48 10.95
C LEU E 67 33.94 -12.67 11.44
N GLY E 68 33.49 -13.29 12.53
CA GLY E 68 34.18 -14.44 13.08
C GLY E 68 35.46 -14.05 13.81
N ARG E 69 35.43 -12.87 14.43
CA ARG E 69 36.53 -12.42 15.27
C ARG E 69 36.83 -13.44 16.35
N PRO E 70 38.12 -13.76 16.55
CA PRO E 70 38.53 -14.70 17.61
C PRO E 70 37.98 -14.29 18.97
N LYS E 71 37.63 -15.29 19.79
CA LYS E 71 36.98 -15.11 21.10
C LYS E 71 35.50 -14.80 20.96
N CYS E 72 35.04 -14.57 19.74
CA CYS E 72 33.67 -14.16 19.50
C CYS E 72 32.89 -15.22 18.71
N MET E 73 33.06 -16.48 19.08
CA MET E 73 32.26 -17.55 18.50
C MET E 73 31.36 -18.21 19.53
N GLY E 74 30.07 -18.32 19.20
CA GLY E 74 29.11 -18.95 20.09
C GLY E 74 27.83 -19.33 19.39
N ASN E 75 26.87 -19.84 20.17
CA ASN E 75 25.56 -20.19 19.66
C ASN E 75 24.73 -18.96 19.28
N ILE E 76 24.21 -18.95 18.05
CA ILE E 76 23.31 -17.89 17.62
C ILE E 76 21.87 -18.41 17.70
N PRO E 77 21.17 -18.07 18.80
CA PRO E 77 19.79 -18.55 19.03
C PRO E 77 18.82 -18.10 17.95
N SER E 78 17.91 -18.98 17.57
CA SER E 78 16.84 -18.60 16.63
C SER E 78 15.85 -17.66 17.28
N ALA E 79 15.31 -16.74 16.50
CA ALA E 79 14.34 -15.77 17.00
C ALA E 79 13.42 -15.29 15.89
N LYS E 80 12.12 -15.29 16.17
CA LYS E 80 11.13 -14.80 15.21
C LYS E 80 11.01 -13.28 15.28
N VAL E 81 11.71 -12.68 16.25
CA VAL E 81 11.69 -11.24 16.44
C VAL E 81 13.07 -10.73 16.83
N SER E 82 13.56 -9.73 16.09
CA SER E 82 14.89 -9.20 16.33
C SER E 82 14.88 -7.68 16.42
N ILE E 83 15.73 -7.14 17.29
CA ILE E 83 15.86 -5.71 17.46
C ILE E 83 17.12 -5.18 16.77
N LEU E 84 16.93 -4.28 15.81
CA LEU E 84 18.05 -3.63 15.16
C LEU E 84 18.50 -2.44 16.01
N HIS E 85 19.58 -2.62 16.76
CA HIS E 85 20.02 -1.62 17.72
C HIS E 85 21.25 -0.84 17.22
N GLU E 86 21.76 -1.22 16.06
CA GLU E 86 22.87 -0.51 15.43
C GLU E 86 22.58 -0.24 13.96
N VAL E 87 22.21 0.99 13.64
CA VAL E 87 21.95 1.35 12.25
C VAL E 87 23.22 1.26 11.41
N LYS E 88 24.37 1.50 12.06
CA LYS E 88 25.66 1.35 11.40
C LYS E 88 26.63 0.64 12.34
N PRO E 89 26.56 -0.71 12.37
CA PRO E 89 27.31 -1.58 13.27
C PRO E 89 28.82 -1.35 13.25
N VAL E 90 29.46 -1.55 14.40
CA VAL E 90 30.90 -1.31 14.52
C VAL E 90 31.64 -2.54 15.04
N THR E 91 32.93 -2.62 14.74
CA THR E 91 33.80 -3.63 15.31
C THR E 91 34.42 -3.09 16.59
N SER E 92 34.99 -3.97 17.40
CA SER E 92 35.63 -3.56 18.64
C SER E 92 36.94 -4.30 18.88
N GLY E 93 37.53 -4.83 17.82
CA GLY E 93 38.76 -5.58 17.93
C GLY E 93 39.34 -6.05 16.61
N CYS E 94 40.38 -6.87 16.71
CA CYS E 94 41.01 -7.54 15.57
C CYS E 94 41.66 -6.57 14.58
N TYR E 95 41.96 -7.06 13.38
CA TYR E 95 42.73 -6.32 12.39
C TYR E 95 41.96 -5.13 11.83
N PRO E 96 42.63 -3.98 11.69
CA PRO E 96 42.00 -2.74 11.21
C PRO E 96 41.32 -2.90 9.84
N ILE E 97 40.04 -2.57 9.80
CA ILE E 97 39.26 -2.66 8.57
C ILE E 97 38.91 -1.27 8.08
N MET E 98 38.92 -1.08 6.76
CA MET E 98 38.38 0.13 6.17
C MET E 98 36.92 -0.12 5.81
N HIS E 99 36.07 -0.03 6.84
CA HIS E 99 34.68 -0.48 6.78
C HIS E 99 33.85 0.15 5.67
N ASP E 100 33.90 1.48 5.59
CA ASP E 100 33.01 2.24 4.72
C ASP E 100 33.34 2.13 3.24
N ARG E 101 34.34 1.33 2.90
CA ARG E 101 34.69 1.12 1.50
C ARG E 101 33.87 -0.03 0.91
N THR E 102 33.13 -0.71 1.76
CA THR E 102 32.17 -1.74 1.32
C THR E 102 30.86 -1.63 2.08
N LYS E 103 29.99 -2.61 1.86
CA LYS E 103 28.70 -2.68 2.52
C LYS E 103 28.77 -3.52 3.80
N ILE E 104 29.99 -3.85 4.20
CA ILE E 104 30.23 -4.85 5.25
C ILE E 104 29.56 -4.56 6.60
N ARG E 105 29.40 -3.29 6.94
CA ARG E 105 28.85 -2.93 8.24
C ARG E 105 27.46 -3.53 8.47
N GLN E 106 26.67 -3.59 7.40
CA GLN E 106 25.29 -4.04 7.50
C GLN E 106 25.14 -5.56 7.65
N LEU E 107 26.25 -6.28 7.52
CA LEU E 107 26.23 -7.75 7.56
C LEU E 107 25.47 -8.35 8.75
N PRO E 108 25.74 -7.89 9.98
CA PRO E 108 24.97 -8.49 11.08
C PRO E 108 23.49 -8.11 11.05
N ASN E 109 23.16 -6.98 10.45
CA ASN E 109 21.77 -6.58 10.30
C ASN E 109 21.09 -7.44 9.24
N LEU E 110 21.86 -7.89 8.26
CA LEU E 110 21.36 -8.83 7.27
C LEU E 110 21.10 -10.19 7.90
N LEU E 111 21.99 -10.61 8.79
CA LEU E 111 21.86 -11.90 9.44
C LEU E 111 20.61 -11.94 10.33
N ARG E 112 20.40 -10.88 11.11
CA ARG E 112 19.28 -10.85 12.06
C ARG E 112 17.93 -10.83 11.37
N GLY E 113 17.92 -10.63 10.07
CA GLY E 113 16.68 -10.68 9.30
C GLY E 113 16.18 -12.10 9.13
N TYR E 114 17.06 -13.07 9.37
CA TYR E 114 16.70 -14.48 9.29
C TYR E 114 16.28 -15.00 10.66
N GLU E 115 15.40 -16.00 10.68
CA GLU E 115 15.02 -16.65 11.93
C GLU E 115 16.19 -17.49 12.47
N ASN E 116 16.75 -18.33 11.61
CA ASN E 116 17.83 -19.22 12.03
C ASN E 116 19.18 -18.78 11.47
N ILE E 117 20.19 -18.71 12.35
CA ILE E 117 21.52 -18.30 11.95
C ILE E 117 22.58 -19.25 12.51
N ARG E 118 23.37 -19.85 11.63
CA ARG E 118 24.47 -20.68 12.08
C ARG E 118 25.72 -20.49 11.22
N LEU E 119 26.88 -20.67 11.84
CA LEU E 119 28.15 -20.66 11.12
C LEU E 119 28.50 -22.09 10.70
N SER E 120 28.97 -22.24 9.46
CA SER E 120 29.35 -23.56 8.97
C SER E 120 30.50 -24.13 9.78
N THR E 121 30.60 -25.45 9.82
CA THR E 121 31.66 -26.11 10.60
C THR E 121 32.84 -26.46 9.71
N SER E 122 32.58 -26.66 8.42
CA SER E 122 33.64 -26.89 7.45
C SER E 122 33.94 -25.63 6.65
N ASN E 123 35.16 -25.54 6.13
CA ASN E 123 35.55 -24.39 5.32
C ASN E 123 34.98 -24.51 3.91
N VAL E 124 34.69 -23.36 3.28
CA VAL E 124 34.05 -23.36 1.97
C VAL E 124 35.12 -23.42 0.87
N ILE E 125 36.34 -23.00 1.22
CA ILE E 125 37.47 -23.09 0.31
C ILE E 125 38.66 -23.71 1.04
N ASN E 126 39.29 -24.70 0.42
CA ASN E 126 40.52 -25.27 0.96
C ASN E 126 41.73 -24.47 0.48
N THR E 127 42.41 -23.82 1.43
CA THR E 127 43.52 -22.93 1.10
C THR E 127 44.70 -23.64 0.46
N GLU E 128 44.80 -24.95 0.65
CA GLU E 128 45.94 -25.71 0.15
C GLU E 128 45.74 -26.15 -1.30
N THR E 129 44.56 -25.88 -1.86
CA THR E 129 44.27 -26.17 -3.25
C THR E 129 43.74 -24.93 -3.96
N ALA E 130 43.71 -23.82 -3.23
CA ALA E 130 43.20 -22.56 -3.77
C ALA E 130 44.10 -22.01 -4.87
N PRO E 131 43.50 -21.48 -5.94
CA PRO E 131 44.22 -20.88 -7.07
C PRO E 131 45.19 -19.79 -6.63
N GLY E 132 46.34 -19.71 -7.28
CA GLY E 132 47.31 -18.67 -7.00
C GLY E 132 48.54 -19.18 -6.26
N GLY E 133 49.11 -20.26 -6.77
CA GLY E 133 50.29 -20.86 -6.15
C GLY E 133 50.00 -21.41 -4.76
N PRO E 134 51.03 -21.97 -4.11
CA PRO E 134 50.86 -22.51 -2.76
C PRO E 134 50.78 -21.41 -1.71
N TYR E 135 49.96 -21.62 -0.68
CA TYR E 135 49.77 -20.61 0.36
C TYR E 135 50.14 -21.12 1.75
N LYS E 136 50.51 -20.19 2.62
CA LYS E 136 50.51 -20.45 4.05
C LYS E 136 49.47 -19.53 4.70
N VAL E 137 49.02 -19.89 5.90
CA VAL E 137 47.96 -19.14 6.57
C VAL E 137 48.52 -18.13 7.56
N GLY E 138 48.28 -16.85 7.28
CA GLY E 138 48.78 -15.78 8.13
C GLY E 138 47.87 -15.48 9.30
N THR E 139 48.46 -14.93 10.36
CA THR E 139 47.72 -14.56 11.56
C THR E 139 48.21 -13.20 12.05
N SER E 140 47.59 -12.68 13.11
CA SER E 140 47.98 -11.38 13.64
C SER E 140 47.87 -11.29 15.15
N GLY E 141 48.67 -10.41 15.73
CA GLY E 141 48.60 -10.14 17.17
C GLY E 141 47.36 -9.32 17.47
N SER E 142 46.83 -8.67 16.44
CA SER E 142 45.58 -7.92 16.55
C SER E 142 44.41 -8.84 16.84
N CYS E 143 44.54 -10.11 16.48
CA CYS E 143 43.45 -11.06 16.61
C CYS E 143 43.82 -12.27 17.47
N PRO E 144 44.06 -12.05 18.78
CA PRO E 144 44.45 -13.15 19.67
C PRO E 144 43.32 -14.17 19.80
N ASN E 145 43.62 -15.46 19.69
CA ASN E 145 42.56 -16.44 19.73
C ASN E 145 42.25 -16.80 21.20
N VAL E 146 41.49 -17.87 21.43
CA VAL E 146 41.02 -18.20 22.78
C VAL E 146 42.15 -18.55 23.75
N THR E 147 43.32 -18.91 23.21
CA THR E 147 44.49 -19.15 24.04
C THR E 147 45.52 -18.05 23.85
N ASN E 148 45.05 -16.91 23.34
CA ASN E 148 45.86 -15.69 23.19
C ASN E 148 47.03 -15.84 22.22
N GLY E 149 46.91 -16.81 21.31
CA GLY E 149 47.87 -16.92 20.22
C GLY E 149 47.39 -16.11 19.04
N ASN E 150 48.30 -15.79 18.12
CA ASN E 150 47.96 -15.02 16.93
C ASN E 150 46.91 -15.70 16.06
N GLY E 151 45.89 -14.96 15.64
CA GLY E 151 44.83 -15.55 14.87
C GLY E 151 44.26 -14.59 13.84
N PHE E 152 43.06 -14.90 13.35
CA PHE E 152 42.40 -14.09 12.34
C PHE E 152 40.91 -14.36 12.32
N PHE E 153 40.16 -13.51 11.63
CA PHE E 153 38.73 -13.73 11.41
C PHE E 153 38.48 -15.16 10.93
N ASN E 154 37.63 -15.89 11.63
CA ASN E 154 37.36 -17.29 11.32
C ASN E 154 36.51 -17.44 10.06
N THR E 155 35.95 -16.34 9.57
CA THR E 155 35.16 -16.37 8.34
C THR E 155 36.06 -16.29 7.11
N MET E 156 37.32 -15.96 7.33
CA MET E 156 38.25 -15.73 6.22
C MET E 156 39.61 -16.38 6.47
N ALA E 157 40.43 -16.42 5.43
CA ALA E 157 41.80 -16.93 5.52
C ALA E 157 42.78 -15.95 4.89
N TRP E 158 43.63 -15.37 5.71
CA TRP E 158 44.69 -14.50 5.21
C TRP E 158 45.80 -15.34 4.59
N VAL E 159 45.62 -15.69 3.31
CA VAL E 159 46.59 -16.54 2.62
C VAL E 159 47.81 -15.76 2.15
N ILE E 160 48.99 -16.30 2.46
CA ILE E 160 50.26 -15.70 2.05
C ILE E 160 51.02 -16.64 1.14
N PRO E 161 51.52 -16.13 0.00
CA PRO E 161 52.36 -16.94 -0.89
C PRO E 161 53.63 -17.41 -0.19
N LYS E 162 54.00 -18.67 -0.39
CA LYS E 162 55.23 -19.21 0.20
C LYS E 162 56.46 -18.47 -0.30
N ASP E 163 57.57 -18.63 0.42
CA ASP E 163 58.80 -17.90 0.13
C ASP E 163 59.31 -18.10 -1.30
N ASN E 164 58.99 -19.25 -1.88
CA ASN E 164 59.38 -19.52 -3.26
C ASN E 164 58.25 -19.19 -4.23
N ASN E 165 57.32 -18.35 -3.77
CA ASN E 165 56.13 -18.02 -4.56
C ASN E 165 55.78 -16.54 -4.42
N LYS E 166 56.71 -15.77 -3.88
CA LYS E 166 56.53 -14.32 -3.75
C LYS E 166 56.56 -13.66 -5.12
N ILE E 167 55.47 -13.81 -5.88
CA ILE E 167 55.43 -13.28 -7.23
C ILE E 167 54.02 -12.79 -7.56
N ALA E 168 53.94 -11.80 -8.45
CA ALA E 168 52.66 -11.28 -8.93
C ALA E 168 51.89 -12.32 -9.72
N ILE E 169 50.56 -12.24 -9.67
CA ILE E 169 49.72 -13.13 -10.45
C ILE E 169 48.65 -12.38 -11.23
N ASN E 170 48.25 -12.95 -12.35
CA ASN E 170 47.06 -12.49 -13.05
C ASN E 170 45.84 -12.80 -12.19
N PRO E 171 44.73 -12.08 -12.40
CA PRO E 171 43.52 -12.37 -11.63
C PRO E 171 43.05 -13.81 -11.83
N VAL E 172 43.04 -14.58 -10.76
CA VAL E 172 42.59 -15.98 -10.83
C VAL E 172 41.16 -16.08 -10.30
N THR E 173 40.46 -17.14 -10.70
CA THR E 173 39.05 -17.29 -10.36
C THR E 173 38.81 -18.48 -9.46
N VAL E 174 38.14 -18.25 -8.33
CA VAL E 174 37.72 -19.33 -7.46
C VAL E 174 36.20 -19.39 -7.40
N GLU E 175 35.66 -20.60 -7.43
CA GLU E 175 34.23 -20.79 -7.25
C GLU E 175 33.93 -21.01 -5.78
N VAL E 176 33.03 -20.20 -5.24
CA VAL E 176 32.58 -20.40 -3.87
C VAL E 176 31.36 -21.32 -3.92
N PRO E 177 31.54 -22.57 -3.48
CA PRO E 177 30.46 -23.56 -3.55
C PRO E 177 29.38 -23.30 -2.51
N TYR E 178 28.17 -23.80 -2.77
CA TYR E 178 27.08 -23.72 -1.82
C TYR E 178 27.18 -24.90 -0.85
N ILE E 179 27.50 -24.61 0.41
CA ILE E 179 27.71 -25.67 1.40
C ILE E 179 26.71 -25.65 2.54
N CYS E 180 25.63 -24.89 2.40
CA CYS E 180 24.62 -24.83 3.45
C CYS E 180 23.55 -25.88 3.24
N SER E 181 22.67 -26.03 4.22
CA SER E 181 21.65 -27.07 4.19
C SER E 181 20.35 -26.60 3.55
N GLU E 182 19.45 -27.56 3.32
CA GLU E 182 18.15 -27.36 2.69
C GLU E 182 17.42 -26.07 3.07
N GLY E 183 17.29 -25.16 2.11
CA GLY E 183 16.49 -23.96 2.28
C GLY E 183 17.27 -22.76 2.79
N GLU E 184 18.47 -23.02 3.29
CA GLU E 184 19.27 -21.97 3.91
C GLU E 184 19.93 -21.05 2.88
N ASP E 185 20.02 -19.77 3.22
CA ASP E 185 20.83 -18.83 2.46
C ASP E 185 22.26 -18.90 2.95
N GLN E 186 23.22 -18.81 2.03
CA GLN E 186 24.62 -18.75 2.42
C GLN E 186 25.14 -17.33 2.28
N ILE E 187 25.78 -16.84 3.33
CA ILE E 187 26.37 -15.51 3.31
C ILE E 187 27.88 -15.61 3.42
N THR E 188 28.55 -15.33 2.31
CA THR E 188 29.98 -15.54 2.20
C THR E 188 30.79 -14.29 2.53
N VAL E 189 31.62 -14.38 3.56
CA VAL E 189 32.48 -13.26 3.94
C VAL E 189 33.87 -13.43 3.35
N TRP E 190 34.39 -12.36 2.76
CA TRP E 190 35.69 -12.39 2.11
C TRP E 190 36.26 -10.98 2.04
N GLY E 191 37.50 -10.85 1.59
CA GLY E 191 38.12 -9.55 1.44
C GLY E 191 39.54 -9.59 0.98
N PHE E 192 40.27 -8.51 1.22
CA PHE E 192 41.69 -8.46 0.85
C PHE E 192 42.51 -7.53 1.74
N HIS E 193 43.74 -7.96 2.00
CA HIS E 193 44.69 -7.17 2.78
C HIS E 193 45.57 -6.33 1.85
N SER E 194 45.89 -5.12 2.29
CA SER E 194 46.82 -4.27 1.55
C SER E 194 47.78 -3.61 2.52
N ASP E 195 48.87 -3.06 2.01
CA ASP E 195 49.91 -2.49 2.86
C ASP E 195 50.72 -1.44 2.10
N ASP E 196 51.77 -0.92 2.73
CA ASP E 196 52.68 -0.03 2.05
C ASP E 196 53.57 -0.80 1.08
N LYS E 197 54.33 -0.07 0.25
CA LYS E 197 55.12 -0.67 -0.81
C LYS E 197 56.09 -1.73 -0.31
N THR E 198 56.72 -1.46 0.83
CA THR E 198 57.69 -2.38 1.40
C THR E 198 57.05 -3.70 1.84
N GLN E 199 56.03 -3.60 2.68
CA GLN E 199 55.35 -4.79 3.19
C GLN E 199 54.66 -5.59 2.10
N MET E 200 54.08 -4.90 1.11
CA MET E 200 53.45 -5.57 -0.02
C MET E 200 54.42 -6.48 -0.75
N GLU E 201 55.60 -5.95 -1.06
CA GLU E 201 56.67 -6.70 -1.70
C GLU E 201 57.16 -7.87 -0.85
N ARG E 202 57.38 -7.60 0.43
CA ARG E 202 57.81 -8.65 1.35
C ARG E 202 56.76 -9.77 1.45
N LEU E 203 55.50 -9.39 1.58
CA LEU E 203 54.43 -10.36 1.77
C LEU E 203 53.99 -11.03 0.47
N TYR E 204 53.99 -10.29 -0.63
CA TYR E 204 53.36 -10.77 -1.85
C TYR E 204 54.24 -10.73 -3.09
N GLY E 205 55.35 -9.99 -3.00
CA GLY E 205 56.25 -9.84 -4.14
C GLY E 205 55.66 -8.94 -5.21
N ASP E 206 54.74 -8.08 -4.78
CA ASP E 206 54.11 -7.12 -5.67
C ASP E 206 53.60 -5.93 -4.85
N SER E 207 53.90 -4.72 -5.31
CA SER E 207 53.50 -3.51 -4.59
C SER E 207 52.55 -2.67 -5.44
N ASN E 208 52.12 -3.24 -6.57
CA ASN E 208 51.10 -2.62 -7.40
C ASN E 208 49.72 -2.81 -6.79
N PRO E 209 48.77 -1.93 -7.12
CA PRO E 209 47.40 -2.11 -6.65
C PRO E 209 46.80 -3.43 -7.14
N GLN E 210 46.13 -4.15 -6.26
CA GLN E 210 45.54 -5.43 -6.61
C GLN E 210 44.05 -5.25 -6.87
N LYS E 211 43.50 -6.11 -7.72
CA LYS E 211 42.11 -5.97 -8.15
C LYS E 211 41.30 -7.21 -7.80
N PHE E 212 40.09 -6.99 -7.30
CA PHE E 212 39.25 -8.08 -6.82
C PHE E 212 37.83 -7.92 -7.35
N THR E 213 37.27 -9.02 -7.85
CA THR E 213 35.93 -8.99 -8.43
C THR E 213 35.09 -10.16 -7.96
N SER E 214 33.91 -9.87 -7.44
CA SER E 214 32.99 -10.91 -6.98
C SER E 214 31.73 -10.93 -7.83
N SER E 215 31.12 -12.11 -7.93
CA SER E 215 29.87 -12.24 -8.69
C SER E 215 28.96 -13.30 -8.07
N ALA E 216 27.74 -12.90 -7.76
CA ALA E 216 26.74 -13.81 -7.20
C ALA E 216 25.34 -13.24 -7.38
N ASN E 217 24.44 -14.08 -7.89
CA ASN E 217 23.04 -13.72 -8.10
C ASN E 217 22.87 -12.49 -9.00
N GLY E 218 23.76 -12.35 -9.97
CA GLY E 218 23.68 -11.27 -10.94
C GLY E 218 24.29 -9.97 -10.44
N VAL E 219 24.79 -9.98 -9.21
CA VAL E 219 25.44 -8.82 -8.63
C VAL E 219 26.95 -8.91 -8.77
N THR E 220 27.54 -7.94 -9.46
CA THR E 220 29.00 -7.91 -9.61
C THR E 220 29.59 -6.73 -8.85
N THR E 221 30.67 -6.97 -8.13
CA THR E 221 31.34 -5.94 -7.36
C THR E 221 32.84 -5.92 -7.63
N HIS E 222 33.38 -4.74 -7.95
CA HIS E 222 34.79 -4.62 -8.27
C HIS E 222 35.51 -3.69 -7.30
N TYR E 223 36.68 -4.13 -6.83
CA TYR E 223 37.50 -3.34 -5.91
C TYR E 223 38.93 -3.21 -6.41
N VAL E 224 39.55 -2.07 -6.12
CA VAL E 224 40.96 -1.87 -6.40
C VAL E 224 41.67 -1.43 -5.11
N SER E 225 42.72 -2.15 -4.74
CA SER E 225 43.38 -1.91 -3.46
C SER E 225 44.14 -0.59 -3.44
N GLN E 226 44.51 -0.17 -2.24
CA GLN E 226 45.28 1.06 -2.04
C GLN E 226 46.63 0.73 -1.45
N ILE E 227 47.69 1.32 -1.98
CA ILE E 227 49.04 1.03 -1.52
C ILE E 227 49.57 2.13 -0.61
N GLY E 228 49.55 1.88 0.69
CA GLY E 228 50.02 2.85 1.67
C GLY E 228 49.15 4.08 1.78
N GLY E 229 49.47 4.95 2.74
CA GLY E 229 48.72 6.18 2.94
C GLY E 229 47.29 5.94 3.37
N PHE E 230 47.10 4.94 4.24
CA PHE E 230 45.77 4.56 4.68
C PHE E 230 45.16 5.54 5.67
N PRO E 231 43.83 5.51 5.83
CA PRO E 231 43.20 6.26 6.92
C PRO E 231 43.59 5.68 8.26
N ASN E 232 43.43 6.48 9.32
CA ASN E 232 43.86 6.07 10.65
C ASN E 232 43.09 4.84 11.13
N GLN E 233 43.76 3.99 11.91
CA GLN E 233 43.12 2.80 12.46
C GLN E 233 41.95 3.14 13.38
N THR E 234 40.86 2.42 13.22
CA THR E 234 39.68 2.63 14.05
C THR E 234 38.93 1.32 14.27
N GLU E 235 38.21 1.26 15.41
CA GLU E 235 37.38 0.11 15.76
C GLU E 235 38.14 -1.22 15.72
N ASP E 236 39.45 -1.18 15.89
CA ASP E 236 40.26 -2.39 15.85
C ASP E 236 40.84 -2.71 17.23
N GLU E 237 41.86 -3.55 17.27
CA GLU E 237 42.42 -4.02 18.53
C GLU E 237 43.25 -2.96 19.26
N GLY E 238 43.83 -2.04 18.50
CA GLY E 238 44.64 -0.99 19.09
C GLY E 238 46.12 -1.20 18.85
N LEU E 239 46.46 -2.37 18.33
CA LEU E 239 47.83 -2.70 17.97
C LEU E 239 48.20 -2.03 16.66
N LYS E 240 49.30 -1.28 16.65
CA LYS E 240 49.71 -0.55 15.46
C LYS E 240 50.00 -1.48 14.29
N GLN E 241 49.44 -1.15 13.13
CA GLN E 241 49.60 -1.94 11.92
C GLN E 241 49.83 -1.01 10.74
N SER E 242 50.62 -1.48 9.78
CA SER E 242 50.93 -0.68 8.60
C SER E 242 49.91 -0.92 7.50
N GLY E 243 49.19 -2.04 7.60
CA GLY E 243 48.24 -2.43 6.59
C GLY E 243 46.80 -2.35 7.02
N ARG E 244 45.89 -2.47 6.05
CA ARG E 244 44.47 -2.41 6.28
C ARG E 244 43.79 -3.49 5.45
N ILE E 245 42.70 -4.05 5.98
CA ILE E 245 41.93 -4.99 5.18
C ILE E 245 40.60 -4.37 4.75
N VAL E 246 40.13 -4.81 3.60
CA VAL E 246 38.81 -4.44 3.11
C VAL E 246 37.96 -5.70 3.11
N VAL E 247 36.78 -5.63 3.71
CA VAL E 247 35.95 -6.82 3.86
C VAL E 247 34.58 -6.61 3.25
N ASP E 248 34.08 -7.64 2.56
CA ASP E 248 32.78 -7.58 1.91
C ASP E 248 32.04 -8.88 2.17
N TYR E 249 30.74 -8.90 1.92
CA TYR E 249 29.99 -10.15 2.02
C TYR E 249 29.26 -10.45 0.71
N MET E 250 28.90 -11.71 0.54
CA MET E 250 28.34 -12.18 -0.71
C MET E 250 27.20 -13.18 -0.46
N VAL E 251 26.00 -12.84 -0.89
CA VAL E 251 24.83 -13.67 -0.64
C VAL E 251 24.63 -14.71 -1.73
N GLN E 252 24.58 -15.97 -1.32
CA GLN E 252 24.34 -17.08 -2.24
C GLN E 252 23.04 -17.79 -1.91
N LYS E 253 22.06 -17.67 -2.80
CA LYS E 253 20.77 -18.33 -2.61
C LYS E 253 20.95 -19.85 -2.73
N PRO E 254 19.98 -20.64 -2.25
CA PRO E 254 20.12 -22.11 -2.21
C PRO E 254 20.62 -22.75 -3.50
N GLY E 255 21.68 -23.53 -3.39
CA GLY E 255 22.24 -24.27 -4.51
C GLY E 255 22.94 -23.40 -5.55
N LYS E 256 23.17 -22.14 -5.21
CA LYS E 256 23.82 -21.21 -6.14
C LYS E 256 25.26 -20.96 -5.72
N THR E 257 26.19 -21.07 -6.66
CA THR E 257 27.58 -20.76 -6.39
C THR E 257 27.88 -19.31 -6.74
N GLY E 258 28.94 -18.78 -6.13
CA GLY E 258 29.44 -17.46 -6.47
C GLY E 258 30.89 -17.57 -6.88
N THR E 259 31.41 -16.51 -7.50
CA THR E 259 32.82 -16.51 -7.88
C THR E 259 33.54 -15.31 -7.30
N ILE E 260 34.82 -15.51 -6.98
CA ILE E 260 35.69 -14.43 -6.57
C ILE E 260 36.94 -14.43 -7.44
N VAL E 261 37.15 -13.34 -8.17
CA VAL E 261 38.36 -13.19 -8.96
C VAL E 261 39.32 -12.31 -8.17
N TYR E 262 40.54 -12.79 -7.96
CA TYR E 262 41.45 -12.10 -7.04
C TYR E 262 42.92 -12.18 -7.43
N GLN E 263 43.71 -11.31 -6.83
CA GLN E 263 45.17 -11.34 -6.99
C GLN E 263 45.82 -11.52 -5.62
N ARG E 264 46.76 -10.65 -5.28
CA ARG E 264 47.50 -10.78 -4.03
C ARG E 264 46.85 -10.04 -2.87
N GLY E 265 46.90 -10.63 -1.69
CA GLY E 265 46.35 -10.03 -0.49
C GLY E 265 44.96 -10.56 -0.18
N ILE E 266 44.49 -11.48 -1.02
CA ILE E 266 43.14 -12.02 -0.92
C ILE E 266 42.84 -12.67 0.42
N LEU E 267 41.67 -12.34 0.98
CA LEU E 267 41.16 -13.05 2.15
C LEU E 267 40.06 -14.01 1.71
N LEU E 268 40.44 -15.26 1.47
CA LEU E 268 39.51 -16.27 1.02
C LEU E 268 38.49 -16.62 2.11
N PRO E 269 37.23 -16.82 1.71
CA PRO E 269 36.21 -17.25 2.67
C PRO E 269 36.51 -18.64 3.24
N GLN E 270 36.33 -18.79 4.55
CA GLN E 270 36.45 -20.08 5.20
C GLN E 270 35.09 -20.52 5.73
N LYS E 271 34.81 -20.21 6.99
CA LYS E 271 33.51 -20.49 7.57
C LYS E 271 32.49 -19.51 7.02
N VAL E 272 31.32 -20.01 6.64
CA VAL E 272 30.28 -19.16 6.08
C VAL E 272 29.01 -19.23 6.92
N TRP E 273 28.16 -18.23 6.77
CA TRP E 273 26.90 -18.21 7.49
C TRP E 273 25.83 -18.98 6.74
N CYS E 274 25.07 -19.77 7.48
CA CYS E 274 23.93 -20.49 6.92
C CYS E 274 22.68 -20.02 7.62
N ALA E 275 21.80 -19.37 6.88
CA ALA E 275 20.64 -18.72 7.47
C ALA E 275 19.35 -19.08 6.74
N SER E 276 18.28 -19.25 7.51
CA SER E 276 16.98 -19.60 6.94
C SER E 276 15.85 -18.95 7.73
N GLY E 277 14.65 -18.95 7.16
CA GLY E 277 13.50 -18.35 7.80
C GLY E 277 13.56 -16.83 7.80
N ARG E 278 12.51 -16.20 8.29
CA ARG E 278 12.46 -14.75 8.37
C ARG E 278 12.16 -14.30 9.80
N SER E 279 12.89 -13.30 10.27
CA SER E 279 12.66 -12.73 11.59
C SER E 279 12.08 -11.33 11.46
N LYS E 280 11.06 -11.04 12.26
CA LYS E 280 10.45 -9.71 12.20
C LYS E 280 11.34 -8.71 12.93
N VAL E 281 11.74 -7.66 12.20
CA VAL E 281 12.75 -6.73 12.70
C VAL E 281 12.25 -5.29 12.76
N ILE E 282 12.47 -4.64 13.89
CA ILE E 282 12.24 -3.20 14.01
C ILE E 282 13.41 -2.57 14.74
N LYS E 283 13.62 -1.27 14.52
CA LYS E 283 14.66 -0.54 15.24
C LYS E 283 14.33 -0.41 16.73
N GLY E 284 15.36 -0.44 17.56
CA GLY E 284 15.20 -0.34 18.99
C GLY E 284 16.53 -0.19 19.69
N SER E 285 16.52 -0.27 21.03
CA SER E 285 17.74 -0.13 21.80
C SER E 285 17.85 -1.22 22.86
N LEU E 286 19.07 -1.41 23.37
CA LEU E 286 19.34 -2.42 24.38
C LEU E 286 19.65 -1.77 25.72
N PRO E 287 19.43 -2.48 26.83
CA PRO E 287 18.95 -3.86 26.93
C PRO E 287 17.43 -3.99 26.89
N LEU E 288 16.94 -5.20 26.66
CA LEU E 288 15.51 -5.46 26.71
C LEU E 288 15.08 -5.65 28.16
N ILE E 289 14.27 -4.72 28.65
CA ILE E 289 13.87 -4.74 30.06
C ILE E 289 12.43 -5.19 30.23
N GLY E 290 12.25 -6.42 30.70
CA GLY E 290 10.93 -6.92 31.03
C GLY E 290 10.19 -7.52 29.84
N GLU E 291 8.86 -7.47 29.91
CA GLU E 291 8.02 -8.08 28.89
C GLU E 291 6.96 -7.07 28.44
N ALA E 292 6.51 -7.19 27.19
CA ALA E 292 5.51 -6.26 26.67
C ALA E 292 4.67 -6.90 25.56
N ASP E 293 3.46 -6.39 25.38
CA ASP E 293 2.57 -6.88 24.34
C ASP E 293 3.06 -6.43 22.97
N CYS E 294 3.71 -5.28 22.93
CA CYS E 294 4.02 -4.62 21.67
C CYS E 294 5.31 -3.81 21.75
N LEU E 295 6.16 -3.98 20.75
CA LEU E 295 7.37 -3.17 20.62
C LEU E 295 7.16 -2.12 19.54
N HIS E 296 7.39 -0.86 19.89
CA HIS E 296 7.12 0.26 19.01
C HIS E 296 8.41 1.06 18.86
N GLU E 297 8.77 1.38 17.61
CA GLU E 297 10.07 2.01 17.33
C GLU E 297 10.26 3.35 18.03
N LYS E 298 9.16 4.04 18.31
CA LYS E 298 9.24 5.34 18.97
C LYS E 298 8.98 5.25 20.47
N TYR E 299 8.15 4.29 20.86
CA TYR E 299 7.71 4.20 22.26
C TYR E 299 8.30 3.00 23.01
N GLY E 300 8.97 2.11 22.28
CA GLY E 300 9.59 0.96 22.89
C GLY E 300 8.60 -0.06 23.40
N GLY E 301 8.85 -0.57 24.61
CA GLY E 301 7.93 -1.51 25.25
C GLY E 301 6.58 -0.89 25.51
N LEU E 302 5.53 -1.63 25.23
CA LEU E 302 4.17 -1.09 25.32
C LEU E 302 3.14 -2.20 25.50
N ASN E 303 2.29 -2.05 26.51
CA ASN E 303 1.18 -2.98 26.73
C ASN E 303 -0.11 -2.44 26.15
N LYS E 304 -0.92 -3.34 25.61
CA LYS E 304 -2.15 -2.94 24.91
C LYS E 304 -3.33 -2.78 25.85
N SER E 305 -4.00 -1.63 25.77
CA SER E 305 -5.22 -1.37 26.52
C SER E 305 -6.34 -0.92 25.58
N LYS E 306 -6.36 0.37 25.25
CA LYS E 306 -7.28 0.89 24.25
C LYS E 306 -6.98 0.24 22.88
N PRO E 307 -8.01 0.07 22.06
CA PRO E 307 -7.84 -0.59 20.75
C PRO E 307 -7.00 0.23 19.77
N TYR E 308 -7.00 1.55 19.94
CA TYR E 308 -6.27 2.44 19.04
C TYR E 308 -5.29 3.30 19.83
N TYR E 309 -4.46 4.06 19.12
CA TYR E 309 -3.57 5.00 19.79
C TYR E 309 -3.25 6.20 18.90
N THR E 310 -2.85 7.29 19.54
CA THR E 310 -2.49 8.51 18.82
C THR E 310 -1.04 8.87 19.09
N GLY E 311 -0.48 9.71 18.23
CA GLY E 311 0.91 10.11 18.38
C GLY E 311 1.73 9.77 17.16
N GLU E 312 2.98 9.36 17.40
CA GLU E 312 3.91 9.07 16.33
C GLU E 312 3.75 7.65 15.81
N HIS E 313 3.26 7.52 14.57
CA HIS E 313 3.21 6.20 13.94
C HIS E 313 4.60 5.75 13.54
N ALA E 314 4.88 4.48 13.75
CA ALA E 314 6.14 3.89 13.35
C ALA E 314 5.99 2.38 13.25
N LYS E 315 7.04 1.71 12.79
CA LYS E 315 7.00 0.26 12.71
C LYS E 315 6.79 -0.33 14.10
N ALA E 316 5.96 -1.36 14.19
CA ALA E 316 5.62 -1.96 15.47
C ALA E 316 5.22 -3.43 15.31
N ILE E 317 5.67 -4.27 16.23
CA ILE E 317 5.38 -5.69 16.18
C ILE E 317 4.75 -6.20 17.46
N GLY E 318 3.93 -7.25 17.33
CA GLY E 318 3.26 -7.84 18.47
C GLY E 318 1.79 -7.47 18.58
N ASN E 319 1.23 -7.62 19.78
CA ASN E 319 -0.16 -7.29 20.04
C ASN E 319 -0.30 -5.79 20.28
N CYS E 320 -0.51 -5.04 19.20
CA CYS E 320 -0.39 -3.59 19.23
C CYS E 320 -1.72 -2.87 19.00
N PRO E 321 -1.83 -1.64 19.53
CA PRO E 321 -2.95 -0.76 19.16
C PRO E 321 -2.74 -0.18 17.76
N ILE E 322 -3.83 -0.02 17.02
CA ILE E 322 -3.74 0.52 15.67
C ILE E 322 -3.72 2.04 15.68
N TRP E 323 -2.78 2.63 14.94
CA TRP E 323 -2.62 4.08 14.90
C TRP E 323 -3.78 4.78 14.20
N VAL E 324 -4.20 5.91 14.78
CA VAL E 324 -5.23 6.76 14.17
C VAL E 324 -4.82 8.24 14.24
N LYS E 325 -5.38 9.06 13.36
CA LYS E 325 -4.99 10.47 13.25
C LYS E 325 -5.48 11.33 14.42
N THR E 326 -6.61 10.94 15.01
CA THR E 326 -7.25 11.77 16.02
C THR E 326 -7.71 10.95 17.22
N PRO E 327 -7.86 11.60 18.39
CA PRO E 327 -8.34 10.85 19.57
C PRO E 327 -9.83 10.52 19.44
N LEU E 328 -10.11 9.35 18.87
CA LEU E 328 -11.49 8.93 18.67
C LEU E 328 -12.15 8.56 20.00
N LYS E 329 -13.44 8.83 20.10
CA LYS E 329 -14.22 8.48 21.28
C LYS E 329 -15.53 7.82 20.90
N LEU E 330 -15.87 6.75 21.61
CA LEU E 330 -17.17 6.11 21.44
C LEU E 330 -18.16 6.74 22.41
N ALA E 331 -19.31 7.14 21.89
CA ALA E 331 -20.32 7.77 22.72
C ALA E 331 -20.85 6.80 23.76
N ASN E 332 -20.84 7.22 25.01
CA ASN E 332 -21.43 6.46 26.10
C ASN E 332 -22.33 7.34 26.96
N GLY E 333 -23.35 7.89 26.31
CA GLY E 333 -24.28 8.78 26.98
C GLY E 333 -25.27 9.34 25.97
N THR E 334 -25.75 10.55 26.23
CA THR E 334 -26.75 11.15 25.37
C THR E 334 -26.31 12.53 24.88
N LYS E 335 -26.78 12.90 23.69
CA LYS E 335 -26.53 14.22 23.13
C LYS E 335 -27.04 15.29 24.09
N TYR E 336 -26.24 16.35 24.27
CA TYR E 336 -26.54 17.40 25.24
C TYR E 336 -27.93 18.01 25.07
N ARG E 337 -28.62 18.18 26.19
CA ARG E 337 -29.91 18.86 26.22
C ARG E 337 -29.91 19.96 27.29
N PRO E 338 -30.37 21.16 26.93
CA PRO E 338 -30.54 22.21 27.93
C PRO E 338 -31.59 21.83 28.97
N PRO E 339 -31.43 22.31 30.22
CA PRO E 339 -32.40 22.06 31.29
C PRO E 339 -33.75 22.67 30.97
N ALA E 340 -34.83 21.94 31.24
CA ALA E 340 -36.17 22.41 30.94
C ALA E 340 -36.59 23.53 31.89
N GLY F 1 -33.79 14.07 18.07
CA GLY F 1 -33.22 14.16 16.73
C GLY F 1 -34.18 14.79 15.74
N PHE F 2 -34.10 14.37 14.49
CA PHE F 2 -34.95 14.92 13.45
C PHE F 2 -36.41 14.47 13.64
N PHE F 3 -36.57 13.25 14.14
CA PHE F 3 -37.91 12.73 14.43
C PHE F 3 -38.57 13.59 15.49
N GLY F 4 -37.96 13.67 16.66
CA GLY F 4 -38.45 14.48 17.76
C GLY F 4 -38.73 15.93 17.41
N ALA F 5 -37.89 16.50 16.54
CA ALA F 5 -38.05 17.89 16.13
C ALA F 5 -39.36 18.07 15.36
N ILE F 6 -39.65 17.13 14.48
CA ILE F 6 -40.89 17.16 13.70
C ILE F 6 -42.08 16.72 14.54
N ALA F 7 -41.87 15.69 15.35
CA ALA F 7 -42.93 15.11 16.17
C ALA F 7 -43.34 16.03 17.32
N GLY F 8 -42.55 17.07 17.56
CA GLY F 8 -42.82 17.99 18.65
C GLY F 8 -42.45 17.44 20.01
N PHE F 9 -41.49 16.50 20.03
CA PHE F 9 -40.96 16.00 21.29
C PHE F 9 -40.24 17.12 22.03
N LEU F 10 -40.21 17.02 23.36
CA LEU F 10 -39.51 18.01 24.17
C LEU F 10 -38.01 18.02 23.83
N GLU F 11 -37.50 19.18 23.44
CA GLU F 11 -36.11 19.31 23.04
C GLU F 11 -35.18 19.50 24.23
N GLY F 12 -35.74 19.93 25.36
CA GLY F 12 -34.97 20.12 26.57
C GLY F 12 -34.66 18.81 27.28
N GLY F 13 -34.13 18.91 28.48
CA GLY F 13 -33.78 17.73 29.26
C GLY F 13 -34.00 17.93 30.76
N TRP F 14 -34.00 16.85 31.51
CA TRP F 14 -34.33 16.91 32.93
C TRP F 14 -33.14 16.54 33.82
N GLU F 15 -32.62 17.55 34.51
CA GLU F 15 -31.49 17.36 35.43
C GLU F 15 -31.80 16.40 36.56
N GLY F 16 -33.06 16.23 36.89
CA GLY F 16 -33.46 15.35 37.98
C GLY F 16 -33.29 13.89 37.62
N MET F 17 -33.16 13.60 36.33
CA MET F 17 -32.91 12.25 35.88
C MET F 17 -31.41 11.94 35.92
N ILE F 18 -30.96 11.38 37.03
CA ILE F 18 -29.52 11.17 37.23
C ILE F 18 -29.17 9.68 37.23
N ALA F 19 -30.17 8.84 37.50
CA ALA F 19 -29.94 7.39 37.58
C ALA F 19 -30.10 6.69 36.23
N GLY F 20 -30.35 7.46 35.19
CA GLY F 20 -30.55 6.91 33.86
C GLY F 20 -30.48 7.96 32.76
N TRP F 21 -30.43 7.51 31.52
CA TRP F 21 -30.34 8.43 30.39
C TRP F 21 -31.73 8.82 29.90
N HIS F 22 -32.65 7.86 29.88
CA HIS F 22 -34.01 8.10 29.43
C HIS F 22 -34.98 7.67 30.51
N GLY F 23 -36.21 8.18 30.46
CA GLY F 23 -37.21 7.83 31.43
C GLY F 23 -38.49 8.62 31.27
N TYR F 24 -39.14 8.91 32.39
CA TYR F 24 -40.43 9.58 32.36
C TYR F 24 -40.48 10.82 33.22
N THR F 25 -41.38 11.73 32.85
CA THR F 25 -41.72 12.87 33.69
C THR F 25 -43.23 12.93 33.89
N SER F 26 -43.66 13.62 34.93
CA SER F 26 -45.07 13.75 35.23
C SER F 26 -45.39 15.19 35.58
N HIS F 27 -46.38 15.76 34.91
CA HIS F 27 -46.74 17.15 35.17
C HIS F 27 -48.16 17.27 35.74
N GLY F 28 -48.25 17.74 36.98
CA GLY F 28 -49.54 17.92 37.64
C GLY F 28 -49.53 18.94 38.77
N ALA F 29 -50.31 18.66 39.81
CA ALA F 29 -50.43 19.53 40.97
C ALA F 29 -49.21 19.37 41.87
N HIS F 30 -48.59 18.20 41.77
CA HIS F 30 -47.39 17.89 42.53
C HIS F 30 -46.19 18.70 42.03
N GLY F 31 -46.33 19.24 40.83
CA GLY F 31 -45.24 19.96 40.19
C GLY F 31 -44.75 19.12 39.02
N VAL F 32 -43.46 18.79 39.03
CA VAL F 32 -42.88 17.95 38.00
C VAL F 32 -42.07 16.82 38.62
N ALA F 33 -42.59 15.60 38.53
CA ALA F 33 -41.86 14.43 39.02
C ALA F 33 -40.99 13.86 37.90
N VAL F 34 -39.86 13.26 38.27
CA VAL F 34 -38.93 12.72 37.28
C VAL F 34 -38.38 11.37 37.72
N ALA F 35 -38.48 10.37 36.84
CA ALA F 35 -37.93 9.05 37.11
C ALA F 35 -37.21 8.48 35.89
N ALA F 36 -36.12 7.76 36.13
CA ALA F 36 -35.33 7.17 35.05
C ALA F 36 -35.72 5.72 34.79
N ASP F 37 -35.73 5.33 33.53
CA ASP F 37 -36.04 3.96 33.14
C ASP F 37 -34.77 3.13 33.01
N LEU F 38 -34.54 2.24 33.97
CA LEU F 38 -33.32 1.43 34.01
C LEU F 38 -33.26 0.39 32.90
N LYS F 39 -34.43 -0.11 32.50
CA LYS F 39 -34.50 -1.12 31.44
C LYS F 39 -33.99 -0.51 30.14
N SER F 40 -34.43 0.70 29.85
CA SER F 40 -33.99 1.40 28.65
C SER F 40 -32.52 1.79 28.74
N THR F 41 -32.10 2.23 29.93
CA THR F 41 -30.73 2.65 30.14
C THR F 41 -29.75 1.49 29.94
N GLN F 42 -30.09 0.32 30.45
CA GLN F 42 -29.24 -0.86 30.30
C GLN F 42 -29.08 -1.24 28.83
N GLU F 43 -30.20 -1.20 28.09
CA GLU F 43 -30.20 -1.54 26.68
C GLU F 43 -29.27 -0.66 25.85
N ALA F 44 -29.30 0.65 26.12
CA ALA F 44 -28.45 1.60 25.39
C ALA F 44 -26.98 1.35 25.68
N ILE F 45 -26.68 1.05 26.94
CA ILE F 45 -25.31 0.79 27.36
C ILE F 45 -24.80 -0.53 26.78
N ASN F 46 -25.68 -1.53 26.74
CA ASN F 46 -25.34 -2.84 26.20
C ASN F 46 -25.02 -2.76 24.71
N LYS F 47 -25.79 -1.96 23.97
CA LYS F 47 -25.53 -1.74 22.55
C LYS F 47 -24.16 -1.10 22.36
N ILE F 48 -23.86 -0.10 23.17
CA ILE F 48 -22.58 0.60 23.13
C ILE F 48 -21.43 -0.35 23.51
N THR F 49 -21.68 -1.19 24.51
CA THR F 49 -20.67 -2.13 24.97
C THR F 49 -20.34 -3.15 23.88
N LYS F 50 -21.37 -3.69 23.24
CA LYS F 50 -21.20 -4.58 22.11
C LYS F 50 -20.50 -3.87 20.96
N ASN F 51 -20.82 -2.59 20.79
CA ASN F 51 -20.22 -1.77 19.74
C ASN F 51 -18.73 -1.59 20.00
N LEU F 52 -18.37 -1.43 21.27
CA LEU F 52 -16.97 -1.31 21.67
C LEU F 52 -16.21 -2.60 21.36
N ASN F 53 -16.82 -3.74 21.68
CA ASN F 53 -16.21 -5.03 21.42
C ASN F 53 -15.98 -5.27 19.94
N SER F 54 -16.93 -4.82 19.12
CA SER F 54 -16.83 -4.97 17.67
C SER F 54 -15.68 -4.15 17.11
N LEU F 55 -15.58 -2.90 17.55
CA LEU F 55 -14.51 -2.01 17.14
C LEU F 55 -13.15 -2.52 17.61
N SER F 56 -13.14 -3.24 18.72
CA SER F 56 -11.89 -3.72 19.31
C SER F 56 -11.44 -5.05 18.72
N GLU F 57 -12.28 -5.63 17.86
CA GLU F 57 -11.98 -6.92 17.25
C GLU F 57 -11.11 -6.79 16.01
N LEU F 58 -10.99 -5.58 15.49
CA LEU F 58 -10.24 -5.35 14.26
C LEU F 58 -8.75 -5.67 14.43
N GLU F 59 -8.23 -6.51 13.55
CA GLU F 59 -6.80 -6.79 13.52
C GLU F 59 -6.19 -6.42 12.16
N VAL F 60 -5.05 -5.74 12.20
CA VAL F 60 -4.30 -5.44 10.99
C VAL F 60 -2.86 -5.94 11.14
N LYS F 61 -2.26 -6.32 10.02
CA LYS F 61 -0.88 -6.81 10.01
C LYS F 61 0.11 -5.80 10.59
N ASN F 62 1.07 -6.30 11.36
CA ASN F 62 2.16 -5.47 11.82
C ASN F 62 2.96 -4.89 10.67
N LEU F 63 3.49 -3.69 10.86
CA LEU F 63 4.47 -3.14 9.94
C LEU F 63 5.85 -3.19 10.57
N GLN F 64 6.72 -4.03 10.03
CA GLN F 64 8.11 -4.07 10.49
C GLN F 64 9.07 -3.73 9.34
N ARG F 65 10.36 -3.90 9.60
CA ARG F 65 11.36 -3.65 8.56
C ARG F 65 11.39 -4.79 7.55
N LEU F 66 11.82 -4.46 6.34
CA LEU F 66 12.14 -5.49 5.36
C LEU F 66 13.39 -6.23 5.83
N SER F 67 13.43 -7.54 5.65
CA SER F 67 14.56 -8.33 6.11
C SER F 67 15.76 -8.23 5.19
N GLY F 68 15.51 -8.03 3.89
CA GLY F 68 16.57 -8.02 2.91
C GLY F 68 17.21 -6.67 2.69
N ALA F 69 16.41 -5.62 2.71
CA ALA F 69 16.88 -4.28 2.40
C ALA F 69 17.78 -3.70 3.49
N MET F 70 19.03 -3.42 3.13
CA MET F 70 20.02 -2.92 4.07
C MET F 70 20.17 -1.41 3.99
N ASN F 71 20.34 -0.78 5.15
CA ASN F 71 20.63 0.64 5.25
C ASN F 71 21.78 1.05 4.34
N GLU F 72 21.69 2.27 3.79
CA GLU F 72 22.68 2.85 2.88
C GLU F 72 22.61 2.21 1.49
N LEU F 73 22.78 0.89 1.44
CA LEU F 73 22.78 0.15 0.19
C LEU F 73 21.42 0.21 -0.53
N HIS F 74 20.34 0.13 0.23
CA HIS F 74 19.00 0.03 -0.35
C HIS F 74 18.08 1.16 0.09
N ASP F 75 18.65 2.36 0.24
CA ASP F 75 17.88 3.50 0.72
C ASP F 75 16.69 3.85 -0.16
N GLU F 76 16.87 3.75 -1.48
CA GLU F 76 15.78 4.03 -2.40
C GLU F 76 14.61 3.08 -2.18
N ILE F 77 14.92 1.81 -1.97
CA ILE F 77 13.89 0.81 -1.64
C ILE F 77 13.23 1.13 -0.31
N LEU F 78 14.05 1.49 0.66
CA LEU F 78 13.59 1.78 2.02
C LEU F 78 12.66 2.99 2.05
N GLU F 79 12.88 3.94 1.14
CA GLU F 79 12.01 5.10 1.05
C GLU F 79 10.61 4.67 0.63
N LEU F 80 10.54 3.76 -0.33
CA LEU F 80 9.27 3.21 -0.79
C LEU F 80 8.60 2.40 0.32
N ASP F 81 9.41 1.66 1.07
CA ASP F 81 8.91 0.89 2.20
C ASP F 81 8.29 1.84 3.24
N GLU F 82 8.98 2.96 3.45
CA GLU F 82 8.49 4.02 4.33
C GLU F 82 7.16 4.56 3.82
N LYS F 83 7.06 4.69 2.50
CA LYS F 83 5.85 5.21 1.87
C LYS F 83 4.69 4.23 2.03
N VAL F 84 4.98 2.95 1.85
CA VAL F 84 3.99 1.89 2.02
C VAL F 84 3.41 1.90 3.43
N ASP F 85 4.28 2.00 4.43
CA ASP F 85 3.85 2.08 5.83
C ASP F 85 2.95 3.28 6.07
N ASP F 86 3.37 4.44 5.58
CA ASP F 86 2.62 5.68 5.77
C ASP F 86 1.21 5.57 5.18
N LEU F 87 1.12 5.01 3.98
CA LEU F 87 -0.17 4.86 3.31
C LEU F 87 -1.04 3.82 3.99
N ARG F 88 -0.42 2.77 4.51
CA ARG F 88 -1.16 1.76 5.26
C ARG F 88 -1.81 2.39 6.48
N ALA F 89 -1.00 3.12 7.25
CA ALA F 89 -1.47 3.80 8.45
C ALA F 89 -2.57 4.80 8.11
N ASP F 90 -2.37 5.54 7.02
CA ASP F 90 -3.32 6.54 6.57
C ASP F 90 -4.67 5.92 6.21
N THR F 91 -4.62 4.87 5.40
CA THR F 91 -5.84 4.23 4.89
C THR F 91 -6.64 3.55 6.00
N ILE F 92 -5.96 2.79 6.85
CA ILE F 92 -6.63 2.09 7.93
C ILE F 92 -7.20 3.07 8.96
N SER F 93 -6.47 4.15 9.20
CA SER F 93 -6.93 5.20 10.12
C SER F 93 -8.26 5.78 9.65
N SER F 94 -8.36 6.02 8.34
CA SER F 94 -9.57 6.60 7.78
C SER F 94 -10.72 5.58 7.79
N GLN F 95 -10.38 4.31 7.61
CA GLN F 95 -11.37 3.24 7.68
C GLN F 95 -11.94 3.12 9.09
N ILE F 96 -11.05 3.18 10.08
CA ILE F 96 -11.45 3.10 11.48
C ILE F 96 -12.29 4.32 11.87
N GLU F 97 -11.87 5.50 11.42
CA GLU F 97 -12.62 6.73 11.65
C GLU F 97 -14.04 6.60 11.11
N LEU F 98 -14.16 6.00 9.93
CA LEU F 98 -15.47 5.77 9.32
C LEU F 98 -16.31 4.81 10.17
N ALA F 99 -15.67 3.74 10.64
CA ALA F 99 -16.36 2.73 11.44
C ALA F 99 -16.86 3.32 12.76
N VAL F 100 -16.06 4.21 13.35
CA VAL F 100 -16.42 4.86 14.60
C VAL F 100 -17.51 5.91 14.38
N LEU F 101 -17.43 6.62 13.27
CA LEU F 101 -18.42 7.63 12.91
C LEU F 101 -19.82 7.01 12.81
N LEU F 102 -19.91 5.87 12.13
CA LEU F 102 -21.17 5.17 11.96
C LEU F 102 -21.70 4.64 13.28
N SER F 103 -20.78 4.28 14.18
CA SER F 103 -21.15 3.78 15.49
C SER F 103 -21.77 4.89 16.31
N ASN F 104 -21.11 6.05 16.31
CA ASN F 104 -21.64 7.23 17.00
C ASN F 104 -22.92 7.70 16.35
N GLU F 105 -22.98 7.55 15.03
CA GLU F 105 -24.20 7.85 14.29
C GLU F 105 -25.37 7.03 14.83
N GLY F 106 -25.17 5.73 14.96
CA GLY F 106 -26.18 4.84 15.48
C GLY F 106 -26.62 5.15 16.89
N ILE F 107 -25.66 5.40 17.77
CA ILE F 107 -25.94 5.65 19.19
C ILE F 107 -26.74 6.93 19.39
N ILE F 108 -26.26 8.03 18.81
CA ILE F 108 -26.93 9.31 18.93
C ILE F 108 -28.32 9.30 18.27
N ASN F 109 -28.44 8.57 17.17
CA ASN F 109 -29.69 8.54 16.41
C ASN F 109 -30.75 7.63 17.04
N SER F 110 -30.31 6.76 17.96
CA SER F 110 -31.22 5.79 18.56
C SER F 110 -31.94 6.37 19.78
N GLU F 111 -31.64 7.63 20.10
CA GLU F 111 -32.24 8.29 21.25
C GLU F 111 -33.76 8.36 21.13
N ASP F 112 -34.25 8.87 20.00
CA ASP F 112 -35.67 9.00 19.76
C ASP F 112 -36.35 7.64 19.71
N GLU F 113 -35.63 6.62 19.25
CA GLU F 113 -36.18 5.28 19.17
C GLU F 113 -36.35 4.67 20.55
N HIS F 114 -35.51 5.10 21.48
CA HIS F 114 -35.66 4.70 22.88
C HIS F 114 -36.92 5.36 23.47
N LEU F 115 -37.11 6.63 23.13
CA LEU F 115 -38.33 7.35 23.54
C LEU F 115 -39.57 6.68 22.99
N LEU F 116 -39.53 6.32 21.70
CA LEU F 116 -40.66 5.68 21.04
C LEU F 116 -41.00 4.35 21.69
N ALA F 117 -39.97 3.63 22.14
CA ALA F 117 -40.17 2.37 22.84
C ALA F 117 -40.71 2.59 24.24
N LEU F 118 -40.29 3.69 24.86
CA LEU F 118 -40.76 4.05 26.19
C LEU F 118 -42.24 4.42 26.16
N GLU F 119 -42.70 4.92 25.02
CA GLU F 119 -44.10 5.21 24.81
C GLU F 119 -44.96 3.96 24.98
N ARG F 120 -44.48 2.85 24.44
CA ARG F 120 -45.23 1.61 24.46
C ARG F 120 -45.28 0.99 25.86
N LYS F 121 -44.21 1.20 26.62
CA LYS F 121 -44.17 0.73 27.99
C LYS F 121 -45.12 1.53 28.87
N LEU F 122 -45.13 2.83 28.66
CA LEU F 122 -45.99 3.74 29.41
C LEU F 122 -47.46 3.51 29.06
N LYS F 123 -47.75 3.46 27.77
CA LYS F 123 -49.12 3.32 27.25
C LYS F 123 -49.86 2.11 27.83
N LYS F 124 -49.20 0.96 27.83
CA LYS F 124 -49.82 -0.28 28.32
C LYS F 124 -50.17 -0.18 29.79
N MET F 125 -49.24 0.35 30.60
CA MET F 125 -49.46 0.48 32.02
C MET F 125 -50.55 1.49 32.36
N LEU F 126 -50.62 2.57 31.58
CA LEU F 126 -51.57 3.65 31.87
C LEU F 126 -53.01 3.25 31.60
N GLY F 127 -53.21 2.19 30.81
CA GLY F 127 -54.54 1.68 30.54
C GLY F 127 -55.30 2.49 29.50
N PRO F 128 -56.50 2.01 29.13
CA PRO F 128 -57.35 2.60 28.10
C PRO F 128 -57.94 3.96 28.45
N SER F 129 -57.85 4.37 29.71
CA SER F 129 -58.47 5.62 30.14
C SER F 129 -57.56 6.81 29.91
N ALA F 130 -56.31 6.55 29.56
CA ALA F 130 -55.36 7.62 29.24
C ALA F 130 -55.48 8.00 27.77
N VAL F 131 -55.09 9.22 27.44
CA VAL F 131 -55.23 9.72 26.08
C VAL F 131 -53.85 10.03 25.48
N GLU F 132 -53.49 9.27 24.45
CA GLU F 132 -52.21 9.44 23.79
C GLU F 132 -52.19 10.71 22.94
N ILE F 133 -51.29 11.63 23.28
CA ILE F 133 -51.22 12.92 22.61
C ILE F 133 -50.47 12.82 21.28
N GLY F 134 -49.34 12.13 21.30
CA GLY F 134 -48.54 11.95 20.10
C GLY F 134 -47.16 12.58 20.23
N ASN F 135 -47.05 13.58 21.11
CA ASN F 135 -45.78 14.27 21.32
C ASN F 135 -44.90 13.56 22.34
N GLY F 136 -45.22 12.31 22.63
CA GLY F 136 -44.44 11.54 23.59
C GLY F 136 -45.06 11.62 24.97
N CYS F 137 -46.21 12.26 25.06
CA CYS F 137 -46.89 12.45 26.33
C CYS F 137 -48.27 11.80 26.34
N PHE F 138 -48.72 11.41 27.53
CA PHE F 138 -50.06 10.92 27.72
C PHE F 138 -50.78 11.80 28.74
N GLU F 139 -52.05 12.07 28.52
CA GLU F 139 -52.84 12.82 29.48
C GLU F 139 -53.67 11.85 30.30
N THR F 140 -53.57 11.94 31.62
CA THR F 140 -54.26 11.00 32.50
C THR F 140 -55.43 11.67 33.23
N LYS F 141 -56.41 10.86 33.59
CA LYS F 141 -57.57 11.32 34.33
C LYS F 141 -57.19 11.48 35.81
N HIS F 142 -56.18 10.70 36.20
CA HIS F 142 -55.70 10.61 37.58
C HIS F 142 -54.50 11.50 37.89
N LYS F 143 -54.23 11.68 39.18
CA LYS F 143 -52.99 12.33 39.61
C LYS F 143 -51.84 11.32 39.54
N CYS F 144 -50.64 11.81 39.28
CA CYS F 144 -49.45 10.95 39.26
C CYS F 144 -48.22 11.64 39.82
N ASN F 145 -48.08 11.62 41.14
CA ASN F 145 -46.93 12.24 41.79
C ASN F 145 -45.70 11.33 41.73
N GLN F 146 -44.59 11.78 42.33
CA GLN F 146 -43.31 11.06 42.28
C GLN F 146 -43.40 9.59 42.71
N THR F 147 -44.26 9.30 43.67
CA THR F 147 -44.43 7.91 44.11
C THR F 147 -45.06 7.09 42.99
N CYS F 148 -46.03 7.69 42.31
CA CYS F 148 -46.68 7.07 41.17
C CYS F 148 -45.72 6.85 40.01
N LEU F 149 -44.86 7.85 39.76
CA LEU F 149 -43.91 7.78 38.66
C LEU F 149 -42.86 6.69 38.89
N ASP F 150 -42.39 6.56 40.12
CA ASP F 150 -41.43 5.52 40.46
C ASP F 150 -42.00 4.14 40.17
N ARG F 151 -43.30 3.98 40.39
CA ARG F 151 -43.98 2.72 40.11
C ARG F 151 -44.07 2.47 38.61
N ILE F 152 -44.16 3.55 37.84
CA ILE F 152 -44.19 3.45 36.39
C ILE F 152 -42.84 2.99 35.86
N ALA F 153 -41.78 3.67 36.29
CA ALA F 153 -40.41 3.31 35.93
C ALA F 153 -40.11 1.87 36.35
N ALA F 154 -40.60 1.47 37.52
CA ALA F 154 -40.34 0.14 38.05
C ALA F 154 -41.26 -0.91 37.41
N GLY F 155 -42.21 -0.44 36.61
CA GLY F 155 -43.12 -1.33 35.90
C GLY F 155 -44.17 -1.99 36.76
N THR F 156 -44.52 -1.35 37.88
CA THR F 156 -45.48 -1.91 38.81
C THR F 156 -46.79 -1.12 38.81
N PHE F 157 -46.80 0.01 38.11
CA PHE F 157 -47.98 0.87 38.02
C PHE F 157 -49.21 0.11 37.53
N ASN F 158 -50.29 0.19 38.31
CA ASN F 158 -51.57 -0.37 37.91
C ASN F 158 -52.63 0.73 37.82
N ALA F 159 -53.50 0.64 36.82
CA ALA F 159 -54.56 1.64 36.68
C ALA F 159 -55.66 1.39 37.69
N GLY F 160 -55.79 0.13 38.13
CA GLY F 160 -56.77 -0.25 39.13
C GLY F 160 -56.48 0.33 40.49
N ASP F 161 -55.25 0.79 40.69
CA ASP F 161 -54.86 1.43 41.94
C ASP F 161 -55.44 2.83 42.02
N PHE F 162 -56.11 3.24 40.95
CA PHE F 162 -56.83 4.50 40.89
C PHE F 162 -58.25 4.22 40.39
N SER F 163 -58.65 2.96 40.51
CA SER F 163 -59.97 2.49 40.10
C SER F 163 -60.24 2.72 38.61
N LEU F 164 -59.18 2.94 37.83
CA LEU F 164 -59.28 3.10 36.39
C LEU F 164 -59.07 1.77 35.67
N PRO F 165 -59.62 1.63 34.46
CA PRO F 165 -59.50 0.35 33.75
C PRO F 165 -58.08 0.07 33.24
N THR F 166 -57.76 -1.22 33.15
CA THR F 166 -56.48 -1.66 32.60
C THR F 166 -56.73 -2.41 31.30
N PHE F 167 -55.68 -2.62 30.52
CA PHE F 167 -55.77 -3.56 29.40
C PHE F 167 -55.79 -4.98 29.96
N ASP F 168 -56.87 -5.70 29.68
CA ASP F 168 -57.11 -7.02 30.26
C ASP F 168 -56.10 -8.07 29.81
#